data_2FFD
#
_entry.id   2FFD
#
_cell.length_a   89.521
_cell.length_b   94.652
_cell.length_c   227.490
_cell.angle_alpha   90.00
_cell.angle_beta   90.00
_cell.angle_gamma   90.00
#
_symmetry.space_group_name_H-M   'P 21 21 21'
#
loop_
_entity.id
_entity.type
_entity.pdbx_description
1 polymer 'Fibrinogen alpha/alpha-E Chain'
2 polymer 'Fibrinogen beta chain'
3 polymer 'Fibrinogen gamma chain'
4 polymer 'GLY-PRO-ARG-VAL-VAL-GLU peptide'
5 branched 2-acetamido-2-deoxy-beta-D-glucopyranose-(1-4)-[alpha-L-fucopyranose-(1-6)]2-acetamido-2-deoxy-beta-D-glucopyranose
6 non-polymer 'CALCIUM ION'
7 water water
#
loop_
_entity_poly.entity_id
_entity_poly.type
_entity_poly.pdbx_seq_one_letter_code
_entity_poly.pdbx_strand_id
1 'polypeptide(L)' VIEKVQHIQLLQKNVRAQLVDMKRLEVDIDIKIRSCRGSCSRALAREVDLKDYEDQQKQLEQVIAK A,D
2 'polypeptide(L)'
;HQLYIDETVNSNIPTNLRVLRSILENLRSKIQKLESDVSAQMEYCRTPCTVSCNIPVVSGKECEEIIRKGGETSEMYLIQ
PDSSVKPYRVYCDMNTENGGWTVIQNRQDGSVDFGRKWDPYKQGFGNVATNTDGKNYCGLPGEYWLGNDKISQLTRMGPT
ELLIEMEDWKGDKVKAHYGGFTVQNEANKYQISVNKYRGTAGNALMDGASQLMGENRTMTIHNGMFFSTYDRDNDGWLTS
DPRKQCSKEDGGGWWYNRCHAANPNGRYYWGGQYTWDMAKHGTDDGVVWMNWKGSWYSMRKMSMKIRPFFPQQ
;
B,E
3 'polypeptide(L)'
;YEASILTHDSSIRYLQEIYNSNNQKIVNLKEKVAQLEAQCQEPCKDTVQIHDITGKDCQDIANKGAKQSGLYFIKPLKAN
QQFLVYCEIDGSGNGWTVFQKRLDGSVDFKKNWIQYKEGFGHLSPTGTTEFWLGNEKIHLISTQSAIPYALRVELEDWNG
RTSTADYAMFKVGPEADKYRLTYAYFAGGDAGDAFDGFDFGDDPSDKFFTSHNGMQFSTWDNDNDKFEGNCAEQDGSGWW
MNKCHAGHLNGVYYQGGTYSKASTPNGYDNGIIWATWKTRWYSMKKTTMKIIPFNRLTIGEGQQHHLGGAK
;
C,F
4 'polypeptide(L)' GPRVVE G,H,I,J
#
loop_
_chem_comp.id
_chem_comp.type
_chem_comp.name
_chem_comp.formula
CA non-polymer 'CALCIUM ION' 'Ca 2'
FUC L-saccharide, alpha linking alpha-L-fucopyranose 'C6 H12 O5'
NAG D-saccharide, beta linking 2-acetamido-2-deoxy-beta-D-glucopyranose 'C8 H15 N O6'
#
# COMPACT_ATOMS: atom_id res chain seq x y z
N VAL A 1 67.59 -64.86 -54.02
CA VAL A 1 67.53 -66.25 -53.47
C VAL A 1 68.89 -66.67 -52.84
N ILE A 2 69.89 -65.78 -52.92
CA ILE A 2 71.18 -66.00 -52.26
C ILE A 2 71.03 -65.82 -50.74
N GLU A 3 71.95 -66.43 -49.97
CA GLU A 3 71.89 -66.45 -48.50
C GLU A 3 71.63 -65.09 -47.83
N LYS A 4 72.12 -64.01 -48.44
CA LYS A 4 72.04 -62.67 -47.84
C LYS A 4 70.90 -61.80 -48.37
N VAL A 5 70.43 -62.10 -49.58
CA VAL A 5 69.21 -61.48 -50.09
C VAL A 5 68.00 -61.98 -49.27
N GLN A 6 68.11 -63.21 -48.78
CA GLN A 6 67.12 -63.76 -47.84
C GLN A 6 67.13 -62.97 -46.55
N HIS A 7 68.33 -62.65 -46.07
CA HIS A 7 68.50 -61.85 -44.87
C HIS A 7 67.96 -60.42 -45.05
N ILE A 8 68.09 -59.87 -46.26
CA ILE A 8 67.57 -58.53 -46.56
C ILE A 8 66.04 -58.53 -46.72
N GLN A 9 65.49 -59.65 -47.18
CA GLN A 9 64.05 -59.83 -47.37
C GLN A 9 63.29 -59.70 -46.04
N LEU A 10 63.79 -60.40 -45.03
CA LEU A 10 63.15 -60.48 -43.72
C LEU A 10 63.17 -59.14 -43.00
N LEU A 11 64.27 -58.38 -43.14
CA LEU A 11 64.37 -57.04 -42.57
C LEU A 11 63.35 -56.06 -43.16
N GLN A 12 63.16 -56.13 -44.47
CA GLN A 12 62.17 -55.31 -45.17
C GLN A 12 60.75 -55.48 -44.67
N LYS A 13 60.45 -56.69 -44.17
CA LYS A 13 59.14 -56.99 -43.60
C LYS A 13 59.14 -56.89 -42.08
N ASN A 14 60.34 -56.95 -41.49
CA ASN A 14 60.51 -56.70 -40.07
C ASN A 14 60.37 -55.22 -39.73
N VAL A 15 60.77 -54.36 -40.66
CA VAL A 15 60.70 -52.90 -40.45
C VAL A 15 59.36 -52.32 -40.87
N ARG A 16 58.69 -52.95 -41.83
CA ARG A 16 57.32 -52.55 -42.19
C ARG A 16 56.39 -52.91 -41.04
N ALA A 17 56.66 -54.05 -40.40
CA ALA A 17 55.95 -54.45 -39.19
C ALA A 17 56.16 -53.41 -38.08
N GLN A 18 57.40 -52.94 -37.95
CA GLN A 18 57.80 -52.01 -36.91
C GLN A 18 57.31 -50.58 -37.17
N LEU A 19 57.25 -50.18 -38.44
CA LEU A 19 56.74 -48.87 -38.82
C LEU A 19 55.25 -48.70 -38.59
N VAL A 20 54.50 -49.79 -38.72
CA VAL A 20 53.07 -49.79 -38.41
C VAL A 20 52.89 -49.88 -36.89
N ASP A 21 53.75 -50.67 -36.25
CA ASP A 21 53.69 -50.89 -34.81
C ASP A 21 54.04 -49.65 -33.99
N MET A 22 55.04 -48.89 -34.46
CA MET A 22 55.46 -47.67 -33.80
C MET A 22 54.38 -46.63 -33.98
N LYS A 23 54.02 -46.39 -35.24
CA LYS A 23 52.94 -45.49 -35.60
C LYS A 23 51.77 -45.68 -34.64
N ARG A 24 51.48 -46.94 -34.33
CA ARG A 24 50.40 -47.27 -33.42
C ARG A 24 50.74 -46.88 -32.00
N LEU A 25 51.82 -47.45 -31.47
CA LEU A 25 52.28 -47.15 -30.12
C LEU A 25 52.31 -45.64 -29.86
N GLU A 26 52.68 -44.90 -30.90
CA GLU A 26 52.69 -43.44 -30.88
C GLU A 26 51.29 -42.89 -30.58
N VAL A 27 50.30 -43.30 -31.36
CA VAL A 27 48.93 -42.87 -31.13
C VAL A 27 48.44 -43.31 -29.74
N ASP A 28 48.56 -44.60 -29.47
CA ASP A 28 48.23 -45.18 -28.16
C ASP A 28 48.73 -44.32 -26.99
N ILE A 29 50.02 -43.99 -27.01
CA ILE A 29 50.61 -43.21 -25.92
C ILE A 29 50.00 -41.81 -25.81
N ASP A 30 49.67 -41.19 -26.93
CA ASP A 30 49.06 -39.87 -26.93
C ASP A 30 47.68 -39.87 -26.26
N ILE A 31 46.89 -40.89 -26.54
CA ILE A 31 45.57 -41.07 -25.92
C ILE A 31 45.70 -41.41 -24.43
N LYS A 32 46.52 -42.42 -24.12
CA LYS A 32 46.78 -42.84 -22.75
C LYS A 32 47.30 -41.69 -21.89
N ILE A 33 48.22 -40.90 -22.46
CA ILE A 33 48.74 -39.74 -21.74
C ILE A 33 47.63 -38.73 -21.49
N ARG A 34 46.83 -38.43 -22.52
CA ARG A 34 45.74 -37.47 -22.38
C ARG A 34 44.71 -37.93 -21.36
N SER A 35 44.58 -39.25 -21.21
CA SER A 35 43.59 -39.81 -20.31
C SER A 35 44.05 -39.80 -18.85
N CYS A 36 45.21 -39.22 -18.61
CA CYS A 36 45.69 -38.99 -17.25
C CYS A 36 45.39 -37.57 -16.81
N ARG A 37 45.03 -36.72 -17.77
CA ARG A 37 44.62 -35.35 -17.49
C ARG A 37 43.45 -35.34 -16.51
N GLY A 38 42.64 -36.40 -16.57
CA GLY A 38 41.46 -36.52 -15.73
C GLY A 38 41.71 -37.13 -14.37
N SER A 39 42.93 -37.57 -14.10
CA SER A 39 43.23 -38.14 -12.79
C SER A 39 44.52 -37.66 -12.16
N CYS A 40 45.51 -37.37 -13.00
CA CYS A 40 46.82 -36.91 -12.48
C CYS A 40 46.90 -35.38 -12.36
N SER A 41 47.89 -34.93 -11.59
CA SER A 41 48.14 -33.51 -11.34
C SER A 41 48.18 -32.66 -12.60
N ARG A 42 48.79 -33.20 -13.65
CA ARG A 42 48.81 -32.62 -15.00
C ARG A 42 49.03 -33.72 -16.02
N ALA A 43 48.79 -33.39 -17.29
CA ALA A 43 49.09 -34.28 -18.40
C ALA A 43 50.10 -33.59 -19.29
N LEU A 44 51.18 -34.28 -19.60
CA LEU A 44 52.24 -33.75 -20.44
C LEU A 44 51.64 -33.15 -21.72
N ALA A 45 51.96 -31.90 -21.97
CA ALA A 45 51.59 -31.21 -23.19
C ALA A 45 52.41 -31.77 -24.34
N ARG A 46 51.74 -32.38 -25.30
CA ARG A 46 52.44 -33.03 -26.40
C ARG A 46 51.67 -32.98 -27.71
N GLU A 47 52.37 -33.25 -28.79
CA GLU A 47 51.74 -33.37 -30.12
C GLU A 47 52.32 -34.55 -30.87
N VAL A 48 51.44 -35.35 -31.46
CA VAL A 48 51.89 -36.44 -32.32
C VAL A 48 52.28 -35.90 -33.67
N ASP A 49 53.21 -36.59 -34.32
CA ASP A 49 53.60 -36.26 -35.69
C ASP A 49 53.58 -37.51 -36.55
N LEU A 50 52.46 -37.72 -37.23
CA LEU A 50 52.29 -38.90 -38.08
C LEU A 50 53.11 -38.76 -39.36
N LYS A 51 53.21 -37.53 -39.88
CA LYS A 51 53.99 -37.22 -41.08
C LYS A 51 55.33 -37.95 -41.10
N ASP A 52 56.10 -37.84 -40.02
CA ASP A 52 57.39 -38.52 -39.87
C ASP A 52 57.30 -40.03 -40.15
N TYR A 53 56.28 -40.68 -39.58
CA TYR A 53 56.05 -42.10 -39.78
C TYR A 53 55.55 -42.41 -41.19
N GLU A 54 54.69 -41.55 -41.70
CA GLU A 54 54.07 -41.73 -43.02
C GLU A 54 55.05 -41.44 -44.16
N ASP A 55 56.05 -40.60 -43.87
CA ASP A 55 57.10 -40.31 -44.85
C ASP A 55 57.98 -41.53 -45.06
N GLN A 56 58.49 -42.07 -43.96
CA GLN A 56 59.35 -43.25 -43.99
C GLN A 56 58.64 -44.46 -44.59
N GLN A 57 57.33 -44.57 -44.34
CA GLN A 57 56.52 -45.66 -44.87
C GLN A 57 56.45 -45.67 -46.40
N LYS A 58 56.32 -44.49 -47.01
CA LYS A 58 56.38 -44.38 -48.47
C LYS A 58 57.79 -44.66 -48.97
N GLN A 59 58.78 -44.13 -48.24
CA GLN A 59 60.19 -44.27 -48.56
C GLN A 59 60.64 -45.72 -48.54
N LEU A 60 60.14 -46.47 -47.56
CA LEU A 60 60.41 -47.90 -47.43
C LEU A 60 59.90 -48.64 -48.67
N GLU A 61 58.64 -48.39 -49.02
CA GLU A 61 58.00 -49.06 -50.15
C GLU A 61 58.72 -48.84 -51.48
N GLN A 62 59.15 -47.60 -51.73
CA GLN A 62 59.96 -47.28 -52.91
C GLN A 62 61.15 -48.22 -53.04
N VAL A 63 61.83 -48.44 -51.92
CA VAL A 63 63.09 -49.20 -51.87
C VAL A 63 62.86 -50.71 -51.69
N ILE A 64 61.60 -51.12 -51.52
CA ILE A 64 61.23 -52.53 -51.52
C ILE A 64 61.04 -53.03 -52.96
N ALA A 65 60.80 -52.11 -53.89
CA ALA A 65 60.82 -52.42 -55.32
C ALA A 65 62.26 -52.50 -55.85
N VAL B 9 70.91 -53.35 -60.80
CA VAL B 9 71.08 -54.77 -60.38
C VAL B 9 71.70 -54.83 -58.97
N ASN B 10 72.82 -54.15 -58.78
CA ASN B 10 73.56 -54.17 -57.51
C ASN B 10 73.46 -52.88 -56.70
N SER B 11 72.95 -51.82 -57.33
CA SER B 11 72.67 -50.54 -56.65
C SER B 11 71.62 -50.72 -55.55
N ASN B 12 70.77 -51.72 -55.72
CA ASN B 12 69.62 -51.97 -54.85
C ASN B 12 69.96 -52.48 -53.45
N ILE B 13 71.00 -53.31 -53.34
CA ILE B 13 71.41 -53.87 -52.05
C ILE B 13 71.97 -52.81 -51.09
N PRO B 14 72.90 -51.95 -51.57
CA PRO B 14 73.36 -50.86 -50.70
C PRO B 14 72.34 -49.73 -50.55
N THR B 15 71.46 -49.56 -51.55
CA THR B 15 70.42 -48.53 -51.47
C THR B 15 69.42 -48.90 -50.38
N ASN B 16 69.27 -50.20 -50.13
CA ASN B 16 68.49 -50.70 -49.00
C ASN B 16 69.24 -50.45 -47.70
N LEU B 17 70.48 -50.93 -47.63
CA LEU B 17 71.32 -50.76 -46.45
C LEU B 17 71.54 -49.31 -46.06
N ARG B 18 71.21 -48.38 -46.96
CA ARG B 18 71.23 -46.95 -46.65
C ARG B 18 69.93 -46.53 -45.98
N VAL B 19 68.81 -46.89 -46.60
CA VAL B 19 67.48 -46.46 -46.14
C VAL B 19 67.02 -47.23 -44.91
N LEU B 20 67.18 -48.55 -44.93
CA LEU B 20 66.83 -49.38 -43.77
C LEU B 20 67.59 -48.98 -42.50
N ARG B 21 68.86 -48.61 -42.67
CA ARG B 21 69.66 -48.12 -41.55
C ARG B 21 69.05 -46.83 -41.00
N SER B 22 68.66 -45.94 -41.90
CA SER B 22 68.13 -44.62 -41.55
C SER B 22 66.83 -44.70 -40.75
N ILE B 23 65.91 -45.54 -41.22
CA ILE B 23 64.60 -45.70 -40.61
C ILE B 23 64.72 -46.28 -39.22
N LEU B 24 65.52 -47.34 -39.08
CA LEU B 24 65.73 -47.96 -37.79
C LEU B 24 66.32 -46.99 -36.78
N GLU B 25 67.31 -46.20 -37.21
CA GLU B 25 67.91 -45.18 -36.35
C GLU B 25 66.92 -44.07 -36.02
N ASN B 26 66.04 -43.77 -36.97
CA ASN B 26 64.94 -42.84 -36.74
C ASN B 26 64.01 -43.37 -35.65
N LEU B 27 63.61 -44.62 -35.78
CA LEU B 27 62.69 -45.23 -34.82
C LEU B 27 63.32 -45.35 -33.43
N ARG B 28 64.55 -45.85 -33.35
CA ARG B 28 65.26 -45.89 -32.08
C ARG B 28 65.03 -44.58 -31.33
N SER B 29 65.11 -43.47 -32.06
CA SER B 29 64.92 -42.14 -31.49
C SER B 29 63.48 -41.93 -31.05
N LYS B 30 62.54 -42.32 -31.90
CA LYS B 30 61.10 -42.21 -31.60
C LYS B 30 60.76 -42.94 -30.31
N ILE B 31 61.36 -44.12 -30.13
CA ILE B 31 61.25 -44.91 -28.90
C ILE B 31 61.74 -44.10 -27.70
N GLN B 32 62.85 -43.39 -27.87
CA GLN B 32 63.42 -42.58 -26.81
C GLN B 32 62.53 -41.39 -26.42
N LYS B 33 61.93 -40.74 -27.43
CA LYS B 33 60.97 -39.67 -27.19
C LYS B 33 59.77 -40.21 -26.40
N LEU B 34 59.39 -41.44 -26.69
CA LEU B 34 58.25 -42.07 -26.04
C LEU B 34 58.58 -42.56 -24.63
N GLU B 35 59.73 -43.21 -24.45
CA GLU B 35 60.19 -43.56 -23.09
C GLU B 35 60.25 -42.32 -22.19
N SER B 36 60.69 -41.19 -22.76
CA SER B 36 60.79 -39.93 -22.02
C SER B 36 59.43 -39.53 -21.47
N ASP B 37 58.46 -39.40 -22.38
CA ASP B 37 57.12 -38.92 -22.07
C ASP B 37 56.36 -39.75 -21.03
N VAL B 38 56.47 -41.07 -21.14
CA VAL B 38 55.83 -41.97 -20.19
C VAL B 38 56.48 -41.84 -18.82
N SER B 39 57.81 -41.71 -18.79
CA SER B 39 58.52 -41.37 -17.55
C SER B 39 57.89 -40.15 -16.86
N ALA B 40 57.68 -39.10 -17.66
CA ALA B 40 57.14 -37.83 -17.18
C ALA B 40 55.72 -37.97 -16.65
N GLN B 41 54.86 -38.62 -17.42
CA GLN B 41 53.46 -38.78 -17.01
C GLN B 41 53.32 -39.52 -15.69
N MET B 42 54.15 -40.54 -15.51
CA MET B 42 54.18 -41.31 -14.27
C MET B 42 54.52 -40.44 -13.07
N GLU B 43 55.40 -39.46 -13.28
CA GLU B 43 55.83 -38.58 -12.20
C GLU B 43 54.71 -37.66 -11.75
N TYR B 44 54.02 -37.08 -12.73
CA TYR B 44 52.87 -36.24 -12.46
C TYR B 44 51.78 -37.05 -11.80
N CYS B 45 51.68 -38.34 -12.15
CA CYS B 45 50.66 -39.22 -11.57
C CYS B 45 50.91 -39.65 -10.11
N ARG B 46 52.03 -39.21 -9.53
CA ARG B 46 52.26 -39.41 -8.09
C ARG B 46 51.36 -38.52 -7.25
N THR B 47 50.67 -37.59 -7.88
CA THR B 47 49.73 -36.74 -7.17
C THR B 47 48.51 -36.54 -8.07
N PRO B 48 47.30 -36.50 -7.46
CA PRO B 48 46.04 -36.42 -8.21
C PRO B 48 45.69 -35.02 -8.71
N CYS B 49 44.72 -34.94 -9.63
CA CYS B 49 44.04 -33.67 -9.90
C CYS B 49 43.01 -33.46 -8.79
N THR B 50 42.56 -32.22 -8.62
CA THR B 50 41.61 -31.93 -7.55
C THR B 50 40.42 -31.11 -8.07
N VAL B 51 39.31 -31.16 -7.35
CA VAL B 51 38.19 -30.23 -7.56
C VAL B 51 37.61 -29.84 -6.22
N SER B 52 36.74 -28.83 -6.23
CA SER B 52 35.99 -28.43 -5.04
C SER B 52 34.57 -28.04 -5.43
N CYS B 53 33.67 -29.02 -5.43
CA CYS B 53 32.30 -28.77 -5.86
C CYS B 53 31.34 -28.63 -4.70
N ASN B 54 31.13 -27.39 -4.28
CA ASN B 54 30.10 -27.10 -3.31
C ASN B 54 28.77 -27.57 -3.86
N ILE B 55 28.06 -28.36 -3.06
CA ILE B 55 26.79 -28.96 -3.46
C ILE B 55 25.64 -27.93 -3.44
N PRO B 56 24.90 -27.79 -4.56
CA PRO B 56 23.72 -26.91 -4.56
C PRO B 56 22.70 -27.36 -3.53
N VAL B 57 22.04 -26.41 -2.87
CA VAL B 57 20.99 -26.73 -1.89
C VAL B 57 19.88 -27.58 -2.52
N VAL B 58 19.37 -27.13 -3.66
CA VAL B 58 18.26 -27.82 -4.32
C VAL B 58 18.63 -29.23 -4.84
N SER B 59 17.92 -30.24 -4.35
CA SER B 59 18.11 -31.62 -4.78
C SER B 59 16.79 -32.19 -5.30
N GLY B 60 16.84 -33.39 -5.84
CA GLY B 60 15.61 -34.03 -6.34
C GLY B 60 15.82 -35.46 -6.76
N LYS B 61 14.76 -36.07 -7.30
CA LYS B 61 14.84 -37.44 -7.80
C LYS B 61 15.79 -37.56 -8.98
N GLU B 62 15.71 -36.57 -9.88
CA GLU B 62 16.60 -36.41 -11.02
C GLU B 62 16.47 -35.00 -11.59
N CYS B 63 17.31 -34.65 -12.54
CA CYS B 63 17.41 -33.30 -13.08
C CYS B 63 16.10 -32.60 -13.49
N GLU B 64 15.09 -33.37 -13.90
CA GLU B 64 13.79 -32.78 -14.22
C GLU B 64 13.04 -32.32 -12.96
N GLU B 65 13.03 -33.14 -11.90
CA GLU B 65 12.43 -32.68 -10.65
C GLU B 65 13.11 -31.37 -10.22
N ILE B 66 14.45 -31.36 -10.30
CA ILE B 66 15.24 -30.19 -9.94
C ILE B 66 14.90 -28.93 -10.76
N ILE B 67 14.86 -29.05 -12.09
CA ILE B 67 14.49 -27.90 -12.93
C ILE B 67 13.11 -27.31 -12.52
N ARG B 68 12.15 -28.19 -12.26
CA ARG B 68 10.82 -27.78 -11.82
C ARG B 68 10.80 -27.23 -10.39
N LYS B 69 11.82 -27.61 -9.61
CA LYS B 69 12.00 -27.11 -8.24
C LYS B 69 12.80 -25.79 -8.20
N GLY B 70 13.20 -25.32 -9.38
CA GLY B 70 13.76 -23.97 -9.52
C GLY B 70 15.26 -23.88 -9.72
N GLY B 71 15.88 -25.00 -10.06
CA GLY B 71 17.32 -25.03 -10.31
C GLY B 71 17.59 -24.76 -11.77
N GLU B 72 17.91 -23.51 -12.09
CA GLU B 72 17.96 -23.09 -13.49
C GLU B 72 19.35 -23.07 -14.15
N THR B 73 20.40 -23.23 -13.37
CA THR B 73 21.74 -23.18 -13.95
C THR B 73 22.31 -24.58 -14.18
N SER B 74 23.11 -24.72 -15.24
CA SER B 74 23.75 -25.99 -15.55
C SER B 74 25.02 -26.23 -14.73
N GLU B 75 24.89 -27.09 -13.71
CA GLU B 75 26.02 -27.47 -12.87
C GLU B 75 25.86 -28.89 -12.34
N MET B 76 26.72 -29.26 -11.40
CA MET B 76 26.57 -30.53 -10.72
C MET B 76 25.51 -30.36 -9.66
N TYR B 77 24.62 -31.34 -9.58
CA TYR B 77 23.62 -31.40 -8.52
C TYR B 77 23.69 -32.76 -7.86
N LEU B 78 23.15 -32.83 -6.65
CA LEU B 78 23.00 -34.09 -5.94
C LEU B 78 21.58 -34.62 -6.14
N ILE B 79 21.43 -35.73 -6.86
CA ILE B 79 20.11 -36.35 -7.02
C ILE B 79 19.95 -37.59 -6.16
N GLN B 80 18.71 -37.95 -5.88
CA GLN B 80 18.39 -39.19 -5.21
C GLN B 80 17.14 -39.81 -5.85
N PRO B 81 17.34 -40.72 -6.82
CA PRO B 81 16.23 -41.32 -7.56
C PRO B 81 15.33 -42.15 -6.65
N ASP B 82 15.92 -42.82 -5.66
CA ASP B 82 15.11 -43.51 -4.68
C ASP B 82 15.72 -43.56 -3.28
N SER B 83 14.84 -43.53 -2.26
CA SER B 83 15.22 -43.60 -0.84
C SER B 83 16.06 -44.81 -0.46
N SER B 84 15.87 -45.92 -1.16
CA SER B 84 16.64 -47.14 -0.94
C SER B 84 18.13 -46.86 -1.15
N VAL B 85 18.45 -46.24 -2.30
CA VAL B 85 19.81 -45.86 -2.63
C VAL B 85 20.19 -44.49 -2.08
N LYS B 86 21.45 -44.33 -1.69
CA LYS B 86 21.95 -43.04 -1.19
C LYS B 86 22.15 -42.07 -2.37
N PRO B 87 21.98 -40.75 -2.11
CA PRO B 87 22.14 -39.68 -3.10
C PRO B 87 23.51 -39.69 -3.78
N TYR B 88 23.55 -39.22 -5.02
CA TYR B 88 24.81 -39.11 -5.75
C TYR B 88 24.90 -37.91 -6.69
N ARG B 89 26.15 -37.58 -7.04
CA ARG B 89 26.45 -36.44 -7.91
C ARG B 89 26.24 -36.78 -9.38
N VAL B 90 25.55 -35.88 -10.06
CA VAL B 90 25.33 -35.97 -11.47
C VAL B 90 25.43 -34.56 -12.00
N TYR B 91 25.68 -34.41 -13.30
CA TYR B 91 25.66 -33.10 -13.91
C TYR B 91 24.34 -32.91 -14.63
N CYS B 92 23.55 -31.93 -14.18
CA CYS B 92 22.31 -31.58 -14.87
C CYS B 92 22.58 -30.53 -15.94
N ASP B 93 21.97 -30.75 -17.09
CA ASP B 93 21.95 -29.78 -18.17
C ASP B 93 20.61 -29.06 -18.14
N MET B 94 20.62 -27.80 -17.72
CA MET B 94 19.38 -27.02 -17.61
C MET B 94 19.07 -26.12 -18.82
N ASN B 95 20.02 -25.99 -19.75
CA ASN B 95 19.83 -25.09 -20.88
C ASN B 95 19.31 -25.74 -22.17
N THR B 96 19.79 -26.95 -22.47
CA THR B 96 19.44 -27.61 -23.73
C THR B 96 18.00 -28.14 -23.73
N GLU B 97 17.24 -27.74 -24.76
CA GLU B 97 15.85 -28.16 -24.96
C GLU B 97 15.03 -28.22 -23.67
N ASN B 98 14.79 -27.05 -23.08
CA ASN B 98 13.97 -26.89 -21.87
C ASN B 98 14.54 -27.57 -20.64
N GLY B 99 15.79 -28.02 -20.76
CA GLY B 99 16.56 -28.54 -19.63
C GLY B 99 15.97 -29.73 -18.91
N GLY B 100 16.45 -29.96 -17.69
CA GLY B 100 16.04 -31.11 -16.87
C GLY B 100 16.70 -32.38 -17.35
N TRP B 101 17.81 -32.23 -18.08
CA TRP B 101 18.54 -33.33 -18.69
C TRP B 101 19.61 -33.89 -17.78
N THR B 102 19.51 -35.18 -17.47
CA THR B 102 20.51 -35.85 -16.62
C THR B 102 21.58 -36.51 -17.48
N VAL B 103 22.80 -36.00 -17.41
CA VAL B 103 23.91 -36.53 -18.20
C VAL B 103 24.35 -37.89 -17.65
N ILE B 104 24.30 -38.90 -18.51
CA ILE B 104 24.75 -40.24 -18.13
C ILE B 104 26.09 -40.60 -18.75
N GLN B 105 26.45 -39.92 -19.82
CA GLN B 105 27.73 -40.14 -20.49
C GLN B 105 28.20 -38.81 -21.06
N ASN B 106 29.50 -38.54 -21.01
CA ASN B 106 30.03 -37.29 -21.57
C ASN B 106 31.48 -37.40 -22.06
N ARG B 107 31.72 -36.82 -23.24
CA ARG B 107 33.04 -36.76 -23.89
C ARG B 107 33.26 -35.35 -24.47
N GLN B 108 34.46 -34.81 -24.28
CA GLN B 108 34.77 -33.43 -24.70
C GLN B 108 36.26 -33.19 -24.94
N ASP B 109 37.09 -33.89 -24.18
CA ASP B 109 38.55 -33.92 -24.33
C ASP B 109 38.91 -35.38 -24.17
N GLY B 110 40.17 -35.72 -23.93
CA GLY B 110 40.48 -37.14 -23.72
C GLY B 110 40.87 -37.44 -22.29
N SER B 111 40.25 -36.74 -21.34
CA SER B 111 40.75 -36.78 -19.96
C SER B 111 40.55 -38.09 -19.21
N VAL B 112 39.53 -38.86 -19.58
CA VAL B 112 39.21 -40.09 -18.84
C VAL B 112 39.30 -41.33 -19.74
N ASP B 113 39.96 -42.38 -19.23
CA ASP B 113 40.00 -43.69 -19.87
C ASP B 113 38.59 -44.30 -19.91
N PHE B 114 38.20 -44.85 -21.06
CA PHE B 114 36.91 -45.56 -21.18
C PHE B 114 37.06 -47.05 -21.46
N GLY B 115 38.31 -47.50 -21.67
CA GLY B 115 38.61 -48.92 -21.81
C GLY B 115 38.67 -49.58 -20.44
N ARG B 116 37.52 -49.67 -19.79
CA ARG B 116 37.45 -50.21 -18.44
C ARG B 116 36.69 -51.53 -18.36
N LYS B 117 36.99 -52.28 -17.31
CA LYS B 117 36.36 -53.57 -17.06
C LYS B 117 34.86 -53.43 -16.73
N TRP B 118 34.23 -54.55 -16.39
CA TRP B 118 32.81 -54.63 -16.08
C TRP B 118 32.45 -53.83 -14.82
N ASP B 119 33.15 -54.10 -13.73
CA ASP B 119 32.84 -53.49 -12.43
C ASP B 119 32.86 -51.95 -12.49
N PRO B 120 33.94 -51.34 -13.01
CA PRO B 120 33.93 -49.89 -13.18
C PRO B 120 32.79 -49.35 -14.06
N TYR B 121 32.35 -50.14 -15.05
CA TYR B 121 31.24 -49.71 -15.88
C TYR B 121 29.90 -49.78 -15.15
N LYS B 122 29.83 -50.73 -14.21
CA LYS B 122 28.66 -50.93 -13.37
C LYS B 122 28.59 -49.78 -12.35
N GLN B 123 29.71 -49.49 -11.70
CA GLN B 123 29.78 -48.49 -10.64
C GLN B 123 29.75 -47.04 -11.13
N GLY B 124 30.27 -46.82 -12.33
CA GLY B 124 30.47 -45.47 -12.86
C GLY B 124 31.92 -45.03 -12.66
N PHE B 125 32.41 -44.17 -13.57
CA PHE B 125 33.80 -43.71 -13.48
C PHE B 125 33.96 -42.35 -14.13
N GLY B 126 35.07 -41.68 -13.82
CA GLY B 126 35.38 -40.37 -14.36
C GLY B 126 35.04 -39.24 -13.40
N ASN B 127 35.04 -38.02 -13.92
CA ASN B 127 34.71 -36.83 -13.16
C ASN B 127 33.35 -36.33 -13.59
N VAL B 128 32.47 -36.13 -12.62
CA VAL B 128 31.13 -35.67 -12.91
C VAL B 128 31.17 -34.19 -13.31
N ALA B 129 32.02 -33.41 -12.64
CA ALA B 129 32.11 -31.96 -12.87
C ALA B 129 33.44 -31.34 -12.37
N THR B 130 33.90 -30.29 -13.06
CA THR B 130 35.07 -29.50 -12.64
C THR B 130 34.73 -28.05 -12.36
N ASN B 131 35.62 -27.35 -11.64
CA ASN B 131 35.40 -25.97 -11.24
C ASN B 131 35.42 -25.04 -12.42
N THR B 132 34.46 -24.10 -12.47
CA THR B 132 34.31 -23.17 -13.60
C THR B 132 35.38 -22.09 -13.71
N ASP B 133 36.27 -22.03 -12.71
CA ASP B 133 37.38 -21.08 -12.72
C ASP B 133 36.90 -19.73 -12.17
N GLY B 134 37.53 -19.30 -11.08
CA GLY B 134 37.10 -18.10 -10.36
C GLY B 134 35.83 -18.33 -9.55
N LYS B 135 35.44 -19.60 -9.35
CA LYS B 135 34.17 -19.97 -8.68
C LYS B 135 34.29 -21.20 -7.76
N ASN B 136 33.45 -21.24 -6.73
CA ASN B 136 33.47 -22.31 -5.73
C ASN B 136 32.59 -23.54 -6.06
N TYR B 137 31.71 -23.39 -7.05
CA TYR B 137 30.86 -24.50 -7.53
C TYR B 137 31.34 -25.05 -8.86
N CYS B 138 31.02 -26.32 -9.14
CA CYS B 138 31.46 -26.96 -10.38
C CYS B 138 30.39 -26.89 -11.46
N GLY B 139 30.49 -25.88 -12.33
CA GLY B 139 29.47 -25.64 -13.34
C GLY B 139 29.82 -26.15 -14.73
N LEU B 140 30.96 -26.82 -14.84
CA LEU B 140 31.35 -27.48 -16.08
C LEU B 140 31.31 -28.99 -15.87
N PRO B 141 30.93 -29.75 -16.90
CA PRO B 141 30.89 -31.20 -16.71
C PRO B 141 32.25 -31.85 -16.97
N GLY B 142 32.53 -32.94 -16.25
CA GLY B 142 33.72 -33.73 -16.56
C GLY B 142 33.39 -34.78 -17.61
N GLU B 143 34.37 -35.60 -17.96
CA GLU B 143 34.10 -36.78 -18.77
C GLU B 143 33.71 -37.87 -17.78
N TYR B 144 32.51 -38.42 -17.95
CA TYR B 144 32.11 -39.52 -17.10
C TYR B 144 31.14 -40.50 -17.72
N TRP B 145 31.18 -41.73 -17.23
CA TRP B 145 30.10 -42.69 -17.37
C TRP B 145 29.44 -42.79 -16.00
N LEU B 146 28.14 -42.49 -15.95
CA LEU B 146 27.37 -42.50 -14.70
C LEU B 146 27.42 -43.83 -13.94
N GLY B 147 27.36 -44.93 -14.69
CA GLY B 147 27.31 -46.27 -14.11
C GLY B 147 26.02 -46.99 -14.46
N ASN B 148 26.15 -48.25 -14.87
CA ASN B 148 25.00 -49.03 -15.34
C ASN B 148 23.88 -49.17 -14.30
N ASP B 149 24.24 -49.64 -13.10
CA ASP B 149 23.29 -49.76 -11.99
C ASP B 149 22.42 -48.51 -11.86
N LYS B 150 23.08 -47.35 -11.87
CA LYS B 150 22.39 -46.08 -11.77
C LYS B 150 21.56 -45.76 -13.02
N ILE B 151 22.13 -46.00 -14.21
CA ILE B 151 21.44 -45.73 -15.48
C ILE B 151 20.20 -46.61 -15.60
N SER B 152 20.35 -47.88 -15.26
CA SER B 152 19.24 -48.81 -15.31
C SER B 152 18.10 -48.30 -14.43
N GLN B 153 18.40 -48.08 -13.16
CA GLN B 153 17.39 -47.67 -12.20
C GLN B 153 16.67 -46.40 -12.65
N LEU B 154 17.39 -45.48 -13.27
CA LEU B 154 16.80 -44.21 -13.69
C LEU B 154 15.72 -44.38 -14.77
N THR B 155 15.97 -45.26 -15.74
CA THR B 155 15.09 -45.47 -16.88
C THR B 155 13.84 -46.28 -16.54
N ARG B 156 13.96 -47.17 -15.56
CA ARG B 156 12.85 -48.02 -15.11
C ARG B 156 11.98 -47.35 -14.05
N MET B 157 12.25 -46.07 -13.77
CA MET B 157 11.42 -45.28 -12.89
C MET B 157 10.16 -44.83 -13.61
N GLY B 158 10.22 -44.84 -14.95
CA GLY B 158 9.11 -44.44 -15.81
C GLY B 158 9.61 -44.12 -17.21
N PRO B 159 8.69 -43.84 -18.15
CA PRO B 159 9.07 -43.49 -19.51
C PRO B 159 10.22 -42.47 -19.52
N THR B 160 11.35 -42.90 -20.07
CA THR B 160 12.56 -42.10 -20.09
C THR B 160 13.01 -41.91 -21.54
N GLU B 161 13.30 -40.67 -21.92
CA GLU B 161 13.78 -40.36 -23.27
C GLU B 161 15.29 -40.14 -23.24
N LEU B 162 15.94 -40.36 -24.38
CA LEU B 162 17.39 -40.23 -24.48
C LEU B 162 17.76 -39.18 -25.50
N LEU B 163 18.73 -38.33 -25.14
CA LEU B 163 19.25 -37.32 -26.06
C LEU B 163 20.75 -37.46 -26.24
N ILE B 164 21.14 -37.92 -27.42
CA ILE B 164 22.55 -38.02 -27.74
C ILE B 164 22.95 -36.81 -28.58
N GLU B 165 23.99 -36.10 -28.11
CA GLU B 165 24.54 -34.94 -28.81
C GLU B 165 26.00 -35.18 -29.18
N MET B 166 26.46 -34.48 -30.22
CA MET B 166 27.83 -34.65 -30.69
C MET B 166 28.32 -33.48 -31.54
N GLU B 167 29.63 -33.31 -31.58
CA GLU B 167 30.25 -32.19 -32.31
C GLU B 167 31.53 -32.66 -33.01
N ASP B 168 31.68 -32.28 -34.27
CA ASP B 168 32.93 -32.56 -35.00
C ASP B 168 33.99 -31.52 -34.69
N TRP B 169 35.21 -31.79 -35.16
CA TRP B 169 36.36 -30.96 -34.87
C TRP B 169 36.35 -29.58 -35.55
N LYS B 170 35.33 -29.33 -36.37
CA LYS B 170 35.16 -28.05 -37.04
C LYS B 170 33.96 -27.27 -36.50
N GLY B 171 33.33 -27.79 -35.46
CA GLY B 171 32.30 -27.03 -34.75
C GLY B 171 30.86 -27.36 -35.07
N ASP B 172 30.63 -28.08 -36.18
CA ASP B 172 29.28 -28.50 -36.56
C ASP B 172 28.77 -29.53 -35.55
N LYS B 173 27.50 -29.40 -35.19
CA LYS B 173 26.91 -30.36 -34.24
C LYS B 173 25.57 -30.92 -34.67
N VAL B 174 25.34 -32.20 -34.38
CA VAL B 174 24.07 -32.90 -34.65
C VAL B 174 23.59 -33.68 -33.43
N LYS B 175 22.36 -34.20 -33.50
CA LYS B 175 21.74 -34.90 -32.38
C LYS B 175 20.92 -36.11 -32.79
N ALA B 176 20.83 -37.10 -31.91
CA ALA B 176 20.07 -38.33 -32.14
C ALA B 176 19.11 -38.61 -30.98
N HIS B 177 17.92 -38.02 -31.06
CA HIS B 177 16.90 -38.13 -30.04
C HIS B 177 16.26 -39.52 -30.02
N TYR B 178 15.86 -39.98 -28.84
CA TYR B 178 15.08 -41.22 -28.71
C TYR B 178 13.96 -41.08 -27.68
N GLY B 179 12.73 -41.29 -28.12
CA GLY B 179 11.54 -41.09 -27.27
C GLY B 179 11.41 -42.06 -26.10
N GLY B 180 11.76 -43.32 -26.31
CA GLY B 180 11.82 -44.29 -25.23
C GLY B 180 13.21 -44.86 -25.08
N PHE B 181 13.68 -45.01 -23.84
CA PHE B 181 15.01 -45.56 -23.57
C PHE B 181 15.00 -46.33 -22.25
N THR B 182 15.46 -47.57 -22.30
CA THR B 182 15.46 -48.46 -21.13
C THR B 182 16.72 -49.32 -21.08
N VAL B 183 17.24 -49.48 -19.88
CA VAL B 183 18.36 -50.38 -19.64
C VAL B 183 18.01 -51.26 -18.45
N GLN B 184 17.96 -52.56 -18.69
CA GLN B 184 17.66 -53.52 -17.63
C GLN B 184 18.83 -53.69 -16.64
N ASN B 185 18.61 -54.45 -15.58
CA ASN B 185 19.62 -54.59 -14.52
C ASN B 185 20.74 -55.55 -14.89
N GLU B 186 21.66 -55.75 -13.94
CA GLU B 186 22.86 -56.56 -14.15
C GLU B 186 22.55 -58.02 -14.49
N ALA B 187 21.52 -58.57 -13.85
CA ALA B 187 21.09 -59.95 -14.09
C ALA B 187 20.60 -60.15 -15.52
N ASN B 188 20.34 -59.04 -16.20
CA ASN B 188 19.88 -59.05 -17.58
C ASN B 188 20.91 -58.43 -18.49
N LYS B 189 22.16 -58.42 -18.01
CA LYS B 189 23.32 -57.99 -18.79
C LYS B 189 23.12 -56.55 -19.33
N TYR B 190 22.46 -55.73 -18.50
CA TYR B 190 22.09 -54.35 -18.81
C TYR B 190 21.52 -54.16 -20.22
N GLN B 191 20.67 -55.08 -20.65
CA GLN B 191 20.05 -55.01 -21.97
C GLN B 191 19.47 -53.63 -22.27
N ILE B 192 19.79 -53.09 -23.45
CA ILE B 192 19.28 -51.79 -23.87
C ILE B 192 18.03 -51.96 -24.75
N SER B 193 17.18 -50.94 -24.75
CA SER B 193 16.05 -50.88 -25.66
C SER B 193 15.69 -49.43 -25.94
N VAL B 194 15.62 -49.06 -27.22
CA VAL B 194 15.22 -47.71 -27.62
C VAL B 194 14.11 -47.74 -28.67
N ASN B 195 13.35 -46.66 -28.74
CA ASN B 195 12.35 -46.46 -29.79
C ASN B 195 12.09 -44.98 -30.05
N LYS B 196 11.22 -44.70 -31.03
CA LYS B 196 10.77 -43.34 -31.36
C LYS B 196 11.92 -42.37 -31.64
N TYR B 197 12.61 -42.60 -32.76
CA TYR B 197 13.73 -41.77 -33.18
C TYR B 197 13.29 -40.50 -33.92
N ARG B 198 13.95 -39.39 -33.60
CA ARG B 198 14.02 -38.21 -34.46
C ARG B 198 15.43 -37.62 -34.33
N GLY B 199 15.78 -36.61 -35.15
CA GLY B 199 17.07 -35.92 -35.04
C GLY B 199 17.87 -35.85 -36.33
N THR B 200 19.00 -35.15 -36.27
CA THR B 200 19.85 -34.88 -37.44
C THR B 200 21.02 -35.84 -37.62
N ALA B 201 21.37 -36.59 -36.58
CA ALA B 201 22.58 -37.43 -36.59
C ALA B 201 22.47 -38.73 -37.39
N GLY B 202 21.27 -39.29 -37.47
CA GLY B 202 21.08 -40.58 -38.13
C GLY B 202 20.87 -41.68 -37.12
N ASN B 203 19.82 -42.47 -37.32
CA ASN B 203 19.39 -43.47 -36.35
C ASN B 203 20.30 -44.70 -36.24
N ALA B 204 21.52 -44.50 -35.75
CA ALA B 204 22.51 -45.57 -35.64
C ALA B 204 22.09 -46.73 -34.73
N LEU B 205 21.29 -46.42 -33.71
CA LEU B 205 20.98 -47.38 -32.66
C LEU B 205 19.92 -48.41 -33.06
N MET B 206 18.90 -47.95 -33.75
CA MET B 206 17.79 -48.82 -34.17
C MET B 206 18.07 -49.48 -35.52
N ASP B 207 18.53 -48.67 -36.48
CA ASP B 207 18.66 -49.10 -37.88
C ASP B 207 20.00 -49.72 -38.28
N GLY B 208 21.06 -49.36 -37.55
CA GLY B 208 22.42 -49.74 -37.91
C GLY B 208 23.06 -48.67 -38.78
N ALA B 209 24.28 -48.95 -39.24
CA ALA B 209 25.07 -48.00 -40.02
C ALA B 209 24.45 -47.71 -41.39
N SER B 210 24.05 -46.46 -41.57
CA SER B 210 23.32 -45.99 -42.74
C SER B 210 23.95 -46.36 -44.08
N GLN B 211 25.24 -46.66 -44.06
CA GLN B 211 26.03 -46.86 -45.27
C GLN B 211 26.25 -48.33 -45.63
N LEU B 212 26.02 -49.23 -44.67
CA LEU B 212 26.15 -50.66 -44.94
C LEU B 212 24.86 -51.22 -45.54
N MET B 213 24.89 -52.50 -45.91
CA MET B 213 23.81 -53.12 -46.69
C MET B 213 23.32 -54.47 -46.15
N GLY B 214 21.99 -54.63 -46.09
CA GLY B 214 21.36 -55.91 -45.71
C GLY B 214 21.82 -56.50 -44.40
N GLU B 215 22.38 -57.72 -44.46
CA GLU B 215 22.84 -58.42 -43.27
C GLU B 215 24.05 -57.75 -42.60
N ASN B 216 24.86 -57.07 -43.41
CA ASN B 216 26.01 -56.29 -42.93
C ASN B 216 25.54 -55.14 -42.01
N ARG B 217 24.54 -54.38 -42.47
CA ARG B 217 23.95 -53.27 -41.70
C ARG B 217 23.27 -53.75 -40.43
N THR B 218 22.60 -54.89 -40.53
CA THR B 218 21.81 -55.44 -39.44
C THR B 218 22.67 -55.83 -38.25
N MET B 219 23.87 -56.34 -38.51
CA MET B 219 24.76 -56.74 -37.42
C MET B 219 25.38 -55.53 -36.68
N THR B 220 24.92 -54.33 -37.00
CA THR B 220 25.38 -53.12 -36.31
C THR B 220 24.26 -52.41 -35.56
N ILE B 221 23.12 -53.08 -35.42
CA ILE B 221 22.00 -52.56 -34.64
C ILE B 221 22.27 -52.76 -33.17
N HIS B 222 22.12 -51.70 -32.38
CA HIS B 222 22.36 -51.77 -30.93
C HIS B 222 21.10 -52.10 -30.15
N ASN B 223 19.97 -51.58 -30.61
CA ASN B 223 18.68 -51.92 -30.02
C ASN B 223 18.57 -53.40 -29.68
N GLY B 224 18.30 -53.70 -28.41
CA GLY B 224 18.13 -55.08 -27.97
C GLY B 224 19.42 -55.73 -27.52
N MET B 225 20.55 -55.08 -27.78
CA MET B 225 21.86 -55.64 -27.43
C MET B 225 22.13 -55.73 -25.93
N PHE B 226 23.09 -56.59 -25.58
CA PHE B 226 23.56 -56.69 -24.20
C PHE B 226 24.84 -55.87 -24.05
N PHE B 227 25.06 -55.38 -22.83
CA PHE B 227 26.24 -54.58 -22.52
C PHE B 227 27.46 -55.48 -22.33
N SER B 228 28.55 -55.17 -23.05
CA SER B 228 29.79 -55.92 -22.91
C SER B 228 30.97 -54.99 -22.64
N THR B 229 31.96 -55.52 -21.92
CA THR B 229 33.21 -54.84 -21.60
C THR B 229 34.37 -55.81 -21.82
N TYR B 230 35.59 -55.29 -22.00
CA TYR B 230 36.70 -56.13 -22.41
C TYR B 230 36.85 -57.42 -21.59
N ASP B 231 36.33 -57.42 -20.36
CA ASP B 231 36.39 -58.62 -19.51
C ASP B 231 35.06 -59.34 -19.32
N ARG B 232 34.11 -59.10 -20.22
CA ARG B 232 32.80 -59.73 -20.18
C ARG B 232 32.10 -59.65 -21.53
N ASP B 233 32.13 -60.78 -22.25
CA ASP B 233 31.67 -60.87 -23.65
C ASP B 233 30.16 -61.08 -23.79
N ASN B 234 29.47 -60.05 -24.26
CA ASN B 234 28.02 -60.12 -24.45
C ASN B 234 27.58 -59.54 -25.80
N ASP B 235 28.48 -59.59 -26.77
CA ASP B 235 28.18 -59.09 -28.11
C ASP B 235 27.52 -60.15 -29.00
N GLY B 236 26.91 -59.70 -30.09
CA GLY B 236 26.35 -60.61 -31.10
C GLY B 236 27.41 -61.09 -32.08
N TRP B 237 28.56 -61.49 -31.54
CA TRP B 237 29.70 -61.95 -32.35
C TRP B 237 30.19 -63.26 -31.75
N LEU B 238 29.69 -64.37 -32.29
CA LEU B 238 29.87 -65.71 -31.73
C LEU B 238 31.11 -66.41 -32.28
N THR B 239 32.20 -66.36 -31.52
CA THR B 239 33.47 -66.97 -31.94
C THR B 239 34.17 -67.71 -30.78
N SER B 240 35.18 -68.52 -31.12
CA SER B 240 35.92 -69.30 -30.14
C SER B 240 37.20 -68.59 -29.71
N ASP B 241 37.55 -67.55 -30.45
CA ASP B 241 38.84 -66.87 -30.34
C ASP B 241 38.84 -65.69 -29.35
N PRO B 242 39.57 -65.84 -28.22
CA PRO B 242 39.59 -64.82 -27.16
C PRO B 242 39.76 -63.37 -27.65
N ARG B 243 40.64 -63.14 -28.62
CA ARG B 243 40.94 -61.79 -29.09
C ARG B 243 39.85 -61.22 -30.00
N LYS B 244 38.85 -62.04 -30.31
CA LYS B 244 37.78 -61.62 -31.22
C LYS B 244 36.50 -61.20 -30.50
N GLN B 245 36.63 -60.16 -29.66
CA GLN B 245 35.52 -59.59 -28.91
C GLN B 245 35.49 -58.08 -29.14
N CYS B 246 34.31 -57.54 -29.42
CA CYS B 246 34.13 -56.12 -29.77
C CYS B 246 34.69 -55.14 -28.74
N SER B 247 34.49 -55.43 -27.46
CA SER B 247 34.97 -54.53 -26.40
C SER B 247 36.47 -54.60 -26.22
N LYS B 248 37.07 -55.73 -26.58
CA LYS B 248 38.53 -55.83 -26.68
C LYS B 248 39.03 -55.02 -27.87
N GLU B 249 38.30 -55.08 -28.99
CA GLU B 249 38.75 -54.47 -30.24
C GLU B 249 38.37 -53.00 -30.42
N ASP B 250 37.14 -52.64 -30.05
CA ASP B 250 36.65 -51.25 -30.20
C ASP B 250 36.89 -50.35 -28.98
N GLY B 251 37.50 -50.92 -27.94
CA GLY B 251 38.02 -50.17 -26.79
C GLY B 251 36.99 -49.55 -25.88
N GLY B 252 36.64 -50.25 -24.80
CA GLY B 252 35.68 -49.72 -23.86
C GLY B 252 34.28 -50.28 -24.03
N GLY B 253 33.49 -50.16 -22.97
CA GLY B 253 32.21 -50.85 -22.80
C GLY B 253 31.03 -50.18 -23.46
N TRP B 254 30.16 -51.02 -24.01
CA TRP B 254 29.05 -50.56 -24.82
C TRP B 254 28.07 -51.71 -25.04
N TRP B 255 26.91 -51.37 -25.60
CA TRP B 255 25.92 -52.36 -26.02
C TRP B 255 26.28 -52.82 -27.44
N TYR B 256 27.40 -53.53 -27.55
CA TYR B 256 27.96 -53.93 -28.84
C TYR B 256 27.14 -55.02 -29.49
N ASN B 257 27.00 -54.93 -30.80
CA ASN B 257 26.41 -56.02 -31.57
C ASN B 257 27.49 -56.86 -32.24
N ARG B 258 27.83 -56.51 -33.48
CA ARG B 258 28.84 -57.21 -34.25
C ARG B 258 29.45 -56.31 -35.36
N CYS B 259 30.13 -55.21 -34.98
CA CYS B 259 30.27 -54.77 -33.59
C CYS B 259 29.46 -53.52 -33.28
N HIS B 260 29.49 -52.51 -34.16
CA HIS B 260 28.78 -51.26 -33.89
C HIS B 260 28.48 -50.37 -35.11
N ALA B 261 27.41 -49.59 -34.99
CA ALA B 261 27.16 -48.46 -35.88
C ALA B 261 27.58 -47.17 -35.15
N ALA B 262 27.66 -47.26 -33.82
CA ALA B 262 27.91 -46.10 -32.97
C ALA B 262 28.77 -46.50 -31.78
N ASN B 263 29.85 -45.75 -31.55
CA ASN B 263 30.82 -46.13 -30.50
C ASN B 263 31.21 -44.97 -29.57
N PRO B 264 30.25 -44.47 -28.76
CA PRO B 264 30.47 -43.25 -28.00
C PRO B 264 31.44 -43.41 -26.83
N ASN B 265 31.66 -44.64 -26.39
CA ASN B 265 32.66 -44.91 -25.35
C ASN B 265 33.99 -45.37 -25.95
N GLY B 266 34.23 -44.99 -27.20
CA GLY B 266 35.48 -45.35 -27.86
C GLY B 266 36.64 -44.47 -27.43
N ARG B 267 37.81 -44.73 -28.02
CA ARG B 267 39.03 -43.98 -27.73
C ARG B 267 39.04 -42.60 -28.39
N TYR B 268 39.41 -41.58 -27.62
CA TYR B 268 39.33 -40.19 -28.04
C TYR B 268 40.50 -39.78 -28.95
N TYR B 269 40.29 -39.85 -30.27
CA TYR B 269 41.31 -39.44 -31.23
C TYR B 269 41.33 -37.93 -31.40
N TRP B 270 42.47 -37.32 -31.04
CA TRP B 270 42.65 -35.88 -31.24
C TRP B 270 42.72 -35.58 -32.73
N GLY B 271 42.02 -34.55 -33.16
CA GLY B 271 42.02 -34.16 -34.56
C GLY B 271 40.75 -34.48 -35.32
N GLY B 272 40.28 -35.73 -35.21
CA GLY B 272 39.07 -36.16 -35.92
C GLY B 272 39.35 -37.37 -36.78
N GLN B 273 39.96 -37.14 -37.94
CA GLN B 273 40.35 -38.20 -38.86
C GLN B 273 41.31 -39.17 -38.18
N TYR B 274 41.07 -40.46 -38.37
CA TYR B 274 42.02 -41.48 -37.96
C TYR B 274 41.83 -42.68 -38.91
N THR B 275 42.82 -43.55 -38.97
CA THR B 275 42.79 -44.67 -39.90
C THR B 275 43.17 -45.99 -39.24
N TRP B 276 43.07 -47.06 -40.02
CA TRP B 276 43.16 -48.43 -39.53
C TRP B 276 44.55 -48.82 -39.01
N ASP B 277 45.59 -48.15 -39.49
CA ASP B 277 46.96 -48.43 -39.03
C ASP B 277 47.36 -47.52 -37.87
N MET B 278 46.44 -46.64 -37.49
CA MET B 278 46.55 -45.86 -36.27
C MET B 278 45.90 -46.59 -35.10
N ALA B 279 44.94 -47.46 -35.41
CA ALA B 279 44.17 -48.17 -34.39
C ALA B 279 44.86 -49.42 -33.79
N LYS B 280 44.81 -49.52 -32.46
CA LYS B 280 45.38 -50.63 -31.69
C LYS B 280 45.19 -52.02 -32.32
N HIS B 281 43.96 -52.35 -32.70
CA HIS B 281 43.64 -53.63 -33.32
C HIS B 281 43.17 -53.46 -34.75
N GLY B 282 43.30 -52.24 -35.28
CA GLY B 282 42.95 -51.99 -36.67
C GLY B 282 41.48 -51.75 -36.88
N THR B 283 40.68 -52.13 -35.90
CA THR B 283 39.24 -51.87 -35.94
C THR B 283 38.98 -50.40 -35.61
N ASP B 284 37.84 -49.90 -36.06
CA ASP B 284 37.44 -48.52 -35.87
C ASP B 284 36.88 -48.25 -34.47
N ASP B 285 37.78 -48.30 -33.47
CA ASP B 285 37.49 -47.84 -32.12
C ASP B 285 37.47 -46.32 -32.15
N GLY B 286 37.14 -45.67 -31.05
CA GLY B 286 37.05 -44.22 -31.09
C GLY B 286 35.63 -43.72 -31.19
N VAL B 287 35.46 -42.43 -30.95
CA VAL B 287 34.13 -41.83 -30.79
C VAL B 287 33.41 -41.70 -32.13
N VAL B 288 32.91 -42.84 -32.60
CA VAL B 288 32.33 -43.00 -33.94
C VAL B 288 30.80 -42.95 -33.92
N TRP B 289 30.26 -42.32 -34.95
CA TRP B 289 28.84 -42.38 -35.24
C TRP B 289 28.71 -42.43 -36.75
N MET B 290 28.77 -43.66 -37.28
CA MET B 290 28.85 -43.89 -38.72
C MET B 290 27.79 -43.15 -39.53
N ASN B 291 26.56 -43.13 -39.02
CA ASN B 291 25.43 -42.49 -39.71
C ASN B 291 25.61 -41.01 -40.04
N TRP B 292 26.70 -40.41 -39.57
CA TRP B 292 26.93 -38.99 -39.77
C TRP B 292 28.24 -38.70 -40.48
N LYS B 293 29.32 -39.29 -39.97
CA LYS B 293 30.68 -38.97 -40.40
C LYS B 293 31.43 -40.19 -40.89
N GLY B 294 30.77 -41.34 -40.81
CA GLY B 294 31.39 -42.59 -41.20
C GLY B 294 32.18 -43.22 -40.07
N SER B 295 32.97 -44.22 -40.43
CA SER B 295 33.66 -45.08 -39.47
C SER B 295 35.01 -44.53 -38.96
N TRP B 296 35.59 -43.56 -39.65
CA TRP B 296 36.97 -43.11 -39.38
C TRP B 296 37.11 -41.63 -38.93
N TYR B 297 36.02 -41.10 -38.38
CA TYR B 297 36.02 -39.80 -37.71
C TYR B 297 35.73 -40.05 -36.23
N SER B 298 36.27 -39.20 -35.37
CA SER B 298 36.18 -39.44 -33.93
C SER B 298 35.84 -38.13 -33.23
N MET B 299 34.60 -38.06 -32.75
CA MET B 299 33.96 -36.83 -32.33
C MET B 299 34.75 -36.04 -31.30
N ARG B 300 34.62 -34.71 -31.36
CA ARG B 300 35.23 -33.85 -30.36
C ARG B 300 34.38 -33.80 -29.10
N LYS B 301 33.07 -33.71 -29.27
CA LYS B 301 32.14 -33.84 -28.16
C LYS B 301 31.18 -34.98 -28.44
N MET B 302 30.79 -35.67 -27.37
CA MET B 302 29.78 -36.74 -27.41
C MET B 302 29.17 -36.85 -26.02
N SER B 303 27.83 -36.91 -25.96
CA SER B 303 27.12 -36.92 -24.68
C SER B 303 25.78 -37.62 -24.78
N MET B 304 25.45 -38.37 -23.73
CA MET B 304 24.15 -39.00 -23.63
C MET B 304 23.45 -38.40 -22.42
N LYS B 305 22.25 -37.86 -22.65
CA LYS B 305 21.47 -37.21 -21.60
C LYS B 305 20.07 -37.82 -21.54
N ILE B 306 19.59 -38.12 -20.33
CA ILE B 306 18.22 -38.62 -20.17
C ILE B 306 17.30 -37.65 -19.44
N ARG B 307 16.00 -37.81 -19.66
CA ARG B 307 14.94 -37.05 -19.00
C ARG B 307 13.66 -37.89 -19.01
N PRO B 308 12.80 -37.76 -17.98
CA PRO B 308 11.46 -38.34 -18.06
C PRO B 308 10.68 -37.83 -19.28
N PHE B 309 9.81 -38.69 -19.81
CA PHE B 309 9.06 -38.37 -21.03
C PHE B 309 7.59 -38.02 -20.79
N PHE B 310 7.19 -36.86 -21.30
CA PHE B 310 5.79 -36.44 -21.32
C PHE B 310 5.30 -36.27 -22.78
N PRO B 311 4.41 -37.18 -23.23
CA PRO B 311 3.78 -37.14 -24.57
C PRO B 311 3.33 -35.75 -25.03
N TYR C 1 80.40 -43.29 -53.13
CA TYR C 1 81.43 -44.20 -53.68
C TYR C 1 80.90 -45.62 -53.93
N GLU C 2 80.00 -46.08 -53.04
CA GLU C 2 79.48 -47.46 -53.04
C GLU C 2 80.32 -48.41 -52.16
N ALA C 3 79.69 -48.97 -51.12
CA ALA C 3 80.38 -49.85 -50.16
C ALA C 3 80.77 -51.20 -50.76
N SER C 4 81.75 -51.85 -50.14
CA SER C 4 82.26 -53.14 -50.60
C SER C 4 81.26 -54.30 -50.45
N ILE C 5 81.38 -55.29 -51.33
CA ILE C 5 80.54 -56.50 -51.30
C ILE C 5 80.79 -57.32 -50.02
N LEU C 6 82.01 -57.30 -49.52
CA LEU C 6 82.37 -58.01 -48.30
C LEU C 6 81.91 -57.26 -47.05
N THR C 7 81.70 -55.94 -47.21
CA THR C 7 81.10 -55.08 -46.20
C THR C 7 79.64 -55.45 -45.95
N HIS C 8 78.97 -55.95 -46.99
CA HIS C 8 77.54 -56.27 -46.95
C HIS C 8 77.11 -57.19 -45.81
N ASP C 9 77.97 -58.12 -45.40
CA ASP C 9 77.62 -59.10 -44.34
C ASP C 9 77.70 -58.53 -42.92
N SER C 10 78.71 -57.69 -42.66
CA SER C 10 78.81 -56.97 -41.38
C SER C 10 77.68 -55.95 -41.24
N SER C 11 77.47 -55.20 -42.32
CA SER C 11 76.40 -54.23 -42.42
C SER C 11 75.02 -54.86 -42.22
N ILE C 12 74.82 -56.06 -42.78
CA ILE C 12 73.53 -56.76 -42.75
C ILE C 12 73.13 -57.24 -41.35
N ARG C 13 74.11 -57.71 -40.57
CA ARG C 13 73.86 -58.24 -39.24
C ARG C 13 73.85 -57.14 -38.18
N TYR C 14 74.37 -55.96 -38.56
CA TYR C 14 74.32 -54.78 -37.70
C TYR C 14 72.88 -54.24 -37.62
N LEU C 15 72.16 -54.33 -38.74
CA LEU C 15 70.77 -53.86 -38.80
C LEU C 15 69.83 -54.76 -37.99
N GLN C 16 70.13 -56.05 -37.98
CA GLN C 16 69.41 -57.03 -37.18
C GLN C 16 69.64 -56.78 -35.69
N GLU C 17 70.87 -56.39 -35.33
CA GLU C 17 71.22 -56.10 -33.94
C GLU C 17 70.61 -54.82 -33.41
N ILE C 18 70.08 -53.98 -34.29
CA ILE C 18 69.36 -52.79 -33.84
C ILE C 18 67.86 -52.91 -34.02
N TYR C 19 67.42 -53.73 -34.98
CA TYR C 19 66.00 -54.04 -35.12
C TYR C 19 65.48 -54.81 -33.90
N ASN C 20 66.25 -55.80 -33.45
CA ASN C 20 65.90 -56.58 -32.25
C ASN C 20 66.04 -55.73 -31.01
N SER C 21 67.07 -54.89 -31.01
CA SER C 21 67.29 -53.92 -29.94
C SER C 21 66.05 -53.04 -29.79
N ASN C 22 65.62 -52.40 -30.88
CA ASN C 22 64.38 -51.64 -30.95
C ASN C 22 63.17 -52.44 -30.45
N ASN C 23 63.02 -53.63 -31.01
CA ASN C 23 61.93 -54.54 -30.69
C ASN C 23 61.78 -54.78 -29.20
N GLN C 24 62.91 -55.08 -28.56
CA GLN C 24 62.97 -55.34 -27.12
C GLN C 24 62.53 -54.10 -26.33
N LYS C 25 62.97 -52.94 -26.79
CA LYS C 25 62.60 -51.68 -26.18
C LYS C 25 61.11 -51.45 -26.34
N ILE C 26 60.59 -51.72 -27.54
CA ILE C 26 59.16 -51.59 -27.82
C ILE C 26 58.31 -52.44 -26.86
N VAL C 27 58.79 -53.64 -26.55
CA VAL C 27 58.09 -54.55 -25.63
C VAL C 27 58.15 -54.07 -24.18
N ASN C 28 59.29 -53.53 -23.78
CA ASN C 28 59.44 -52.95 -22.44
C ASN C 28 58.63 -51.68 -22.24
N LEU C 29 58.50 -50.89 -23.30
CA LEU C 29 57.74 -49.65 -23.26
C LEU C 29 56.24 -49.89 -23.21
N LYS C 30 55.74 -50.81 -24.05
CA LYS C 30 54.33 -51.22 -24.01
C LYS C 30 53.95 -51.64 -22.61
N GLU C 31 54.85 -52.38 -21.98
CA GLU C 31 54.71 -52.88 -20.62
C GLU C 31 54.65 -51.72 -19.63
N LYS C 32 55.45 -50.67 -19.88
CA LYS C 32 55.42 -49.48 -19.04
C LYS C 32 54.20 -48.60 -19.28
N VAL C 33 53.70 -48.57 -20.52
CA VAL C 33 52.41 -47.93 -20.80
C VAL C 33 51.32 -48.58 -19.95
N ALA C 34 51.25 -49.91 -20.02
CA ALA C 34 50.36 -50.72 -19.17
C ALA C 34 50.37 -50.31 -17.69
N GLN C 35 51.56 -49.97 -17.16
CA GLN C 35 51.67 -49.55 -15.77
C GLN C 35 51.15 -48.14 -15.55
N LEU C 36 51.35 -47.26 -16.53
CA LEU C 36 50.84 -45.89 -16.44
C LEU C 36 49.32 -45.89 -16.42
N GLU C 37 48.74 -46.85 -17.13
CA GLU C 37 47.29 -47.02 -17.19
C GLU C 37 46.64 -47.12 -15.81
N ALA C 38 47.13 -48.04 -14.97
CA ALA C 38 46.60 -48.29 -13.61
C ALA C 38 46.74 -47.09 -12.67
N GLN C 39 47.51 -46.11 -13.11
CA GLN C 39 47.72 -44.86 -12.38
C GLN C 39 46.69 -43.80 -12.76
N CYS C 40 45.98 -44.02 -13.87
CA CYS C 40 45.08 -43.03 -14.42
C CYS C 40 43.61 -43.47 -14.45
N GLN C 41 43.16 -44.14 -13.40
CA GLN C 41 41.79 -44.64 -13.34
C GLN C 41 40.93 -43.83 -12.36
N GLU C 42 41.53 -43.43 -11.25
CA GLU C 42 40.81 -42.67 -10.23
C GLU C 42 40.41 -41.28 -10.73
N PRO C 43 39.31 -40.72 -10.20
CA PRO C 43 38.94 -39.39 -10.64
C PRO C 43 39.75 -38.34 -9.88
N CYS C 44 39.54 -37.07 -10.21
CA CYS C 44 40.09 -35.98 -9.41
C CYS C 44 39.48 -36.05 -8.01
N LYS C 45 40.30 -35.81 -7.00
CA LYS C 45 39.84 -35.83 -5.61
C LYS C 45 39.00 -34.59 -5.33
N ASP C 46 37.71 -34.81 -5.11
CA ASP C 46 36.81 -33.74 -4.70
C ASP C 46 37.03 -33.50 -3.22
N THR C 47 37.42 -32.27 -2.89
CA THR C 47 37.69 -31.89 -1.52
C THR C 47 36.43 -31.86 -0.64
N VAL C 48 35.31 -31.43 -1.21
CA VAL C 48 34.04 -31.39 -0.47
C VAL C 48 33.48 -32.79 -0.34
N GLN C 49 33.36 -33.24 0.90
CA GLN C 49 32.85 -34.56 1.23
C GLN C 49 31.73 -34.47 2.25
N ILE C 50 30.74 -35.35 2.11
CA ILE C 50 29.61 -35.39 3.03
C ILE C 50 29.93 -36.40 4.13
N HIS C 51 29.67 -36.00 5.38
CA HIS C 51 29.93 -36.87 6.52
C HIS C 51 28.97 -38.07 6.57
N ASP C 52 29.46 -39.15 7.16
CA ASP C 52 28.75 -40.42 7.23
C ASP C 52 27.56 -40.41 8.18
N ILE C 53 27.76 -39.88 9.39
CA ILE C 53 26.73 -39.86 10.42
C ILE C 53 25.48 -39.09 9.97
N THR C 54 24.32 -39.59 10.36
CA THR C 54 23.04 -38.96 10.00
C THR C 54 22.03 -39.08 11.15
N GLY C 55 21.03 -38.19 11.17
CA GLY C 55 19.99 -38.24 12.18
C GLY C 55 18.77 -37.40 11.82
N LYS C 56 17.96 -37.07 12.83
CA LYS C 56 16.76 -36.26 12.67
C LYS C 56 17.09 -34.79 12.43
N ASP C 57 18.25 -34.36 12.93
CA ASP C 57 18.77 -32.99 12.74
C ASP C 57 20.19 -32.89 13.27
N CYS C 58 20.79 -31.72 13.15
CA CYS C 58 22.19 -31.53 13.53
C CYS C 58 22.45 -31.81 15.00
N GLN C 59 21.44 -31.57 15.85
CA GLN C 59 21.58 -31.84 17.28
C GLN C 59 21.57 -33.34 17.55
N ASP C 60 20.65 -34.05 16.89
CA ASP C 60 20.62 -35.51 16.91
C ASP C 60 21.97 -36.05 16.44
N ILE C 61 22.43 -35.57 15.29
CA ILE C 61 23.73 -35.95 14.73
C ILE C 61 24.87 -35.72 15.72
N ALA C 62 24.93 -34.52 16.31
CA ALA C 62 25.99 -34.16 17.27
C ALA C 62 25.98 -35.06 18.52
N ASN C 63 24.79 -35.51 18.91
CA ASN C 63 24.63 -36.43 20.04
C ASN C 63 25.10 -37.85 19.72
N LYS C 64 25.17 -38.17 18.42
CA LYS C 64 25.70 -39.47 17.99
C LYS C 64 27.23 -39.44 17.87
N GLY C 65 27.84 -38.38 18.40
CA GLY C 65 29.29 -38.31 18.51
C GLY C 65 29.96 -37.37 17.53
N ALA C 66 29.19 -36.84 16.58
CA ALA C 66 29.70 -35.90 15.58
C ALA C 66 30.48 -34.76 16.22
N LYS C 67 31.64 -34.45 15.69
CA LYS C 67 32.52 -33.51 16.37
C LYS C 67 32.68 -32.17 15.64
N GLN C 68 32.60 -32.20 14.31
CA GLN C 68 33.01 -31.03 13.51
C GLN C 68 31.99 -30.53 12.46
N SER C 69 32.07 -29.22 12.19
CA SER C 69 31.16 -28.53 11.28
C SER C 69 31.33 -29.01 9.85
N GLY C 70 30.21 -29.29 9.19
CA GLY C 70 30.25 -29.75 7.81
C GLY C 70 28.90 -30.12 7.23
N LEU C 71 28.94 -30.77 6.07
CA LEU C 71 27.71 -31.14 5.37
C LEU C 71 27.25 -32.51 5.83
N TYR C 72 25.97 -32.60 6.18
CA TYR C 72 25.38 -33.83 6.70
C TYR C 72 24.02 -34.06 6.07
N PHE C 73 23.66 -35.32 5.84
CA PHE C 73 22.28 -35.64 5.51
C PHE C 73 21.50 -35.71 6.81
N ILE C 74 20.35 -35.04 6.84
CA ILE C 74 19.41 -35.21 7.94
C ILE C 74 18.05 -35.63 7.40
N LYS C 75 17.20 -36.12 8.30
CA LYS C 75 15.90 -36.62 7.92
C LYS C 75 14.94 -36.53 9.12
N PRO C 76 14.22 -35.40 9.25
CA PRO C 76 13.22 -35.26 10.30
C PRO C 76 12.15 -36.35 10.21
N LEU C 77 11.51 -36.61 11.33
CA LEU C 77 10.58 -37.74 11.46
C LEU C 77 9.51 -37.77 10.35
N LYS C 78 8.95 -36.61 10.01
CA LYS C 78 7.80 -36.56 9.11
C LYS C 78 8.15 -36.28 7.63
N ALA C 79 9.44 -36.36 7.30
CA ALA C 79 9.92 -36.10 5.93
C ALA C 79 9.88 -37.35 5.06
N ASN C 80 9.79 -37.17 3.74
CA ASN C 80 9.83 -38.29 2.80
C ASN C 80 11.27 -38.63 2.47
N GLN C 81 11.90 -37.73 1.73
CA GLN C 81 13.30 -37.88 1.35
C GLN C 81 14.19 -37.25 2.43
N GLN C 82 15.44 -37.70 2.54
CA GLN C 82 16.43 -37.03 3.36
C GLN C 82 17.00 -35.86 2.56
N PHE C 83 17.68 -34.94 3.24
CA PHE C 83 18.29 -33.77 2.59
C PHE C 83 19.58 -33.32 3.26
N LEU C 84 20.46 -32.71 2.48
CA LEU C 84 21.75 -32.23 2.95
C LEU C 84 21.57 -30.91 3.68
N VAL C 85 22.43 -30.65 4.67
CA VAL C 85 22.41 -29.40 5.44
C VAL C 85 23.82 -29.03 5.87
N TYR C 86 24.01 -27.77 6.26
CA TYR C 86 25.20 -27.41 7.02
C TYR C 86 24.91 -27.55 8.52
N CYS C 87 25.71 -28.36 9.20
CA CYS C 87 25.65 -28.46 10.66
C CYS C 87 26.84 -27.75 11.29
N GLU C 88 26.57 -26.78 12.14
CA GLU C 88 27.64 -26.17 12.94
C GLU C 88 27.68 -26.85 14.30
N ILE C 89 28.84 -27.39 14.66
CA ILE C 89 28.97 -28.11 15.92
C ILE C 89 30.12 -27.57 16.77
N ASP C 90 29.76 -26.98 17.90
CA ASP C 90 30.76 -26.35 18.79
C ASP C 90 31.32 -27.33 19.84
N GLY C 91 32.20 -26.82 20.70
CA GLY C 91 32.87 -27.62 21.73
C GLY C 91 31.98 -28.20 22.82
N SER C 92 30.74 -27.71 22.91
CA SER C 92 29.81 -28.14 23.95
C SER C 92 28.80 -29.18 23.48
N GLY C 93 28.95 -29.65 22.24
CA GLY C 93 28.07 -30.70 21.71
C GLY C 93 26.76 -30.18 21.15
N ASN C 94 26.75 -28.89 20.82
CA ASN C 94 25.59 -28.26 20.21
C ASN C 94 25.67 -28.39 18.69
N GLY C 95 24.59 -28.87 18.09
CA GLY C 95 24.50 -28.98 16.64
C GLY C 95 23.44 -28.06 16.08
N TRP C 96 23.88 -26.93 15.57
CA TRP C 96 22.96 -25.98 14.94
C TRP C 96 22.73 -26.37 13.49
N THR C 97 21.46 -26.42 13.09
CA THR C 97 21.10 -26.60 11.70
C THR C 97 20.92 -25.23 11.08
N VAL C 98 21.87 -24.83 10.24
CA VAL C 98 21.82 -23.51 9.60
C VAL C 98 20.89 -23.52 8.39
N PHE C 99 19.90 -22.63 8.37
CA PHE C 99 18.96 -22.57 7.24
C PHE C 99 19.07 -21.33 6.34
N GLN C 100 19.82 -20.32 6.78
CA GLN C 100 20.06 -19.14 5.95
C GLN C 100 21.50 -18.64 6.14
N LYS C 101 22.09 -18.09 5.08
CA LYS C 101 23.45 -17.57 5.12
C LYS C 101 23.66 -16.45 4.09
N ARG C 102 24.30 -15.37 4.53
CA ARG C 102 24.78 -14.28 3.66
C ARG C 102 26.22 -13.95 4.05
N LEU C 103 27.01 -13.45 3.10
CA LEU C 103 28.41 -13.07 3.38
C LEU C 103 29.13 -12.26 2.29
N ASP C 104 28.80 -12.52 1.03
CA ASP C 104 29.48 -11.81 -0.07
C ASP C 104 28.55 -11.31 -1.19
N GLY C 105 27.25 -11.59 -1.06
CA GLY C 105 26.28 -11.25 -2.10
C GLY C 105 26.42 -12.07 -3.37
N SER C 106 27.16 -13.18 -3.29
CA SER C 106 27.37 -14.07 -4.44
C SER C 106 26.08 -14.66 -4.96
N VAL C 107 25.15 -14.95 -4.06
CA VAL C 107 23.84 -15.50 -4.43
C VAL C 107 22.78 -14.40 -4.47
N ASP C 108 21.99 -14.41 -5.55
CA ASP C 108 20.86 -13.51 -5.75
C ASP C 108 19.66 -14.06 -5.00
N PHE C 109 19.17 -13.31 -4.02
CA PHE C 109 18.04 -13.78 -3.20
C PHE C 109 16.64 -13.37 -3.70
N LYS C 110 16.55 -12.86 -4.92
CA LYS C 110 15.26 -12.53 -5.49
C LYS C 110 14.74 -13.77 -6.19
N LYS C 111 14.14 -14.66 -5.42
CA LYS C 111 13.68 -15.92 -5.96
C LYS C 111 12.18 -16.09 -5.73
N ASN C 112 11.55 -16.88 -6.60
CA ASN C 112 10.12 -17.12 -6.53
C ASN C 112 9.67 -18.00 -5.35
N TRP C 113 8.41 -18.42 -5.37
CA TRP C 113 7.83 -19.13 -4.26
C TRP C 113 8.37 -20.55 -4.17
N ILE C 114 8.29 -21.26 -5.30
CA ILE C 114 8.88 -22.59 -5.42
C ILE C 114 10.33 -22.53 -4.94
N GLN C 115 11.08 -21.54 -5.44
CA GLN C 115 12.50 -21.43 -5.11
C GLN C 115 12.77 -21.30 -3.61
N TYR C 116 12.01 -20.47 -2.92
CA TYR C 116 12.14 -20.37 -1.46
C TYR C 116 11.60 -21.60 -0.74
N LYS C 117 10.62 -22.28 -1.35
CA LYS C 117 10.09 -23.53 -0.80
C LYS C 117 11.13 -24.67 -0.85
N GLU C 118 11.76 -24.85 -2.01
CA GLU C 118 12.70 -25.96 -2.17
C GLU C 118 14.12 -25.62 -1.73
N GLY C 119 14.52 -24.36 -1.93
CA GLY C 119 15.84 -23.92 -1.54
C GLY C 119 16.72 -23.54 -2.72
N PHE C 120 17.67 -22.66 -2.46
CA PHE C 120 18.66 -22.23 -3.45
C PHE C 120 19.96 -21.86 -2.76
N GLY C 121 20.99 -21.61 -3.57
CA GLY C 121 22.34 -21.40 -3.06
C GLY C 121 23.08 -22.71 -3.04
N HIS C 122 24.24 -22.73 -2.38
CA HIS C 122 25.07 -23.93 -2.29
C HIS C 122 25.50 -24.17 -0.85
N LEU C 123 25.63 -25.44 -0.47
CA LEU C 123 26.19 -25.79 0.82
C LEU C 123 27.68 -26.05 0.68
N SER C 124 28.47 -25.64 1.66
CA SER C 124 29.92 -25.85 1.62
C SER C 124 30.41 -26.35 2.97
N PRO C 125 31.43 -27.24 2.98
CA PRO C 125 31.89 -27.78 4.24
C PRO C 125 32.49 -26.70 5.15
N THR C 126 33.21 -25.74 4.56
CA THR C 126 33.81 -24.64 5.34
C THR C 126 32.76 -23.63 5.81
N GLY C 127 31.50 -23.85 5.44
CA GLY C 127 30.39 -22.95 5.76
C GLY C 127 30.70 -21.55 5.27
N THR C 128 30.98 -21.43 3.99
CA THR C 128 31.42 -20.14 3.44
C THR C 128 30.68 -19.77 2.17
N THR C 129 29.43 -20.23 2.05
CA THR C 129 28.59 -19.90 0.90
C THR C 129 27.22 -19.44 1.35
N GLU C 130 26.60 -18.63 0.49
CA GLU C 130 25.28 -18.08 0.73
C GLU C 130 24.20 -19.07 0.30
N PHE C 131 23.21 -19.29 1.16
CA PHE C 131 22.12 -20.21 0.84
C PHE C 131 20.84 -19.95 1.60
N TRP C 132 19.75 -20.45 1.04
CA TRP C 132 18.48 -20.54 1.73
C TRP C 132 18.11 -22.00 1.66
N LEU C 133 17.99 -22.66 2.82
CA LEU C 133 17.77 -24.11 2.88
C LEU C 133 16.50 -24.53 2.16
N GLY C 134 15.47 -23.70 2.25
CA GLY C 134 14.17 -24.00 1.68
C GLY C 134 13.14 -24.14 2.78
N ASN C 135 12.04 -23.42 2.64
CA ASN C 135 10.97 -23.37 3.64
C ASN C 135 10.46 -24.74 4.07
N GLU C 136 10.18 -25.58 3.07
CA GLU C 136 9.65 -26.92 3.33
C GLU C 136 10.52 -27.68 4.32
N LYS C 137 11.83 -27.64 4.10
CA LYS C 137 12.79 -28.25 5.02
C LYS C 137 12.71 -27.60 6.40
N ILE C 138 12.78 -26.26 6.43
CA ILE C 138 12.73 -25.50 7.67
C ILE C 138 11.50 -25.89 8.48
N HIS C 139 10.36 -26.03 7.79
CA HIS C 139 9.12 -26.40 8.44
C HIS C 139 9.27 -27.77 9.11
N LEU C 140 9.76 -28.74 8.35
CA LEU C 140 9.95 -30.12 8.84
C LEU C 140 10.87 -30.21 10.07
N ILE C 141 12.04 -29.58 9.97
CA ILE C 141 13.03 -29.55 11.05
C ILE C 141 12.49 -28.95 12.36
N SER C 142 11.55 -28.01 12.25
CA SER C 142 11.09 -27.27 13.42
C SER C 142 9.73 -27.74 13.96
N THR C 143 9.15 -28.78 13.35
CA THR C 143 7.83 -29.25 13.76
C THR C 143 7.77 -30.76 14.01
N GLN C 144 8.85 -31.35 14.53
CA GLN C 144 8.86 -32.79 14.84
C GLN C 144 8.16 -33.05 16.17
N SER C 145 7.04 -33.78 16.09
CA SER C 145 6.12 -34.02 17.23
C SER C 145 6.70 -33.76 18.62
N ALA C 146 6.30 -32.63 19.19
CA ALA C 146 6.67 -32.18 20.55
C ALA C 146 8.20 -32.09 20.79
N ILE C 147 8.85 -31.26 19.99
CA ILE C 147 10.24 -30.85 20.26
C ILE C 147 10.29 -29.33 20.13
N PRO C 148 10.26 -28.63 21.27
CA PRO C 148 10.45 -27.18 21.29
C PRO C 148 11.79 -26.76 20.67
N TYR C 149 11.73 -25.85 19.69
CA TYR C 149 12.91 -25.41 18.94
C TYR C 149 13.27 -23.94 19.16
N ALA C 150 14.52 -23.59 18.83
CA ALA C 150 15.03 -22.24 19.03
C ALA C 150 15.80 -21.74 17.81
N LEU C 151 15.62 -20.47 17.48
CA LEU C 151 16.33 -19.85 16.36
C LEU C 151 17.32 -18.82 16.86
N ARG C 152 18.57 -18.92 16.39
CA ARG C 152 19.53 -17.83 16.56
C ARG C 152 19.77 -17.10 15.25
N VAL C 153 19.80 -15.78 15.34
CA VAL C 153 20.14 -14.93 14.23
C VAL C 153 21.51 -14.34 14.54
N GLU C 154 22.43 -14.38 13.59
CA GLU C 154 23.78 -13.83 13.77
C GLU C 154 24.16 -12.78 12.74
N LEU C 155 24.35 -11.54 13.20
CA LEU C 155 24.71 -10.45 12.31
C LEU C 155 26.19 -10.09 12.39
N GLU C 156 26.67 -9.40 11.36
CA GLU C 156 28.01 -8.83 11.36
C GLU C 156 28.08 -7.59 10.48
N ASP C 157 28.48 -6.48 11.08
CA ASP C 157 28.65 -5.21 10.36
C ASP C 157 29.95 -5.19 9.54
N TRP C 158 30.17 -4.10 8.81
CA TRP C 158 31.38 -3.90 8.01
C TRP C 158 32.53 -3.32 8.84
N ASN C 159 32.54 -3.62 10.14
CA ASN C 159 33.49 -3.03 11.08
C ASN C 159 33.98 -4.01 12.13
N GLY C 160 33.73 -5.30 11.92
CA GLY C 160 34.21 -6.32 12.83
C GLY C 160 33.18 -6.85 13.82
N ARG C 161 32.42 -5.94 14.43
CA ARG C 161 31.47 -6.32 15.49
C ARG C 161 30.35 -7.24 14.98
N THR C 162 29.96 -8.20 15.82
CA THR C 162 28.86 -9.12 15.54
C THR C 162 27.83 -9.11 16.67
N SER C 163 26.58 -9.45 16.34
CA SER C 163 25.50 -9.46 17.32
C SER C 163 24.51 -10.58 17.05
N THR C 164 23.99 -11.14 18.13
CA THR C 164 23.04 -12.24 18.04
C THR C 164 21.68 -11.80 18.58
N ALA C 165 20.64 -12.58 18.25
CA ALA C 165 19.28 -12.40 18.79
C ALA C 165 18.54 -13.75 18.75
N ASP C 166 18.01 -14.18 19.89
CA ASP C 166 17.42 -15.52 20.00
C ASP C 166 15.90 -15.52 20.10
N TYR C 167 15.27 -16.62 19.71
CA TYR C 167 13.83 -16.75 19.73
C TYR C 167 13.40 -18.17 20.10
N ALA C 168 12.76 -18.29 21.27
CA ALA C 168 12.29 -19.59 21.76
C ALA C 168 10.97 -20.03 21.11
N MET C 169 10.74 -21.35 21.13
CA MET C 169 9.63 -22.00 20.41
C MET C 169 9.44 -21.55 18.96
N PHE C 170 10.56 -21.44 18.25
CA PHE C 170 10.57 -21.11 16.83
C PHE C 170 9.90 -22.22 16.03
N LYS C 171 9.24 -21.83 14.95
CA LYS C 171 8.38 -22.70 14.21
C LYS C 171 8.00 -22.09 12.86
N VAL C 172 7.98 -22.95 11.84
CA VAL C 172 7.50 -22.55 10.52
C VAL C 172 6.42 -23.55 10.10
N GLY C 173 5.25 -23.03 9.75
CA GLY C 173 4.10 -23.86 9.38
C GLY C 173 4.22 -24.49 8.00
N PRO C 174 3.20 -25.30 7.61
CA PRO C 174 3.19 -26.00 6.32
C PRO C 174 2.96 -25.03 5.17
N GLU C 175 3.03 -25.53 3.94
CA GLU C 175 2.73 -24.71 2.75
C GLU C 175 1.27 -24.29 2.77
N ALA C 176 0.42 -25.19 3.27
CA ALA C 176 -0.98 -24.90 3.53
C ALA C 176 -1.15 -23.49 4.10
N ASP C 177 -0.46 -23.20 5.20
CA ASP C 177 -0.52 -21.91 5.88
C ASP C 177 0.67 -20.99 5.51
N LYS C 178 1.05 -21.01 4.24
CA LYS C 178 2.08 -20.11 3.68
C LYS C 178 3.33 -19.93 4.55
N TYR C 179 3.85 -21.05 5.06
CA TYR C 179 5.07 -21.12 5.87
C TYR C 179 5.15 -20.02 6.94
N ARG C 180 4.16 -20.04 7.82
CA ARG C 180 3.99 -19.01 8.83
C ARG C 180 5.06 -19.05 9.92
N LEU C 181 5.57 -17.88 10.27
CA LEU C 181 6.56 -17.75 11.34
C LEU C 181 5.88 -17.50 12.69
N THR C 182 6.15 -18.38 13.65
CA THR C 182 5.63 -18.22 15.01
C THR C 182 6.77 -18.47 15.99
N TYR C 183 6.79 -17.72 17.08
CA TYR C 183 7.68 -17.99 18.21
C TYR C 183 7.00 -17.59 19.51
N ALA C 184 7.38 -18.26 20.61
CA ALA C 184 6.82 -17.95 21.92
C ALA C 184 7.27 -16.57 22.42
N TYR C 185 8.59 -16.32 22.44
CA TYR C 185 9.14 -15.05 22.93
C TYR C 185 10.57 -14.80 22.45
N PHE C 186 10.98 -13.53 22.52
CA PHE C 186 12.37 -13.13 22.28
C PHE C 186 13.20 -13.64 23.45
N ALA C 187 14.27 -14.38 23.14
CA ALA C 187 15.06 -15.04 24.17
C ALA C 187 16.31 -14.25 24.62
N GLY C 188 16.45 -13.01 24.12
CA GLY C 188 17.58 -12.15 24.46
C GLY C 188 18.64 -12.04 23.37
N GLY C 189 19.42 -10.96 23.38
CA GLY C 189 20.51 -10.79 22.43
C GLY C 189 20.75 -9.35 21.99
N ASP C 190 22.02 -8.96 21.94
CA ASP C 190 22.40 -7.57 21.68
C ASP C 190 22.23 -7.11 20.23
N ALA C 191 21.37 -7.79 19.48
CA ALA C 191 20.96 -7.32 18.17
C ALA C 191 19.58 -6.69 18.31
N GLY C 192 18.85 -7.15 19.32
CA GLY C 192 17.54 -6.62 19.64
C GLY C 192 16.44 -7.33 18.89
N ASP C 193 15.29 -7.46 19.55
CA ASP C 193 14.10 -8.11 18.99
C ASP C 193 13.47 -7.31 17.84
N ALA C 194 13.93 -7.56 16.61
CA ALA C 194 13.37 -6.90 15.43
C ALA C 194 12.13 -7.60 14.91
N PHE C 195 11.78 -8.74 15.48
CA PHE C 195 10.56 -9.44 15.13
C PHE C 195 9.36 -8.91 15.93
N ASP C 196 9.66 -8.12 16.97
CA ASP C 196 8.64 -7.46 17.77
C ASP C 196 8.09 -6.22 17.03
N GLY C 197 8.83 -5.80 16.01
CA GLY C 197 8.55 -4.59 15.27
C GLY C 197 9.51 -3.49 15.69
N PHE C 198 9.47 -2.36 14.99
CA PHE C 198 10.34 -1.22 15.31
C PHE C 198 9.60 0.11 15.12
N ASP C 199 9.73 0.99 16.12
CA ASP C 199 9.13 2.32 16.08
C ASP C 199 9.94 3.20 15.14
N PHE C 200 9.67 3.07 13.84
CA PHE C 200 10.50 3.72 12.81
C PHE C 200 10.44 5.25 12.82
N GLY C 201 9.30 5.79 13.24
CA GLY C 201 9.13 7.23 13.36
C GLY C 201 8.57 7.89 12.12
N ASP C 202 7.82 7.12 11.33
CA ASP C 202 7.12 7.63 10.17
C ASP C 202 5.62 7.56 10.40
N ASP C 203 5.23 6.93 11.52
CA ASP C 203 3.83 6.70 11.86
C ASP C 203 3.71 5.95 13.20
N PRO C 204 2.64 6.24 13.99
CA PRO C 204 2.34 5.49 15.22
C PRO C 204 2.06 3.98 15.05
N SER C 205 1.72 3.54 13.83
CA SER C 205 1.36 2.13 13.58
C SER C 205 2.55 1.24 13.20
N ASP C 206 3.64 1.87 12.77
CA ASP C 206 4.89 1.18 12.39
C ASP C 206 5.22 -0.06 13.22
N LYS C 207 5.33 0.12 14.54
CA LYS C 207 5.69 -0.95 15.46
C LYS C 207 4.93 -2.25 15.20
N PHE C 208 3.69 -2.14 14.72
CA PHE C 208 2.88 -3.32 14.45
C PHE C 208 3.06 -3.84 13.01
N PHE C 209 2.99 -2.95 12.04
CA PHE C 209 3.13 -3.32 10.62
C PHE C 209 4.54 -3.75 10.20
N THR C 210 5.46 -3.83 11.17
CA THR C 210 6.83 -4.27 10.90
C THR C 210 7.23 -5.48 11.75
N SER C 211 6.35 -5.89 12.66
CA SER C 211 6.55 -7.10 13.44
C SER C 211 6.41 -8.32 12.53
N HIS C 212 7.09 -9.41 12.88
CA HIS C 212 7.11 -10.57 12.01
C HIS C 212 6.44 -11.80 12.60
N ASN C 213 6.36 -11.87 13.92
CA ASN C 213 5.68 -13.00 14.56
C ASN C 213 4.28 -13.13 14.00
N GLY C 214 3.97 -14.31 13.48
CA GLY C 214 2.68 -14.58 12.85
C GLY C 214 2.65 -14.37 11.33
N MET C 215 3.63 -13.66 10.79
CA MET C 215 3.64 -13.38 9.36
C MET C 215 3.76 -14.63 8.53
N GLN C 216 3.10 -14.61 7.39
CA GLN C 216 3.21 -15.66 6.39
C GLN C 216 4.37 -15.30 5.47
N PHE C 217 4.85 -16.29 4.72
CA PHE C 217 5.97 -16.08 3.84
C PHE C 217 5.52 -15.45 2.52
N SER C 218 6.35 -14.57 1.97
CA SER C 218 5.98 -13.85 0.76
C SER C 218 7.11 -13.75 -0.26
N THR C 219 6.78 -14.07 -1.51
CA THR C 219 7.66 -13.79 -2.64
C THR C 219 6.86 -12.97 -3.64
N TRP C 220 7.56 -12.36 -4.59
CA TRP C 220 6.92 -11.49 -5.57
C TRP C 220 5.74 -12.21 -6.26
N ASP C 221 5.91 -13.51 -6.50
CA ASP C 221 4.91 -14.30 -7.22
C ASP C 221 3.93 -15.02 -6.29
N ASN C 222 3.88 -14.59 -5.03
CA ASN C 222 3.01 -15.18 -4.02
C ASN C 222 2.86 -14.21 -2.86
N ASP C 223 2.03 -13.19 -3.09
CA ASP C 223 1.83 -12.09 -2.14
C ASP C 223 0.92 -12.50 -0.98
N ASN C 224 1.50 -12.57 0.21
CA ASN C 224 0.76 -12.94 1.42
C ASN C 224 1.02 -11.98 2.57
N ASP C 225 1.29 -10.71 2.24
CA ASP C 225 1.62 -9.70 3.22
C ASP C 225 0.42 -8.80 3.54
N LYS C 226 0.48 -8.17 4.71
CA LYS C 226 -0.55 -7.24 5.18
C LYS C 226 -0.35 -5.83 4.59
N PHE C 227 -0.21 -5.76 3.27
CA PHE C 227 -0.01 -4.49 2.57
C PHE C 227 -0.53 -4.62 1.15
N GLU C 228 -1.44 -3.72 0.78
CA GLU C 228 -2.15 -3.82 -0.49
C GLU C 228 -1.23 -3.77 -1.73
N GLY C 229 0.01 -3.33 -1.52
CA GLY C 229 1.07 -3.47 -2.51
C GLY C 229 1.84 -4.77 -2.31
N ASN C 230 3.04 -4.85 -2.87
CA ASN C 230 3.80 -6.10 -2.88
C ASN C 230 5.18 -5.95 -2.25
N CYS C 231 5.24 -6.22 -0.94
CA CYS C 231 6.47 -6.11 -0.17
C CYS C 231 7.63 -6.83 -0.84
N ALA C 232 7.45 -8.12 -1.09
CA ALA C 232 8.48 -8.99 -1.66
C ALA C 232 8.90 -8.59 -3.08
N GLU C 233 7.96 -8.05 -3.85
CA GLU C 233 8.25 -7.53 -5.19
C GLU C 233 9.12 -6.29 -5.09
N GLN C 234 8.65 -5.32 -4.30
CA GLN C 234 9.29 -4.02 -4.19
C GLN C 234 10.63 -4.14 -3.49
N ASP C 235 10.64 -4.83 -2.36
CA ASP C 235 11.87 -5.02 -1.59
C ASP C 235 12.72 -6.17 -2.14
N GLY C 236 12.21 -6.81 -3.20
CA GLY C 236 12.97 -7.76 -4.02
C GLY C 236 13.58 -8.92 -3.27
N SER C 237 12.76 -9.61 -2.46
CA SER C 237 13.22 -10.76 -1.68
C SER C 237 12.11 -11.76 -1.39
N GLY C 238 12.42 -12.74 -0.55
CA GLY C 238 11.42 -13.65 0.00
C GLY C 238 11.60 -13.59 1.50
N TRP C 239 10.55 -13.16 2.21
CA TRP C 239 10.60 -12.97 3.66
C TRP C 239 9.20 -13.05 4.29
N TRP C 240 9.14 -13.09 5.62
CA TRP C 240 7.86 -13.06 6.34
C TRP C 240 7.38 -11.63 6.46
N MET C 241 6.76 -11.13 5.40
CA MET C 241 6.43 -9.71 5.26
C MET C 241 5.14 -9.31 5.94
N ASN C 242 5.18 -8.15 6.59
CA ASN C 242 4.02 -7.52 7.18
C ASN C 242 3.60 -6.32 6.33
N LYS C 243 4.06 -5.12 6.71
CA LYS C 243 3.83 -3.89 5.93
C LYS C 243 4.96 -2.85 6.11
N CYS C 244 6.22 -3.20 5.81
CA CYS C 244 6.64 -4.52 5.34
C CYS C 244 7.52 -5.27 6.36
N HIS C 245 8.65 -4.66 6.75
CA HIS C 245 9.64 -5.33 7.61
C HIS C 245 10.47 -4.42 8.53
N ALA C 246 10.73 -4.92 9.74
CA ALA C 246 11.72 -4.37 10.65
C ALA C 246 13.07 -5.08 10.45
N GLY C 247 13.01 -6.41 10.31
CA GLY C 247 14.19 -7.22 9.95
C GLY C 247 14.07 -7.82 8.55
N HIS C 248 15.15 -7.74 7.76
CA HIS C 248 15.09 -8.16 6.37
C HIS C 248 16.35 -8.93 5.93
N LEU C 249 16.58 -10.10 6.53
CA LEU C 249 17.84 -10.84 6.32
C LEU C 249 18.02 -11.47 4.93
N ASN C 250 16.94 -11.52 4.14
CA ASN C 250 16.99 -12.01 2.78
C ASN C 250 16.98 -10.87 1.77
N GLY C 251 17.43 -9.69 2.22
CA GLY C 251 17.40 -8.48 1.41
C GLY C 251 18.50 -8.41 0.37
N VAL C 252 18.53 -7.32 -0.38
CA VAL C 252 19.53 -7.12 -1.44
C VAL C 252 20.90 -6.78 -0.83
N TYR C 253 21.94 -7.42 -1.36
CA TYR C 253 23.28 -7.26 -0.81
C TYR C 253 23.91 -5.94 -1.20
N TYR C 254 24.07 -5.08 -0.21
CA TYR C 254 24.70 -3.79 -0.39
C TYR C 254 26.13 -3.83 0.15
N GLN C 255 27.09 -3.69 -0.76
CA GLN C 255 28.50 -3.65 -0.40
C GLN C 255 28.79 -2.39 0.39
N GLY C 256 29.35 -2.55 1.58
CA GLY C 256 29.84 -1.43 2.38
C GLY C 256 28.99 -1.11 3.60
N GLY C 257 27.71 -1.46 3.53
CA GLY C 257 26.80 -1.23 4.63
C GLY C 257 25.88 -0.06 4.36
N THR C 258 26.45 1.12 4.22
CA THR C 258 25.66 2.31 3.92
C THR C 258 25.09 2.26 2.50
N TYR C 259 23.78 2.48 2.42
CA TYR C 259 23.12 2.72 1.15
C TYR C 259 22.04 3.78 1.38
N SER C 260 21.65 4.46 0.30
CA SER C 260 20.66 5.53 0.38
C SER C 260 19.36 5.19 -0.33
N LYS C 261 18.41 6.13 -0.28
CA LYS C 261 17.10 5.98 -0.91
C LYS C 261 17.21 5.93 -2.43
N ALA C 262 18.21 6.63 -2.97
CA ALA C 262 18.46 6.69 -4.41
C ALA C 262 19.15 5.42 -4.93
N SER C 263 19.62 4.56 -4.01
CA SER C 263 20.27 3.29 -4.37
C SER C 263 19.26 2.28 -4.93
N THR C 264 18.01 2.45 -4.54
CA THR C 264 16.93 1.53 -4.84
C THR C 264 16.04 2.11 -5.94
N PRO C 265 15.34 1.23 -6.69
CA PRO C 265 14.43 1.77 -7.71
C PRO C 265 13.08 2.23 -7.15
N ASN C 266 12.43 1.38 -6.33
CA ASN C 266 11.09 1.66 -5.80
C ASN C 266 11.08 2.49 -4.52
N GLY C 267 12.16 3.25 -4.28
CA GLY C 267 12.23 4.17 -3.16
C GLY C 267 12.42 3.56 -1.78
N TYR C 268 11.89 2.37 -1.55
CA TYR C 268 11.93 1.73 -0.24
C TYR C 268 13.25 1.02 0.06
N ASP C 269 13.51 0.76 1.34
CA ASP C 269 14.75 0.11 1.79
C ASP C 269 14.70 -1.41 1.63
N ASN C 270 15.45 -1.92 0.66
CA ASN C 270 15.44 -3.35 0.33
C ASN C 270 16.63 -4.17 0.83
N GLY C 271 17.53 -3.51 1.56
CA GLY C 271 18.75 -4.15 2.03
C GLY C 271 18.56 -5.12 3.18
N ILE C 272 19.63 -5.85 3.48
CA ILE C 272 19.67 -6.79 4.61
C ILE C 272 19.75 -5.99 5.91
N ILE C 273 18.59 -5.72 6.50
CA ILE C 273 18.55 -4.86 7.67
C ILE C 273 18.00 -5.58 8.88
N TRP C 274 18.39 -5.10 10.06
CA TRP C 274 17.87 -5.57 11.34
C TRP C 274 17.72 -4.31 12.22
N ALA C 275 16.51 -3.75 12.24
CA ALA C 275 16.27 -2.36 12.70
C ALA C 275 16.67 -2.04 14.14
N THR C 276 16.64 -3.04 15.01
CA THR C 276 16.99 -2.83 16.39
C THR C 276 18.51 -2.72 16.61
N TRP C 277 19.30 -3.09 15.59
CA TRP C 277 20.75 -3.03 15.73
C TRP C 277 21.41 -1.93 14.92
N LYS C 278 20.89 -1.69 13.72
CA LYS C 278 21.42 -0.66 12.85
C LYS C 278 20.28 0.00 12.07
N THR C 279 20.56 1.19 11.54
CA THR C 279 19.58 1.96 10.78
C THR C 279 19.09 1.21 9.55
N ARG C 280 17.85 1.50 9.15
CA ARG C 280 17.27 0.88 7.96
C ARG C 280 18.00 1.24 6.67
N TRP C 281 19.14 1.92 6.79
CA TRP C 281 19.99 2.26 5.65
C TRP C 281 21.40 1.70 5.83
N TYR C 282 21.50 0.72 6.73
CA TYR C 282 22.72 -0.06 6.89
C TYR C 282 22.42 -1.53 6.62
N SER C 283 23.13 -2.11 5.65
CA SER C 283 22.96 -3.51 5.23
C SER C 283 24.13 -4.35 5.75
N MET C 284 23.81 -5.44 6.45
CA MET C 284 24.82 -6.27 7.12
C MET C 284 25.79 -6.93 6.11
N LYS C 285 27.00 -7.23 6.57
CA LYS C 285 28.02 -7.92 5.77
C LYS C 285 27.87 -9.44 5.84
N LYS C 286 27.61 -9.95 7.05
CA LYS C 286 27.37 -11.39 7.25
C LYS C 286 26.03 -11.61 7.96
N THR C 287 25.32 -12.65 7.55
CA THR C 287 24.00 -12.96 8.06
C THR C 287 23.83 -14.46 8.15
N THR C 288 23.36 -14.94 9.30
CA THR C 288 23.22 -16.38 9.53
C THR C 288 22.03 -16.70 10.46
N MET C 289 21.14 -17.56 9.97
CA MET C 289 19.96 -18.01 10.72
C MET C 289 20.07 -19.51 10.90
N LYS C 290 20.12 -19.92 12.16
CA LYS C 290 20.34 -21.31 12.54
C LYS C 290 19.44 -21.71 13.70
N ILE C 291 19.10 -23.00 13.77
CA ILE C 291 18.17 -23.51 14.77
C ILE C 291 18.68 -24.74 15.52
N ILE C 292 18.24 -24.87 16.76
CA ILE C 292 18.68 -25.92 17.68
C ILE C 292 17.53 -26.18 18.66
N PRO C 293 17.29 -27.46 19.04
CA PRO C 293 16.27 -27.74 20.05
C PRO C 293 16.41 -26.78 21.23
N PHE C 294 15.30 -26.24 21.72
CA PHE C 294 15.35 -25.21 22.77
C PHE C 294 16.04 -25.68 24.05
N ASN C 295 15.74 -26.91 24.47
CA ASN C 295 16.33 -27.52 25.67
C ASN C 295 17.87 -27.54 25.67
N ARG C 296 18.44 -27.21 24.52
CA ARG C 296 19.89 -27.22 24.33
C ARG C 296 20.50 -25.81 24.52
N LEU C 297 19.67 -24.80 24.42
CA LEU C 297 20.11 -23.41 24.53
C LEU C 297 20.18 -22.98 26.00
N THR C 298 20.95 -23.72 26.80
CA THR C 298 20.96 -23.62 28.28
C THR C 298 19.55 -23.84 28.85
N ILE D 8 8.26 11.10 -21.86
CA ILE D 8 7.34 12.09 -22.48
C ILE D 8 5.99 11.46 -22.81
N GLN D 9 6.02 10.18 -23.19
CA GLN D 9 4.79 9.39 -23.44
C GLN D 9 3.92 9.31 -22.17
N LEU D 10 4.56 8.97 -21.04
CA LEU D 10 3.88 8.82 -19.76
C LEU D 10 3.60 10.18 -19.12
N LEU D 11 4.46 11.16 -19.39
CA LEU D 11 4.37 12.48 -18.74
C LEU D 11 3.30 13.40 -19.32
N GLN D 12 3.15 13.43 -20.63
CA GLN D 12 2.10 14.25 -21.28
C GLN D 12 0.69 13.95 -20.78
N LYS D 13 0.45 12.70 -20.41
CA LYS D 13 -0.86 12.25 -19.90
C LYS D 13 -0.97 12.54 -18.41
N ASN D 14 0.18 12.51 -17.73
CA ASN D 14 0.25 12.72 -16.29
C ASN D 14 0.04 14.16 -15.82
N VAL D 15 0.60 15.13 -16.56
CA VAL D 15 0.48 16.54 -16.18
C VAL D 15 -0.65 17.30 -16.90
N ARG D 16 -1.52 16.57 -17.57
CA ARG D 16 -2.80 17.13 -18.02
C ARG D 16 -3.84 16.71 -17.00
N ALA D 17 -3.64 15.53 -16.43
CA ALA D 17 -4.47 15.00 -15.35
C ALA D 17 -4.08 15.59 -13.99
N GLN D 18 -2.95 16.27 -13.94
CA GLN D 18 -2.52 16.97 -12.73
C GLN D 18 -2.96 18.43 -12.77
N LEU D 19 -3.08 18.98 -13.98
CA LEU D 19 -3.64 20.32 -14.16
C LEU D 19 -5.11 20.33 -13.80
N VAL D 20 -5.84 19.32 -14.27
CA VAL D 20 -7.26 19.18 -13.97
C VAL D 20 -7.46 18.96 -12.47
N ASP D 21 -6.62 18.10 -11.90
CA ASP D 21 -6.62 17.81 -10.47
C ASP D 21 -6.39 19.10 -9.66
N MET D 22 -5.38 19.88 -10.05
CA MET D 22 -5.03 21.13 -9.36
C MET D 22 -6.12 22.20 -9.45
N LYS D 23 -6.76 22.32 -10.61
CA LYS D 23 -7.79 23.33 -10.84
C LYS D 23 -8.95 23.15 -9.87
N ARG D 24 -9.44 21.91 -9.75
CA ARG D 24 -10.47 21.59 -8.77
C ARG D 24 -10.02 21.92 -7.37
N LEU D 25 -8.77 21.56 -7.05
CA LEU D 25 -8.22 21.80 -5.73
C LEU D 25 -8.16 23.29 -5.41
N GLU D 26 -7.81 24.10 -6.41
CA GLU D 26 -7.84 25.56 -6.25
C GLU D 26 -9.25 25.99 -5.85
N VAL D 27 -10.24 25.53 -6.62
CA VAL D 27 -11.65 25.88 -6.41
C VAL D 27 -12.20 25.37 -5.06
N ASP D 28 -11.93 24.10 -4.76
CA ASP D 28 -12.33 23.47 -3.49
C ASP D 28 -11.83 24.34 -2.35
N ILE D 29 -10.52 24.56 -2.33
CA ILE D 29 -9.89 25.31 -1.26
C ILE D 29 -10.49 26.71 -1.07
N ASP D 30 -10.75 27.41 -2.17
CA ASP D 30 -11.45 28.70 -2.09
C ASP D 30 -12.81 28.57 -1.38
N ILE D 31 -13.64 27.65 -1.87
CA ILE D 31 -14.95 27.40 -1.27
C ILE D 31 -14.81 26.99 0.20
N LYS D 32 -13.88 26.08 0.47
CA LYS D 32 -13.64 25.57 1.81
C LYS D 32 -13.16 26.67 2.76
N ILE D 33 -12.16 27.44 2.35
CA ILE D 33 -11.68 28.53 3.19
C ILE D 33 -12.83 29.49 3.52
N ARG D 34 -13.55 29.95 2.49
CA ARG D 34 -14.65 30.88 2.67
C ARG D 34 -15.68 30.39 3.71
N SER D 35 -15.82 29.07 3.83
CA SER D 35 -16.78 28.51 4.75
C SER D 35 -16.22 28.38 6.16
N CYS D 36 -15.01 28.90 6.36
CA CYS D 36 -14.48 29.05 7.71
C CYS D 36 -14.79 30.43 8.29
N ARG D 37 -15.22 31.34 7.42
CA ARG D 37 -15.54 32.71 7.79
C ARG D 37 -16.68 32.77 8.79
N GLY D 38 -17.67 31.91 8.61
CA GLY D 38 -18.81 31.83 9.52
C GLY D 38 -18.50 31.00 10.76
N SER D 39 -17.23 30.65 10.95
CA SER D 39 -16.81 29.74 12.02
C SER D 39 -15.57 30.23 12.78
N CYS D 40 -14.61 30.77 12.05
CA CYS D 40 -13.33 31.17 12.61
C CYS D 40 -13.18 32.68 12.76
N SER D 41 -12.18 33.07 13.55
CA SER D 41 -11.92 34.48 13.86
C SER D 41 -11.89 35.37 12.63
N ARG D 42 -11.35 34.85 11.52
CA ARG D 42 -11.42 35.53 10.23
C ARG D 42 -11.23 34.52 9.11
N ALA D 43 -11.46 34.95 7.87
CA ALA D 43 -11.18 34.12 6.69
C ALA D 43 -10.26 34.85 5.72
N LEU D 44 -9.17 34.17 5.36
CA LEU D 44 -8.13 34.72 4.50
C LEU D 44 -8.66 35.29 3.20
N ALA D 45 -8.34 36.56 2.94
CA ALA D 45 -8.75 37.24 1.72
C ALA D 45 -7.96 36.69 0.55
N ARG D 46 -8.65 36.12 -0.42
CA ARG D 46 -8.00 35.50 -1.56
C ARG D 46 -8.85 35.67 -2.83
N GLU D 47 -8.22 35.47 -3.98
CA GLU D 47 -8.91 35.47 -5.28
C GLU D 47 -8.38 34.34 -6.15
N VAL D 48 -9.25 33.72 -6.94
CA VAL D 48 -8.82 32.58 -7.74
C VAL D 48 -8.48 33.02 -9.16
N ASP D 49 -7.25 32.73 -9.56
CA ASP D 49 -6.79 32.98 -10.92
C ASP D 49 -7.13 31.77 -11.80
N LEU D 50 -8.29 31.84 -12.46
CA LEU D 50 -8.71 30.82 -13.43
C LEU D 50 -7.87 30.92 -14.68
N LYS D 51 -7.67 32.15 -15.15
CA LYS D 51 -6.93 32.45 -16.38
C LYS D 51 -5.62 31.68 -16.47
N ASP D 52 -4.76 31.83 -15.45
CA ASP D 52 -3.43 31.21 -15.45
C ASP D 52 -3.48 29.70 -15.67
N TYR D 53 -4.42 29.04 -14.99
CA TYR D 53 -4.63 27.61 -15.16
C TYR D 53 -5.08 27.25 -16.57
N GLU D 54 -6.01 28.03 -17.12
CA GLU D 54 -6.61 27.75 -18.44
C GLU D 54 -5.61 27.85 -19.58
N ASP D 55 -4.78 28.90 -19.57
CA ASP D 55 -3.75 29.12 -20.58
C ASP D 55 -2.67 28.05 -20.59
N GLN D 56 -2.32 27.56 -19.41
CA GLN D 56 -1.35 26.47 -19.29
C GLN D 56 -1.95 25.12 -19.69
N GLN D 57 -3.28 25.04 -19.69
CA GLN D 57 -4.00 23.89 -20.27
C GLN D 57 -4.03 23.98 -21.80
N LYS D 58 -4.07 25.21 -22.32
CA LYS D 58 -4.03 25.44 -23.78
C LYS D 58 -2.69 25.06 -24.40
N GLN D 59 -1.61 25.51 -23.75
CA GLN D 59 -0.25 25.31 -24.25
C GLN D 59 0.33 23.94 -23.90
N LEU D 60 -0.50 23.07 -23.33
CA LEU D 60 -0.16 21.67 -23.14
C LEU D 60 -0.88 20.85 -24.20
N GLU D 61 -2.01 21.37 -24.67
CA GLU D 61 -2.78 20.78 -25.76
C GLU D 61 -2.01 20.84 -27.09
N GLN D 62 -1.36 21.97 -27.33
CA GLN D 62 -0.66 22.25 -28.59
C GLN D 62 0.69 21.55 -28.73
N VAL D 63 1.33 21.24 -27.60
CA VAL D 63 2.65 20.60 -27.59
C VAL D 63 2.55 19.06 -27.41
N ILE D 64 1.43 18.49 -27.85
CA ILE D 64 1.23 17.03 -27.88
C ILE D 64 0.91 16.56 -29.31
N LEU E 17 9.95 19.41 -24.82
CA LEU E 17 10.45 19.26 -23.42
C LEU E 17 10.46 20.59 -22.65
N ARG E 18 10.54 21.70 -23.38
CA ARG E 18 10.67 23.02 -22.77
C ARG E 18 9.37 23.54 -22.13
N VAL E 19 8.23 23.33 -22.81
CA VAL E 19 6.91 23.75 -22.28
C VAL E 19 6.47 22.85 -21.11
N LEU E 20 7.11 21.69 -20.99
CA LEU E 20 6.90 20.77 -19.87
C LEU E 20 7.48 21.31 -18.56
N ARG E 21 8.72 21.82 -18.62
CA ARG E 21 9.39 22.43 -17.48
C ARG E 21 8.73 23.75 -17.09
N SER E 22 8.22 24.46 -18.10
CA SER E 22 7.51 25.74 -17.91
C SER E 22 6.29 25.60 -17.00
N ILE E 23 5.31 24.80 -17.43
CA ILE E 23 4.04 24.70 -16.72
C ILE E 23 4.09 23.85 -15.45
N LEU E 24 4.94 22.82 -15.44
CA LEU E 24 5.04 21.91 -14.30
C LEU E 24 5.62 22.59 -13.06
N GLU E 25 6.66 23.40 -13.24
CA GLU E 25 7.29 24.12 -12.11
C GLU E 25 6.41 25.22 -11.56
N ASN E 26 5.51 25.73 -12.41
CA ASN E 26 4.44 26.64 -12.01
C ASN E 26 3.52 26.00 -10.97
N LEU E 27 3.13 24.75 -11.22
CA LEU E 27 2.26 24.01 -10.32
C LEU E 27 2.89 23.76 -8.96
N ARG E 28 4.21 23.62 -8.94
CA ARG E 28 4.97 23.40 -7.70
C ARG E 28 4.88 24.64 -6.82
N SER E 29 4.82 25.80 -7.47
CA SER E 29 4.65 27.09 -6.78
C SER E 29 3.24 27.16 -6.21
N LYS E 30 2.26 26.91 -7.09
CA LYS E 30 0.84 26.92 -6.72
C LYS E 30 0.55 26.03 -5.51
N ILE E 31 1.20 24.86 -5.44
CA ILE E 31 1.04 23.98 -4.29
C ILE E 31 1.44 24.70 -3.00
N GLN E 32 2.62 25.32 -3.01
CA GLN E 32 3.08 26.08 -1.87
C GLN E 32 2.15 27.26 -1.58
N LYS E 33 1.65 27.93 -2.63
CA LYS E 33 0.72 29.04 -2.49
C LYS E 33 -0.56 28.58 -1.79
N LEU E 34 -1.09 27.45 -2.22
CA LEU E 34 -2.30 26.89 -1.64
C LEU E 34 -2.05 26.35 -0.24
N GLU E 35 -0.90 25.71 -0.05
CA GLU E 35 -0.53 25.23 1.28
C GLU E 35 -0.26 26.39 2.23
N SER E 36 0.18 27.52 1.67
CA SER E 36 0.45 28.73 2.43
C SER E 36 -0.86 29.35 2.90
N ASP E 37 -1.84 29.39 2.01
CA ASP E 37 -3.19 29.83 2.33
C ASP E 37 -3.83 28.96 3.41
N VAL E 38 -3.82 27.64 3.20
CA VAL E 38 -4.46 26.71 4.12
C VAL E 38 -3.80 26.70 5.50
N SER E 39 -2.53 27.09 5.55
CA SER E 39 -1.79 27.12 6.81
C SER E 39 -2.20 28.33 7.64
N ALA E 40 -2.53 29.42 6.95
CA ALA E 40 -3.00 30.61 7.59
C ALA E 40 -4.39 30.38 8.16
N GLN E 41 -5.27 29.76 7.36
CA GLN E 41 -6.65 29.53 7.79
C GLN E 41 -6.75 28.64 9.02
N MET E 42 -5.88 27.66 9.14
CA MET E 42 -5.80 26.79 10.32
C MET E 42 -5.52 27.59 11.59
N GLU E 43 -4.64 28.58 11.47
CA GLU E 43 -4.30 29.46 12.58
C GLU E 43 -5.52 30.26 13.00
N TYR E 44 -6.09 30.99 12.05
CA TYR E 44 -7.29 31.76 12.29
C TYR E 44 -8.41 30.95 12.98
N CYS E 45 -8.46 29.65 12.71
CA CYS E 45 -9.48 28.77 13.27
C CYS E 45 -9.18 28.25 14.68
N ARG E 46 -8.05 28.69 15.24
CA ARG E 46 -7.75 28.48 16.65
C ARG E 46 -8.58 29.42 17.53
N THR E 47 -9.22 30.40 16.89
CA THR E 47 -10.08 31.36 17.58
C THR E 47 -11.42 31.43 16.83
N PRO E 48 -12.55 31.42 17.56
CA PRO E 48 -13.84 31.41 16.87
C PRO E 48 -14.24 32.78 16.36
N CYS E 49 -15.28 32.84 15.53
CA CYS E 49 -15.99 34.11 15.29
C CYS E 49 -16.99 34.30 16.42
N THR E 50 -17.23 35.55 16.79
CA THR E 50 -18.15 35.87 17.86
C THR E 50 -19.24 36.77 17.35
N VAL E 51 -20.42 36.65 17.96
CA VAL E 51 -21.55 37.55 17.76
C VAL E 51 -22.09 37.94 19.13
N SER E 52 -23.00 38.91 19.16
CA SER E 52 -23.68 39.30 20.40
C SER E 52 -25.12 39.68 20.09
N CYS E 53 -26.03 38.76 20.36
CA CYS E 53 -27.41 38.97 20.00
C CYS E 53 -28.31 39.06 21.22
N ASN E 54 -28.44 40.27 21.76
CA ASN E 54 -29.48 40.55 22.72
C ASN E 54 -30.85 40.15 22.16
N ILE E 55 -31.61 39.45 22.99
CA ILE E 55 -32.83 38.78 22.54
C ILE E 55 -34.01 39.71 22.67
N PRO E 56 -34.83 39.84 21.62
CA PRO E 56 -35.99 40.71 21.78
C PRO E 56 -37.02 40.09 22.72
N VAL E 57 -37.62 40.95 23.55
CA VAL E 57 -38.66 40.54 24.51
C VAL E 57 -39.86 39.88 23.85
N VAL E 58 -40.40 40.50 22.80
CA VAL E 58 -41.54 39.93 22.07
C VAL E 58 -41.20 38.58 21.42
N SER E 59 -41.97 37.56 21.79
CA SER E 59 -41.81 36.22 21.26
C SER E 59 -43.17 35.60 20.91
N GLY E 60 -43.14 34.40 20.29
CA GLY E 60 -44.36 33.70 19.93
C GLY E 60 -44.14 32.37 19.23
N LYS E 61 -45.22 31.76 18.78
CA LYS E 61 -45.16 30.43 18.16
C LYS E 61 -44.22 30.39 16.95
N GLU E 62 -44.32 31.38 16.07
CA GLU E 62 -43.39 31.52 14.95
C GLU E 62 -43.34 33.00 14.56
N CYS E 63 -42.73 33.32 13.41
CA CYS E 63 -42.54 34.72 13.03
C CYS E 63 -43.83 35.51 12.75
N GLU E 64 -44.86 34.82 12.25
CA GLU E 64 -46.14 35.45 11.92
C GLU E 64 -46.81 36.00 13.17
N GLU E 65 -46.90 35.19 14.22
CA GLU E 65 -47.51 35.61 15.49
C GLU E 65 -46.77 36.80 16.09
N ILE E 66 -45.46 36.84 15.83
CA ILE E 66 -44.61 37.89 16.33
C ILE E 66 -44.93 39.23 15.68
N ILE E 67 -45.08 39.25 14.36
CA ILE E 67 -45.45 40.50 13.67
C ILE E 67 -46.79 41.03 14.15
N ARG E 68 -47.68 40.12 14.51
CA ARG E 68 -49.02 40.47 14.99
C ARG E 68 -48.98 40.85 16.46
N LYS E 69 -47.78 40.83 17.02
CA LYS E 69 -47.55 41.27 18.40
C LYS E 69 -46.69 42.54 18.40
N GLY E 70 -46.49 43.13 17.23
CA GLY E 70 -45.74 44.39 17.14
C GLY E 70 -44.25 44.26 16.90
N GLY E 71 -43.79 43.05 16.60
CA GLY E 71 -42.41 42.83 16.21
C GLY E 71 -42.31 43.19 14.76
N GLU E 72 -41.87 44.40 14.46
CA GLU E 72 -42.00 44.92 13.10
C GLU E 72 -40.68 45.11 12.34
N THR E 73 -39.56 44.92 13.03
CA THR E 73 -38.25 44.99 12.37
C THR E 73 -37.72 43.59 12.08
N SER E 74 -37.08 43.43 10.92
CA SER E 74 -36.44 42.17 10.59
C SER E 74 -35.19 42.01 11.43
N GLU E 75 -35.15 40.93 12.21
CA GLU E 75 -33.98 40.57 13.04
C GLU E 75 -34.14 39.17 13.62
N MET E 76 -33.22 38.80 14.52
CA MET E 76 -33.31 37.53 15.21
C MET E 76 -34.31 37.63 16.34
N TYR E 77 -35.19 36.63 16.39
CA TYR E 77 -36.16 36.51 17.44
C TYR E 77 -36.10 35.11 18.03
N LEU E 78 -36.66 34.97 19.23
CA LEU E 78 -36.84 33.70 19.88
C LEU E 78 -38.27 33.23 19.60
N ILE E 79 -38.43 32.04 19.05
CA ILE E 79 -39.76 31.45 18.82
C ILE E 79 -40.00 30.15 19.60
N GLN E 80 -41.25 29.93 19.98
CA GLN E 80 -41.64 28.68 20.63
C GLN E 80 -42.91 28.09 20.00
N PRO E 81 -42.75 27.39 18.86
CA PRO E 81 -43.85 26.82 18.10
C PRO E 81 -44.46 25.64 18.81
N ASP E 82 -43.57 24.81 19.35
CA ASP E 82 -43.94 23.61 20.04
C ASP E 82 -43.75 23.86 21.52
N SER E 83 -44.84 23.79 22.28
CA SER E 83 -44.80 24.03 23.71
C SER E 83 -44.04 22.93 24.49
N SER E 84 -43.68 21.85 23.78
CA SER E 84 -43.03 20.69 24.36
C SER E 84 -41.52 20.80 24.33
N VAL E 85 -41.02 21.64 23.43
CA VAL E 85 -39.57 21.84 23.28
C VAL E 85 -39.20 23.29 23.61
N LYS E 86 -37.99 23.48 24.15
CA LYS E 86 -37.53 24.81 24.56
C LYS E 86 -37.43 25.76 23.36
N PRO E 87 -37.70 27.06 23.57
CA PRO E 87 -37.65 28.07 22.52
C PRO E 87 -36.31 28.05 21.77
N TYR E 88 -36.31 28.48 20.51
CA TYR E 88 -35.07 28.55 19.74
C TYR E 88 -34.96 29.79 18.87
N ARG E 89 -33.73 30.24 18.69
CA ARG E 89 -33.43 31.41 17.88
C ARG E 89 -33.74 31.12 16.42
N VAL E 90 -34.22 32.15 15.72
CA VAL E 90 -34.63 32.02 14.34
C VAL E 90 -34.56 33.42 13.72
N TYR E 91 -34.44 33.51 12.41
CA TYR E 91 -34.45 34.83 11.80
C TYR E 91 -35.82 35.17 11.22
N CYS E 92 -36.43 36.24 11.71
CA CYS E 92 -37.69 36.71 11.15
C CYS E 92 -37.53 37.80 10.11
N ASP E 93 -38.19 37.59 8.98
CA ASP E 93 -38.25 38.61 7.93
C ASP E 93 -39.61 39.30 8.04
N MET E 94 -39.58 40.56 8.47
CA MET E 94 -40.81 41.27 8.74
C MET E 94 -41.18 42.28 7.65
N ASN E 95 -40.39 42.35 6.59
CA ASN E 95 -40.58 43.35 5.55
C ASN E 95 -41.00 42.80 4.18
N THR E 96 -40.69 41.53 3.89
CA THR E 96 -41.04 40.96 2.60
C THR E 96 -42.50 40.48 2.55
N GLU E 97 -43.26 40.97 1.58
CA GLU E 97 -44.65 40.56 1.35
C GLU E 97 -45.47 40.50 2.65
N ASN E 98 -45.57 41.64 3.34
CA ASN E 98 -46.34 41.73 4.60
C ASN E 98 -45.73 40.96 5.78
N GLY E 99 -44.51 40.48 5.59
CA GLY E 99 -43.68 39.88 6.64
C GLY E 99 -44.27 38.74 7.44
N GLY E 100 -43.61 38.45 8.56
CA GLY E 100 -43.99 37.33 9.40
C GLY E 100 -43.49 36.05 8.80
N TRP E 101 -42.36 36.14 8.10
CA TRP E 101 -41.72 34.98 7.50
C TRP E 101 -40.66 34.44 8.41
N THR E 102 -40.61 33.12 8.51
CA THR E 102 -39.56 32.43 9.25
C THR E 102 -38.55 31.83 8.29
N VAL E 103 -37.33 32.37 8.30
CA VAL E 103 -36.25 31.85 7.48
C VAL E 103 -35.89 30.45 8.00
N ILE E 104 -35.79 29.48 7.08
CA ILE E 104 -35.34 28.13 7.44
C ILE E 104 -34.02 27.78 6.75
N GLN E 105 -33.73 28.50 5.67
CA GLN E 105 -32.50 28.32 4.92
C GLN E 105 -32.04 29.67 4.44
N ASN E 106 -30.73 29.88 4.39
CA ASN E 106 -30.19 31.16 3.92
C ASN E 106 -28.80 31.05 3.32
N ARG E 107 -28.62 31.67 2.16
CA ARG E 107 -27.33 31.73 1.48
C ARG E 107 -27.08 33.16 1.03
N GLN E 108 -25.87 33.68 1.24
CA GLN E 108 -25.53 35.07 0.86
C GLN E 108 -24.05 35.35 0.59
N ASP E 109 -23.16 34.65 1.28
CA ASP E 109 -21.73 34.67 1.00
C ASP E 109 -21.29 33.21 1.00
N GLY E 110 -20.04 32.90 1.28
CA GLY E 110 -19.71 31.47 1.37
C GLY E 110 -19.43 31.01 2.79
N SER E 111 -20.07 31.65 3.77
CA SER E 111 -19.56 31.62 5.14
C SER E 111 -19.72 30.30 5.91
N VAL E 112 -20.74 29.52 5.56
CA VAL E 112 -21.03 28.29 6.27
C VAL E 112 -21.00 27.10 5.32
N ASP E 113 -20.38 26.01 5.78
CA ASP E 113 -20.36 24.72 5.09
C ASP E 113 -21.77 24.10 5.02
N PHE E 114 -22.14 23.60 3.84
CA PHE E 114 -23.47 22.98 3.68
C PHE E 114 -23.45 21.48 3.40
N GLY E 115 -22.24 20.93 3.25
CA GLY E 115 -22.06 19.51 3.05
C GLY E 115 -21.82 18.82 4.38
N ARG E 116 -22.90 18.53 5.08
CA ARG E 116 -22.79 17.92 6.41
C ARG E 116 -23.61 16.64 6.50
N LYS E 117 -23.38 15.89 7.58
CA LYS E 117 -23.99 14.58 7.76
C LYS E 117 -25.49 14.70 8.10
N TRP E 118 -26.15 13.55 8.25
CA TRP E 118 -27.57 13.49 8.56
C TRP E 118 -27.90 14.25 9.84
N ASP E 119 -27.09 14.08 10.87
CA ASP E 119 -27.36 14.67 12.16
C ASP E 119 -27.31 16.21 12.19
N PRO E 120 -26.22 16.82 11.67
CA PRO E 120 -26.27 18.28 11.56
C PRO E 120 -27.49 18.83 10.82
N TYR E 121 -27.98 18.14 9.78
CA TYR E 121 -29.20 18.56 9.09
C TYR E 121 -30.46 18.37 9.92
N LYS E 122 -30.40 17.45 10.88
CA LYS E 122 -31.50 17.18 11.80
C LYS E 122 -31.60 18.30 12.83
N GLN E 123 -30.46 18.63 13.44
CA GLN E 123 -30.40 19.55 14.57
C GLN E 123 -30.40 21.01 14.12
N GLY E 124 -29.99 21.24 12.87
CA GLY E 124 -29.77 22.59 12.36
C GLY E 124 -28.34 23.03 12.52
N PHE E 125 -27.86 23.87 11.61
CA PHE E 125 -26.49 24.40 11.64
C PHE E 125 -26.34 25.79 11.02
N GLY E 126 -25.26 26.47 11.38
CA GLY E 126 -24.94 27.76 10.81
C GLY E 126 -25.18 28.90 11.76
N ASN E 127 -25.02 30.11 11.26
CA ASN E 127 -25.23 31.31 12.05
C ASN E 127 -26.56 31.93 11.69
N VAL E 128 -27.43 31.99 12.69
CA VAL E 128 -28.79 32.45 12.51
C VAL E 128 -28.78 33.92 12.16
N ALA E 129 -28.04 34.71 12.95
CA ALA E 129 -27.98 36.16 12.76
C ALA E 129 -26.65 36.71 13.22
N THR E 130 -26.29 37.89 12.70
CA THR E 130 -25.04 38.55 13.08
C THR E 130 -25.31 40.02 13.39
N ASN E 131 -24.36 40.67 14.05
CA ASN E 131 -24.46 42.07 14.45
C ASN E 131 -24.28 43.05 13.30
N THR E 132 -24.72 44.29 13.49
CA THR E 132 -24.49 45.33 12.49
C THR E 132 -23.97 46.62 13.11
N ASP E 133 -22.79 47.04 12.66
CA ASP E 133 -22.26 48.40 12.90
C ASP E 133 -22.76 49.05 14.19
N GLY E 134 -22.12 48.68 15.30
CA GLY E 134 -22.43 49.23 16.61
C GLY E 134 -23.55 48.53 17.37
N LYS E 135 -24.63 48.19 16.66
CA LYS E 135 -25.87 47.71 17.28
C LYS E 135 -25.66 46.49 18.19
N ASN E 136 -26.39 46.49 19.32
CA ASN E 136 -26.30 45.44 20.34
C ASN E 136 -27.08 44.18 19.93
N TYR E 137 -27.93 44.35 18.91
CA TYR E 137 -28.82 43.28 18.46
C TYR E 137 -28.46 42.83 17.04
N CYS E 138 -28.95 41.64 16.67
CA CYS E 138 -28.56 41.02 15.41
C CYS E 138 -29.60 41.20 14.31
N GLY E 139 -29.46 42.28 13.57
CA GLY E 139 -30.46 42.68 12.59
C GLY E 139 -30.32 42.04 11.23
N LEU E 140 -29.21 41.38 11.01
CA LEU E 140 -28.92 40.74 9.73
C LEU E 140 -28.91 39.23 9.83
N PRO E 141 -29.40 38.54 8.80
CA PRO E 141 -29.34 37.08 8.87
C PRO E 141 -27.93 36.59 8.56
N GLY E 142 -27.59 35.40 9.04
CA GLY E 142 -26.38 34.70 8.58
C GLY E 142 -26.79 33.56 7.68
N GLU E 143 -25.82 32.78 7.22
CA GLU E 143 -26.10 31.53 6.49
C GLU E 143 -26.44 30.41 7.47
N TYR E 144 -27.60 29.79 7.29
CA TYR E 144 -28.00 28.69 8.15
C TYR E 144 -29.05 27.74 7.56
N TRP E 145 -29.16 26.56 8.17
CA TRP E 145 -30.24 25.60 7.93
C TRP E 145 -30.94 25.37 9.27
N LEU E 146 -32.22 25.67 9.35
CA LEU E 146 -32.91 25.70 10.66
C LEU E 146 -32.81 24.36 11.39
N GLY E 147 -32.94 23.27 10.61
CA GLY E 147 -32.96 21.93 11.16
C GLY E 147 -34.21 21.17 10.76
N ASN E 148 -34.01 19.96 10.24
CA ASN E 148 -35.11 19.14 9.76
C ASN E 148 -36.18 18.79 10.78
N ASP E 149 -35.80 18.54 12.04
CA ASP E 149 -36.82 18.34 13.07
C ASP E 149 -37.69 19.59 13.21
N LYS E 150 -37.04 20.74 13.33
CA LYS E 150 -37.74 21.99 13.56
C LYS E 150 -38.55 22.45 12.36
N ILE E 151 -38.07 22.15 11.15
CA ILE E 151 -38.80 22.50 9.92
C ILE E 151 -40.04 21.63 9.84
N SER E 152 -39.85 20.33 9.99
CA SER E 152 -41.00 19.42 9.95
C SER E 152 -42.12 19.89 10.87
N GLN E 153 -41.76 20.27 12.09
CA GLN E 153 -42.75 20.65 13.10
C GLN E 153 -43.41 21.98 12.77
N LEU E 154 -42.67 22.90 12.15
CA LEU E 154 -43.29 24.16 11.77
C LEU E 154 -44.36 23.91 10.71
N THR E 155 -43.99 23.14 9.69
CA THR E 155 -44.86 22.89 8.56
C THR E 155 -46.11 22.10 8.95
N ARG E 156 -45.98 21.28 9.98
CA ARG E 156 -47.06 20.39 10.37
C ARG E 156 -48.07 21.05 11.34
N MET E 157 -47.69 22.17 11.92
CA MET E 157 -48.54 22.93 12.85
C MET E 157 -49.86 23.36 12.25
N GLY E 158 -49.83 23.72 10.97
CA GLY E 158 -50.96 24.33 10.26
C GLY E 158 -50.56 24.54 8.82
N PRO E 159 -51.54 24.86 7.94
CA PRO E 159 -51.17 25.05 6.54
C PRO E 159 -50.03 26.04 6.42
N THR E 160 -48.97 25.65 5.72
CA THR E 160 -47.76 26.44 5.63
C THR E 160 -47.41 26.75 4.19
N GLU E 161 -47.05 28.01 3.93
CA GLU E 161 -46.61 28.45 2.62
C GLU E 161 -45.08 28.63 2.59
N LEU E 162 -44.48 28.37 1.43
CA LEU E 162 -43.04 28.46 1.27
C LEU E 162 -42.71 29.56 0.26
N LEU E 163 -41.69 30.35 0.59
CA LEU E 163 -41.23 31.43 -0.28
C LEU E 163 -39.72 31.32 -0.48
N ILE E 164 -39.33 30.88 -1.68
CA ILE E 164 -37.92 30.74 -2.02
C ILE E 164 -37.48 31.91 -2.87
N GLU E 165 -36.43 32.59 -2.42
CA GLU E 165 -35.90 33.77 -3.11
C GLU E 165 -34.43 33.58 -3.46
N MET E 166 -34.02 34.13 -4.60
CA MET E 166 -32.64 33.99 -5.07
C MET E 166 -32.19 35.22 -5.84
N GLU E 167 -30.89 35.45 -5.89
CA GLU E 167 -30.33 36.60 -6.60
C GLU E 167 -29.01 36.24 -7.31
N ASP E 168 -28.86 36.68 -8.55
CA ASP E 168 -27.62 36.44 -9.29
C ASP E 168 -26.56 37.47 -8.94
N TRP E 169 -25.42 37.40 -9.63
CA TRP E 169 -24.27 38.23 -9.30
C TRP E 169 -24.29 39.57 -10.00
N LYS E 170 -25.39 39.87 -10.67
CA LYS E 170 -25.54 41.11 -11.43
C LYS E 170 -26.65 41.96 -10.81
N GLY E 171 -27.44 41.35 -9.93
CA GLY E 171 -28.49 42.07 -9.24
C GLY E 171 -29.88 41.47 -9.35
N ASP E 172 -30.16 40.80 -10.47
CA ASP E 172 -31.49 40.25 -10.71
C ASP E 172 -31.92 39.26 -9.65
N LYS E 173 -33.22 39.30 -9.35
CA LYS E 173 -33.81 38.39 -8.41
C LYS E 173 -35.12 37.83 -8.93
N VAL E 174 -35.36 36.55 -8.65
CA VAL E 174 -36.63 35.88 -8.92
C VAL E 174 -37.07 35.18 -7.64
N LYS E 175 -38.37 34.95 -7.51
CA LYS E 175 -38.91 34.28 -6.35
C LYS E 175 -39.65 33.03 -6.82
N ALA E 176 -39.95 32.12 -5.89
CA ALA E 176 -40.76 30.93 -6.16
C ALA E 176 -41.58 30.64 -4.93
N HIS E 177 -42.90 30.60 -5.10
CA HIS E 177 -43.81 30.56 -3.97
C HIS E 177 -44.65 29.30 -4.05
N TYR E 178 -44.86 28.67 -2.90
CA TYR E 178 -45.66 27.45 -2.82
C TYR E 178 -46.75 27.57 -1.77
N GLY E 179 -47.99 27.43 -2.21
CA GLY E 179 -49.16 27.63 -1.36
C GLY E 179 -49.15 26.73 -0.16
N GLY E 180 -48.85 25.45 -0.38
CA GLY E 180 -48.71 24.49 0.72
C GLY E 180 -47.31 23.93 0.78
N PHE E 181 -46.82 23.65 1.99
CA PHE E 181 -45.49 23.08 2.16
C PHE E 181 -45.47 22.23 3.41
N THR E 182 -45.23 20.93 3.26
CA THR E 182 -45.09 20.05 4.42
C THR E 182 -43.83 19.20 4.36
N VAL E 183 -43.22 19.01 5.54
CA VAL E 183 -42.08 18.12 5.71
C VAL E 183 -42.44 17.08 6.78
N GLN E 184 -42.44 15.80 6.43
CA GLN E 184 -42.72 14.77 7.42
C GLN E 184 -41.57 14.59 8.40
N ASN E 185 -41.81 13.86 9.48
CA ASN E 185 -40.79 13.70 10.52
C ASN E 185 -39.65 12.77 10.12
N GLU E 186 -38.66 12.64 11.00
CA GLU E 186 -37.52 11.77 10.78
C GLU E 186 -37.91 10.36 10.38
N ALA E 187 -38.93 9.81 11.03
CA ALA E 187 -39.41 8.45 10.77
C ALA E 187 -39.72 8.24 9.30
N ASN E 188 -40.13 9.33 8.63
CA ASN E 188 -40.51 9.32 7.21
C ASN E 188 -39.43 10.01 6.37
N LYS E 189 -38.18 9.83 6.76
CA LYS E 189 -37.04 10.44 6.10
C LYS E 189 -37.29 11.90 5.66
N TYR E 190 -37.99 12.66 6.50
CA TYR E 190 -38.27 14.09 6.25
C TYR E 190 -38.96 14.43 4.91
N GLN E 191 -39.86 13.55 4.46
CA GLN E 191 -40.45 13.62 3.12
C GLN E 191 -41.12 14.96 2.80
N ILE E 192 -40.80 15.53 1.63
CA ILE E 192 -41.27 16.85 1.23
C ILE E 192 -42.54 16.83 0.39
N SER E 193 -43.39 17.80 0.60
CA SER E 193 -44.55 17.98 -0.25
C SER E 193 -44.80 19.45 -0.46
N VAL E 194 -45.02 19.81 -1.72
CA VAL E 194 -45.27 21.20 -2.11
C VAL E 194 -46.37 21.28 -3.16
N ASN E 195 -47.15 22.35 -3.11
CA ASN E 195 -48.08 22.69 -4.18
C ASN E 195 -48.41 24.18 -4.29
N LYS E 196 -49.30 24.49 -5.24
CA LYS E 196 -49.83 25.83 -5.47
C LYS E 196 -48.69 26.80 -5.80
N TYR E 197 -48.01 26.49 -6.90
CA TYR E 197 -46.85 27.27 -7.35
C TYR E 197 -47.25 28.57 -8.04
N ARG E 198 -46.61 29.67 -7.63
CA ARG E 198 -46.68 30.95 -8.36
C ARG E 198 -45.37 31.72 -8.18
N GLY E 199 -44.72 32.05 -9.29
CA GLY E 199 -43.45 32.76 -9.20
C GLY E 199 -42.77 33.05 -10.52
N THR E 200 -41.54 33.55 -10.42
CA THR E 200 -40.76 33.89 -11.59
C THR E 200 -39.53 33.01 -11.74
N ALA E 201 -39.22 32.22 -10.72
CA ALA E 201 -38.00 31.37 -10.73
C ALA E 201 -38.12 30.08 -11.54
N GLY E 202 -39.35 29.62 -11.76
CA GLY E 202 -39.60 28.37 -12.46
C GLY E 202 -39.89 27.29 -11.44
N ASN E 203 -40.90 26.47 -11.70
CA ASN E 203 -41.34 25.46 -10.75
C ASN E 203 -40.40 24.24 -10.68
N ALA E 204 -39.17 24.48 -10.23
CA ALA E 204 -38.16 23.42 -10.11
C ALA E 204 -38.62 22.28 -9.22
N LEU E 205 -39.29 22.63 -8.11
CA LEU E 205 -39.68 21.64 -7.12
C LEU E 205 -40.71 20.64 -7.63
N MET E 206 -41.74 21.13 -8.32
CA MET E 206 -42.87 20.29 -8.72
C MET E 206 -42.70 19.71 -10.12
N ASP E 207 -42.08 20.48 -11.00
CA ASP E 207 -42.02 20.12 -12.40
C ASP E 207 -40.67 19.61 -12.83
N GLY E 208 -39.63 19.92 -12.07
CA GLY E 208 -38.27 19.58 -12.48
C GLY E 208 -37.73 20.61 -13.46
N ALA E 209 -36.52 20.35 -13.96
CA ALA E 209 -35.80 21.29 -14.82
C ALA E 209 -36.43 21.42 -16.20
N SER E 210 -36.70 22.66 -16.60
CA SER E 210 -37.53 22.95 -17.78
C SER E 210 -36.82 22.81 -19.13
N GLN E 211 -35.50 22.83 -19.12
CA GLN E 211 -34.73 22.52 -20.32
C GLN E 211 -34.56 21.00 -20.50
N LEU E 212 -35.45 20.22 -19.90
CA LEU E 212 -35.37 18.76 -20.00
C LEU E 212 -36.69 18.15 -20.41
N MET E 213 -36.62 17.05 -21.15
CA MET E 213 -37.80 16.39 -21.72
C MET E 213 -38.10 15.04 -21.07
N GLY E 214 -39.39 14.75 -20.90
CA GLY E 214 -39.87 13.46 -20.41
C GLY E 214 -39.18 12.89 -19.18
N GLU E 215 -38.72 11.66 -19.31
CA GLU E 215 -38.03 10.92 -18.26
C GLU E 215 -36.90 11.73 -17.62
N ASN E 216 -36.07 12.34 -18.46
CA ASN E 216 -34.97 13.20 -18.01
C ASN E 216 -35.47 14.30 -17.05
N ARG E 217 -36.56 14.97 -17.42
CA ARG E 217 -37.11 16.05 -16.61
C ARG E 217 -37.65 15.55 -15.28
N THR E 218 -38.53 14.55 -15.33
CA THR E 218 -39.27 14.11 -14.14
C THR E 218 -38.40 13.46 -13.07
N MET E 219 -37.23 12.98 -13.45
CA MET E 219 -36.28 12.50 -12.45
C MET E 219 -35.57 13.66 -11.73
N THR E 220 -35.91 14.89 -12.10
CA THR E 220 -35.42 16.05 -11.36
C THR E 220 -36.50 16.73 -10.49
N ILE E 221 -37.73 16.21 -10.55
CA ILE E 221 -38.81 16.66 -9.66
C ILE E 221 -38.44 16.41 -8.19
N HIS E 222 -38.68 17.39 -7.35
CA HIS E 222 -38.37 17.22 -5.92
C HIS E 222 -39.57 16.83 -5.10
N ASN E 223 -40.75 17.28 -5.48
CA ASN E 223 -41.97 16.97 -4.78
C ASN E 223 -42.11 15.46 -4.48
N GLY E 224 -42.20 15.11 -3.20
CA GLY E 224 -42.37 13.71 -2.80
C GLY E 224 -41.11 12.96 -2.44
N MET E 225 -39.95 13.60 -2.64
CA MET E 225 -38.66 13.00 -2.32
C MET E 225 -38.34 12.99 -0.83
N PHE E 226 -37.49 12.04 -0.43
CA PHE E 226 -36.96 11.99 0.95
C PHE E 226 -35.72 12.85 1.05
N PHE E 227 -35.34 13.19 2.27
CA PHE E 227 -34.12 13.94 2.49
C PHE E 227 -32.91 13.01 2.50
N SER E 228 -31.86 13.38 1.76
CA SER E 228 -30.60 12.63 1.76
C SER E 228 -29.43 13.54 2.11
N THR E 229 -28.50 13.00 2.89
CA THR E 229 -27.21 13.63 3.17
C THR E 229 -26.13 12.66 2.71
N TYR E 230 -24.87 13.07 2.69
CA TYR E 230 -23.83 12.22 2.13
C TYR E 230 -23.59 10.90 2.90
N ASP E 231 -24.07 10.83 4.14
CA ASP E 231 -23.93 9.62 4.94
C ASP E 231 -25.27 8.91 5.13
N ARG E 232 -26.23 9.22 4.26
CA ARG E 232 -27.59 8.69 4.33
C ARG E 232 -28.30 8.83 2.97
N ASP E 233 -28.24 7.77 2.16
CA ASP E 233 -28.87 7.78 0.84
C ASP E 233 -30.36 7.52 0.95
N ASN E 234 -31.13 8.55 0.64
CA ASN E 234 -32.56 8.37 0.48
C ASN E 234 -33.00 8.88 -0.87
N ASP E 235 -32.07 9.03 -1.80
CA ASP E 235 -32.41 9.55 -3.12
C ASP E 235 -33.21 8.55 -3.92
N GLY E 236 -33.79 9.00 -5.03
CA GLY E 236 -34.45 8.13 -5.99
C GLY E 236 -33.50 7.69 -7.10
N TRP E 237 -32.22 7.54 -6.75
CA TRP E 237 -31.21 7.01 -7.65
C TRP E 237 -30.85 5.60 -7.19
N LEU E 238 -31.50 4.60 -7.79
CA LEU E 238 -31.34 3.20 -7.40
C LEU E 238 -30.10 2.61 -8.07
N THR E 239 -29.00 2.61 -7.32
CA THR E 239 -27.70 2.16 -7.82
C THR E 239 -26.85 1.55 -6.69
N SER E 240 -26.01 0.58 -7.05
CA SER E 240 -25.27 -0.21 -6.07
C SER E 240 -23.87 0.36 -5.78
N ASP E 241 -23.36 1.18 -6.70
CA ASP E 241 -22.10 1.91 -6.50
C ASP E 241 -22.25 2.97 -5.38
N PRO E 242 -21.57 2.76 -4.23
CA PRO E 242 -21.68 3.71 -3.11
C PRO E 242 -21.31 5.17 -3.43
N ARG E 243 -20.55 5.38 -4.52
CA ARG E 243 -20.14 6.73 -4.93
C ARG E 243 -21.21 7.43 -5.79
N LYS E 244 -22.11 6.65 -6.37
CA LYS E 244 -23.19 7.18 -7.18
C LYS E 244 -24.35 7.52 -6.27
N GLN E 245 -24.25 8.68 -5.62
CA GLN E 245 -25.25 9.17 -4.70
C GLN E 245 -25.33 10.68 -4.83
N CYS E 246 -26.54 11.19 -5.02
CA CYS E 246 -26.77 12.59 -5.30
C CYS E 246 -26.12 13.53 -4.29
N SER E 247 -26.42 13.31 -3.03
CA SER E 247 -25.93 14.15 -1.94
C SER E 247 -24.39 14.19 -1.84
N LYS E 248 -23.74 13.08 -2.19
CA LYS E 248 -22.27 13.03 -2.25
C LYS E 248 -21.78 13.82 -3.44
N GLU E 249 -22.33 13.53 -4.62
CA GLU E 249 -21.90 14.20 -5.85
C GLU E 249 -22.23 15.69 -5.85
N ASP E 250 -23.49 16.01 -5.55
CA ASP E 250 -23.97 17.39 -5.63
C ASP E 250 -23.67 18.21 -4.36
N GLY E 251 -23.11 17.53 -3.36
CA GLY E 251 -22.45 18.17 -2.23
C GLY E 251 -23.27 18.88 -1.17
N GLY E 252 -24.49 18.41 -0.92
CA GLY E 252 -25.31 18.97 0.15
C GLY E 252 -26.42 18.06 0.60
N GLY E 253 -26.99 18.35 1.77
CA GLY E 253 -28.21 17.67 2.25
C GLY E 253 -29.43 18.30 1.59
N TRP E 254 -30.22 17.48 0.90
CA TRP E 254 -31.35 18.02 0.15
C TRP E 254 -32.36 16.93 -0.22
N TRP E 255 -33.57 17.33 -0.58
CA TRP E 255 -34.56 16.39 -1.06
C TRP E 255 -34.24 15.92 -2.49
N TYR E 256 -33.04 15.40 -2.67
CA TYR E 256 -32.59 14.95 -3.98
C TYR E 256 -33.48 13.85 -4.54
N ASN E 257 -33.47 13.73 -5.86
CA ASN E 257 -34.24 12.74 -6.58
C ASN E 257 -33.24 11.92 -7.39
N ARG E 258 -32.89 12.43 -8.57
CA ARG E 258 -32.02 11.76 -9.52
C ARG E 258 -31.54 12.76 -10.60
N CYS E 259 -30.85 13.84 -10.21
CA CYS E 259 -30.58 14.16 -8.83
C CYS E 259 -31.35 15.40 -8.41
N HIS E 260 -31.31 16.45 -9.21
CA HIS E 260 -32.00 17.69 -8.85
C HIS E 260 -32.33 18.60 -10.03
N ALA E 261 -33.31 19.47 -9.80
CA ALA E 261 -33.54 20.69 -10.61
C ALA E 261 -33.08 21.91 -9.81
N ALA E 262 -33.18 21.80 -8.49
CA ALA E 262 -32.76 22.84 -7.57
C ALA E 262 -31.76 22.28 -6.59
N ASN E 263 -30.83 23.13 -6.17
CA ASN E 263 -29.82 22.78 -5.20
C ASN E 263 -29.51 23.97 -4.24
N PRO E 264 -30.53 24.42 -3.47
CA PRO E 264 -30.30 25.55 -2.58
C PRO E 264 -29.16 25.32 -1.60
N ASN E 265 -28.98 24.07 -1.16
CA ASN E 265 -27.93 23.74 -0.21
C ASN E 265 -26.59 23.38 -0.84
N GLY E 266 -26.46 23.69 -2.14
CA GLY E 266 -25.22 23.42 -2.87
C GLY E 266 -24.03 24.29 -2.47
N ARG E 267 -22.93 24.10 -3.18
CA ARG E 267 -21.65 24.79 -2.94
C ARG E 267 -21.64 26.21 -3.51
N TYR E 268 -21.20 27.15 -2.67
CA TYR E 268 -21.18 28.56 -3.04
C TYR E 268 -19.98 28.91 -3.94
N TYR E 269 -20.19 28.86 -5.26
CA TYR E 269 -19.16 29.26 -6.22
C TYR E 269 -19.14 30.77 -6.40
N TRP E 270 -18.07 31.40 -5.91
CA TRP E 270 -17.91 32.84 -6.10
C TRP E 270 -18.03 33.24 -7.57
N GLY E 271 -18.86 34.25 -7.83
CA GLY E 271 -18.97 34.82 -9.17
C GLY E 271 -20.07 34.24 -10.04
N GLY E 272 -20.70 33.15 -9.57
CA GLY E 272 -21.83 32.56 -10.29
C GLY E 272 -21.46 31.47 -11.26
N GLN E 273 -20.83 31.88 -12.38
CA GLN E 273 -20.38 30.99 -13.44
C GLN E 273 -19.38 29.96 -12.94
N TYR E 274 -19.69 28.69 -13.17
CA TYR E 274 -18.74 27.60 -12.91
C TYR E 274 -18.96 26.49 -13.94
N THR E 275 -17.98 25.60 -14.07
CA THR E 275 -18.02 24.53 -15.07
C THR E 275 -17.62 23.19 -14.47
N TRP E 276 -17.92 22.12 -15.19
CA TRP E 276 -17.75 20.75 -14.70
C TRP E 276 -16.31 20.43 -14.21
N ASP E 277 -15.31 21.00 -14.89
CA ASP E 277 -13.91 20.79 -14.52
C ASP E 277 -13.53 21.75 -13.39
N MET E 278 -14.49 22.03 -12.53
CA MET E 278 -14.29 22.83 -11.34
C MET E 278 -14.91 22.08 -10.18
N ALA E 279 -15.99 21.35 -10.45
CA ALA E 279 -16.72 20.62 -9.42
C ALA E 279 -15.96 19.40 -8.94
N LYS E 280 -15.96 19.19 -7.62
CA LYS E 280 -15.28 18.05 -7.02
C LYS E 280 -15.52 16.80 -7.84
N HIS E 281 -16.80 16.52 -8.13
CA HIS E 281 -17.23 15.32 -8.81
C HIS E 281 -17.73 15.52 -10.24
N GLY E 282 -17.54 16.72 -10.77
CA GLY E 282 -17.93 17.00 -12.15
C GLY E 282 -19.42 17.14 -12.37
N THR E 283 -20.18 17.20 -11.29
CA THR E 283 -21.62 17.46 -11.40
C THR E 283 -21.93 18.94 -11.12
N ASP E 284 -23.20 19.30 -11.27
CA ASP E 284 -23.61 20.66 -11.01
C ASP E 284 -24.02 20.84 -9.55
N ASP E 285 -23.05 20.65 -8.65
CA ASP E 285 -23.18 21.09 -7.24
C ASP E 285 -23.24 22.61 -7.21
N GLY E 286 -23.53 23.19 -6.05
CA GLY E 286 -23.64 24.65 -6.07
C GLY E 286 -25.07 25.16 -6.09
N VAL E 287 -25.23 26.40 -5.63
CA VAL E 287 -26.54 26.96 -5.39
C VAL E 287 -27.25 27.19 -6.72
N VAL E 288 -28.01 26.18 -7.13
CA VAL E 288 -28.58 26.10 -8.47
C VAL E 288 -30.10 26.03 -8.48
N TRP E 289 -30.71 26.74 -9.43
CA TRP E 289 -32.13 26.63 -9.72
C TRP E 289 -32.24 26.55 -11.22
N MET E 290 -32.06 25.33 -11.73
CA MET E 290 -31.96 25.09 -13.17
C MET E 290 -32.96 25.85 -14.03
N ASN E 291 -34.21 25.93 -13.56
CA ASN E 291 -35.28 26.60 -14.30
C ASN E 291 -35.10 28.09 -14.59
N TRP E 292 -34.00 28.68 -14.11
CA TRP E 292 -33.77 30.11 -14.26
C TRP E 292 -32.40 30.43 -14.85
N LYS E 293 -31.37 29.67 -14.46
CA LYS E 293 -29.99 29.89 -14.93
C LYS E 293 -29.28 28.63 -15.40
N GLY E 294 -29.97 27.49 -15.35
CA GLY E 294 -29.37 26.22 -15.74
C GLY E 294 -28.47 25.65 -14.66
N SER E 295 -27.87 24.50 -14.95
CA SER E 295 -27.00 23.78 -14.01
C SER E 295 -25.71 24.52 -13.60
N TRP E 296 -25.22 25.40 -14.46
CA TRP E 296 -23.85 25.90 -14.34
C TRP E 296 -23.68 27.34 -13.83
N TYR E 297 -24.66 27.81 -13.07
CA TYR E 297 -24.60 29.13 -12.46
C TYR E 297 -24.95 29.01 -10.97
N SER E 298 -24.10 29.56 -10.12
CA SER E 298 -24.29 29.45 -8.67
C SER E 298 -24.75 30.79 -8.10
N MET E 299 -25.94 30.81 -7.49
CA MET E 299 -26.56 32.06 -7.02
C MET E 299 -25.67 32.87 -6.08
N ARG E 300 -25.89 34.18 -6.00
CA ARG E 300 -25.24 34.94 -4.94
C ARG E 300 -26.07 34.83 -3.66
N LYS E 301 -27.39 34.92 -3.81
CA LYS E 301 -28.31 34.72 -2.69
C LYS E 301 -29.30 33.60 -2.97
N MET E 302 -29.76 32.95 -1.90
CA MET E 302 -30.77 31.90 -1.94
C MET E 302 -31.29 31.78 -0.52
N SER E 303 -32.61 31.67 -0.38
CA SER E 303 -33.21 31.66 0.94
C SER E 303 -34.55 30.96 0.89
N MET E 304 -34.92 30.36 2.02
CA MET E 304 -36.17 29.63 2.15
C MET E 304 -36.91 30.16 3.38
N LYS E 305 -38.03 30.83 3.14
CA LYS E 305 -38.83 31.43 4.21
C LYS E 305 -40.21 30.78 4.28
N ILE E 306 -40.76 30.72 5.49
CA ILE E 306 -42.06 30.09 5.73
C ILE E 306 -42.97 30.91 6.64
N ARG E 307 -44.28 30.60 6.58
CA ARG E 307 -45.32 31.36 7.25
C ARG E 307 -46.64 30.61 7.18
N PRO E 308 -47.42 30.64 8.28
CA PRO E 308 -48.79 30.11 8.23
C PRO E 308 -49.58 30.65 7.04
N PHE E 309 -50.24 29.75 6.32
CA PHE E 309 -51.03 30.14 5.15
C PHE E 309 -52.50 30.34 5.48
N PHE E 310 -52.87 31.61 5.64
CA PHE E 310 -54.26 32.04 5.71
C PHE E 310 -54.82 31.95 4.28
N PRO E 311 -55.97 31.30 4.09
CA PRO E 311 -56.54 31.14 2.73
C PRO E 311 -56.99 32.47 2.07
N LEU F 15 12.22 15.97 -14.18
CA LEU F 15 10.78 16.17 -14.53
C LEU F 15 9.91 15.03 -14.02
N GLN F 16 10.43 13.80 -14.12
CA GLN F 16 9.77 12.62 -13.57
C GLN F 16 9.74 12.68 -12.04
N GLU F 17 10.73 13.36 -11.47
CA GLU F 17 10.85 13.47 -10.02
C GLU F 17 9.97 14.57 -9.44
N ILE F 18 9.96 15.74 -10.10
CA ILE F 18 9.18 16.90 -9.62
C ILE F 18 7.67 16.61 -9.67
N TYR F 19 7.19 16.03 -10.77
CA TYR F 19 5.80 15.60 -10.87
C TYR F 19 5.43 14.60 -9.77
N ASN F 20 6.28 13.61 -9.57
CA ASN F 20 6.00 12.53 -8.61
C ASN F 20 5.93 12.99 -7.15
N SER F 21 6.54 14.12 -6.85
CA SER F 21 6.44 14.73 -5.52
C SER F 21 5.48 15.94 -5.48
N ASN F 22 4.98 16.34 -6.66
CA ASN F 22 3.83 17.25 -6.73
C ASN F 22 2.54 16.56 -6.28
N ASN F 23 2.30 15.35 -6.79
CA ASN F 23 1.19 14.52 -6.33
C ASN F 23 1.34 14.19 -4.85
N GLN F 24 2.59 13.90 -4.44
CA GLN F 24 2.90 13.58 -3.05
C GLN F 24 2.52 14.73 -2.11
N LYS F 25 2.79 15.96 -2.56
CA LYS F 25 2.33 17.15 -1.86
C LYS F 25 0.79 17.19 -1.92
N ILE F 26 0.25 17.18 -3.14
CA ILE F 26 -1.18 17.26 -3.38
C ILE F 26 -1.99 16.32 -2.48
N VAL F 27 -1.49 15.09 -2.30
CA VAL F 27 -2.13 14.11 -1.44
C VAL F 27 -2.21 14.60 0.01
N ASN F 28 -1.10 15.18 0.48
CA ASN F 28 -1.03 15.72 1.85
C ASN F 28 -1.78 17.05 2.02
N LEU F 29 -1.66 17.93 1.02
CA LEU F 29 -2.44 19.15 0.96
C LEU F 29 -3.94 18.85 1.13
N LYS F 30 -4.45 17.92 0.33
CA LYS F 30 -5.84 17.45 0.46
C LYS F 30 -6.11 16.94 1.86
N GLU F 31 -5.21 16.11 2.38
CA GLU F 31 -5.35 15.59 3.74
C GLU F 31 -5.38 16.73 4.76
N LYS F 32 -4.76 17.85 4.40
CA LYS F 32 -4.70 19.02 5.27
C LYS F 32 -5.92 19.93 5.10
N VAL F 33 -6.54 19.89 3.91
CA VAL F 33 -7.84 20.52 3.67
C VAL F 33 -8.92 19.82 4.52
N ALA F 34 -8.76 18.52 4.70
CA ALA F 34 -9.73 17.72 5.42
C ALA F 34 -9.75 18.02 6.91
N GLN F 35 -8.58 18.34 7.48
CA GLN F 35 -8.47 18.70 8.91
C GLN F 35 -8.85 20.15 9.18
N LEU F 36 -8.82 20.97 8.12
CA LEU F 36 -9.30 22.34 8.16
C LEU F 36 -10.82 22.34 8.22
N GLU F 37 -11.41 21.54 7.33
CA GLU F 37 -12.86 21.37 7.26
C GLU F 37 -13.45 21.09 8.63
N ALA F 38 -12.82 20.19 9.38
CA ALA F 38 -13.27 19.82 10.74
C ALA F 38 -13.16 20.96 11.77
N GLN F 39 -12.31 21.94 11.49
CA GLN F 39 -12.17 23.12 12.34
C GLN F 39 -13.19 24.21 12.03
N CYS F 40 -14.05 23.97 11.03
CA CYS F 40 -14.96 25.00 10.51
C CYS F 40 -16.44 24.61 10.51
N GLN F 41 -16.83 23.73 11.42
CA GLN F 41 -18.22 23.27 11.53
C GLN F 41 -19.01 24.06 12.57
N GLU F 42 -18.32 24.65 13.52
CA GLU F 42 -18.95 25.42 14.57
C GLU F 42 -19.64 26.69 14.06
N PRO F 43 -20.74 27.08 14.70
CA PRO F 43 -21.26 28.42 14.42
C PRO F 43 -20.49 29.42 15.26
N CYS F 44 -20.60 30.71 14.95
CA CYS F 44 -20.00 31.74 15.79
C CYS F 44 -20.54 31.62 17.22
N LYS F 45 -19.67 31.87 18.19
CA LYS F 45 -20.05 31.77 19.58
C LYS F 45 -20.79 33.06 19.94
N ASP F 46 -22.07 32.95 20.29
CA ASP F 46 -22.86 34.09 20.75
C ASP F 46 -22.47 34.41 22.19
N THR F 47 -22.18 35.68 22.47
CA THR F 47 -21.75 36.08 23.83
C THR F 47 -22.92 36.10 24.81
N VAL F 48 -24.14 36.19 24.27
CA VAL F 48 -25.32 36.16 25.12
C VAL F 48 -25.82 34.71 25.23
N GLN F 49 -25.85 34.22 26.46
CA GLN F 49 -26.30 32.87 26.74
C GLN F 49 -27.51 32.94 27.66
N ILE F 50 -28.39 31.94 27.57
CA ILE F 50 -29.49 31.84 28.52
C ILE F 50 -29.17 30.75 29.54
N HIS F 51 -29.30 31.08 30.82
CA HIS F 51 -29.02 30.14 31.91
C HIS F 51 -30.00 28.98 31.95
N ASP F 52 -29.54 27.82 32.41
CA ASP F 52 -30.33 26.59 32.38
C ASP F 52 -31.46 26.49 33.42
N ILE F 53 -31.24 27.07 34.60
CA ILE F 53 -32.23 27.03 35.70
C ILE F 53 -33.50 27.80 35.36
N THR F 54 -34.67 27.19 35.59
CA THR F 54 -35.95 27.90 35.54
C THR F 54 -36.65 27.78 36.86
N GLY F 55 -37.74 28.53 36.97
CA GLY F 55 -38.59 28.54 38.15
C GLY F 55 -39.83 29.34 37.81
N LYS F 56 -40.64 29.61 38.83
CA LYS F 56 -41.88 30.34 38.65
C LYS F 56 -41.60 31.83 38.57
N ASP F 57 -40.49 32.26 39.17
CA ASP F 57 -39.98 33.63 39.06
C ASP F 57 -38.49 33.68 39.42
N CYS F 58 -37.87 34.86 39.31
CA CYS F 58 -36.43 35.01 39.59
C CYS F 58 -36.05 34.62 41.01
N GLN F 59 -36.98 34.78 41.95
CA GLN F 59 -36.72 34.38 43.34
C GLN F 59 -36.59 32.87 43.43
N ASP F 60 -37.56 32.16 42.84
CA ASP F 60 -37.54 30.71 42.76
C ASP F 60 -36.23 30.24 42.13
N ILE F 61 -35.81 30.95 41.08
CA ILE F 61 -34.52 30.71 40.42
C ILE F 61 -33.35 30.93 41.38
N ALA F 62 -33.39 32.00 42.16
CA ALA F 62 -32.35 32.27 43.14
C ALA F 62 -32.30 31.17 44.21
N ASN F 63 -33.47 30.75 44.66
CA ASN F 63 -33.60 29.74 45.70
C ASN F 63 -33.05 28.38 45.28
N LYS F 64 -33.10 28.10 43.98
CA LYS F 64 -32.56 26.85 43.44
C LYS F 64 -31.04 26.89 43.35
N GLY F 65 -30.45 28.07 43.56
CA GLY F 65 -29.01 28.20 43.69
C GLY F 65 -28.32 29.11 42.71
N ALA F 66 -29.09 29.68 41.78
CA ALA F 66 -28.55 30.59 40.76
C ALA F 66 -27.83 31.74 41.40
N LYS F 67 -26.67 32.11 40.85
CA LYS F 67 -25.87 33.17 41.45
C LYS F 67 -25.58 34.34 40.52
N GLN F 68 -25.73 34.12 39.23
CA GLN F 68 -25.39 35.11 38.24
C GLN F 68 -26.64 35.85 37.79
N SER F 69 -26.57 37.17 37.68
CA SER F 69 -27.64 37.93 37.03
C SER F 69 -27.62 37.65 35.54
N GLY F 70 -28.78 37.82 34.91
CA GLY F 70 -28.88 37.65 33.47
C GLY F 70 -30.16 36.99 33.04
N LEU F 71 -30.09 36.31 31.91
CA LEU F 71 -31.28 35.81 31.23
C LEU F 71 -31.67 34.41 31.66
N TYR F 72 -32.96 34.26 31.97
CA TYR F 72 -33.53 32.99 32.40
C TYR F 72 -34.94 32.92 31.83
N PHE F 73 -35.41 31.69 31.61
CA PHE F 73 -36.84 31.46 31.34
C PHE F 73 -37.55 31.29 32.66
N ILE F 74 -38.71 31.93 32.78
CA ILE F 74 -39.59 31.67 33.92
C ILE F 74 -40.94 31.24 33.40
N LYS F 75 -41.68 30.53 34.25
CA LYS F 75 -43.02 30.08 33.90
C LYS F 75 -43.89 30.14 35.16
N PRO F 76 -44.56 31.29 35.38
CA PRO F 76 -45.44 31.42 36.53
C PRO F 76 -46.54 30.36 36.51
N LEU F 77 -47.09 30.06 37.68
CA LEU F 77 -48.05 28.97 37.82
C LEU F 77 -49.07 28.95 36.70
N LYS F 78 -49.84 30.04 36.58
CA LYS F 78 -50.95 30.08 35.62
C LYS F 78 -50.57 30.62 34.26
N ALA F 79 -49.32 30.39 33.84
CA ALA F 79 -48.88 30.86 32.53
C ALA F 79 -49.10 29.74 31.54
N ASN F 80 -49.50 30.10 30.33
CA ASN F 80 -49.69 29.15 29.24
C ASN F 80 -48.37 28.62 28.71
N GLN F 81 -47.28 29.27 29.09
CA GLN F 81 -45.99 29.07 28.42
C GLN F 81 -44.90 29.87 29.12
N GLN F 82 -43.67 29.43 28.94
CA GLN F 82 -42.51 30.12 29.50
C GLN F 82 -42.06 31.28 28.62
N PHE F 83 -41.54 32.31 29.24
CA PHE F 83 -40.99 33.47 28.54
C PHE F 83 -39.70 33.88 29.19
N LEU F 84 -38.91 34.69 28.48
CA LEU F 84 -37.58 35.11 28.94
C LEU F 84 -37.66 36.37 29.77
N VAL F 85 -36.90 36.41 30.87
CA VAL F 85 -36.81 37.60 31.71
C VAL F 85 -35.34 37.92 31.99
N TYR F 86 -35.10 39.12 32.51
CA TYR F 86 -33.80 39.45 33.09
C TYR F 86 -33.91 39.42 34.62
N CYS F 87 -33.26 38.42 35.22
CA CYS F 87 -33.20 38.28 36.68
C CYS F 87 -31.99 39.01 37.24
N GLU F 88 -32.25 39.78 38.29
CA GLU F 88 -31.22 40.43 39.07
C GLU F 88 -31.06 39.63 40.35
N ILE F 89 -29.88 39.06 40.54
CA ILE F 89 -29.62 38.20 41.69
C ILE F 89 -28.44 38.75 42.47
N ASP F 90 -28.68 39.21 43.71
CA ASP F 90 -27.61 39.76 44.55
C ASP F 90 -26.94 38.68 45.37
N GLY F 91 -26.02 39.10 46.23
CA GLY F 91 -25.27 38.18 47.07
C GLY F 91 -25.99 37.92 48.39
N SER F 92 -27.32 37.86 48.34
CA SER F 92 -28.14 37.49 49.49
C SER F 92 -29.29 36.61 49.02
N GLY F 93 -29.16 36.13 47.78
CA GLY F 93 -30.14 35.24 47.19
C GLY F 93 -31.48 35.88 46.90
N ASN F 94 -31.50 37.21 46.76
CA ASN F 94 -32.70 37.92 46.30
C ASN F 94 -32.76 37.87 44.80
N GLY F 95 -33.86 37.35 44.30
CA GLY F 95 -34.07 37.21 42.86
C GLY F 95 -35.09 38.22 42.39
N TRP F 96 -34.62 39.40 42.00
CA TRP F 96 -35.49 40.42 41.46
C TRP F 96 -35.81 40.09 40.02
N THR F 97 -37.02 40.38 39.59
CA THR F 97 -37.34 40.20 38.18
C THR F 97 -37.78 41.52 37.58
N VAL F 98 -36.98 41.98 36.62
CA VAL F 98 -37.06 43.33 36.09
C VAL F 98 -38.04 43.43 34.90
N PHE F 99 -39.03 44.30 34.99
CA PHE F 99 -40.00 44.42 33.90
C PHE F 99 -39.98 45.74 33.10
N GLN F 100 -39.11 46.66 33.51
CA GLN F 100 -38.93 47.93 32.81
C GLN F 100 -37.49 48.41 33.00
N LYS F 101 -36.93 49.03 31.96
CA LYS F 101 -35.57 49.57 32.00
C LYS F 101 -35.41 50.72 31.00
N ARG F 102 -34.87 51.84 31.49
CA ARG F 102 -34.46 52.98 30.67
C ARG F 102 -33.02 53.29 31.03
N LEU F 103 -32.22 53.65 30.04
CA LEU F 103 -30.81 54.00 30.29
C LEU F 103 -30.10 54.84 29.22
N ASP F 104 -30.61 54.84 27.99
CA ASP F 104 -29.94 55.62 26.93
C ASP F 104 -30.84 56.20 25.80
N GLY F 105 -32.17 56.14 26.00
CA GLY F 105 -33.10 56.57 24.95
C GLY F 105 -33.00 55.83 23.61
N SER F 106 -32.42 54.64 23.61
CA SER F 106 -32.28 53.85 22.38
C SER F 106 -33.58 53.16 21.94
N VAL F 107 -34.53 53.01 22.85
CA VAL F 107 -35.78 52.32 22.52
C VAL F 107 -36.94 53.30 22.57
N ASP F 108 -37.79 53.26 21.55
CA ASP F 108 -38.93 54.18 21.44
C ASP F 108 -40.12 53.64 22.22
N PHE F 109 -40.56 54.38 23.23
CA PHE F 109 -41.64 53.94 24.09
C PHE F 109 -43.07 54.36 23.68
N LYS F 110 -43.17 55.10 22.58
CA LYS F 110 -44.47 55.41 22.00
C LYS F 110 -45.01 54.17 21.29
N LYS F 111 -45.49 53.21 22.07
CA LYS F 111 -45.98 51.95 21.53
C LYS F 111 -47.47 51.78 21.83
N ASN F 112 -48.10 50.86 21.10
CA ASN F 112 -49.54 50.65 21.23
C ASN F 112 -49.91 49.60 22.25
N TRP F 113 -51.21 49.36 22.40
CA TRP F 113 -51.75 48.44 23.40
C TRP F 113 -51.12 47.05 23.28
N ILE F 114 -51.16 46.49 22.08
CA ILE F 114 -50.62 45.18 21.80
C ILE F 114 -49.12 45.09 22.11
N GLN F 115 -48.38 46.17 21.84
CA GLN F 115 -46.93 46.15 22.08
C GLN F 115 -46.60 46.24 23.56
N TYR F 116 -47.38 47.01 24.31
CA TYR F 116 -47.24 47.06 25.76
C TYR F 116 -47.76 45.79 26.44
N LYS F 117 -48.61 45.07 25.71
CA LYS F 117 -49.18 43.84 26.23
C LYS F 117 -48.17 42.70 26.15
N GLU F 118 -47.43 42.65 25.05
CA GLU F 118 -46.55 41.52 24.77
C GLU F 118 -45.09 41.83 25.07
N GLY F 119 -44.77 43.11 25.28
CA GLY F 119 -43.40 43.54 25.50
C GLY F 119 -42.63 43.97 24.26
N PHE F 120 -41.61 44.82 24.46
CA PHE F 120 -40.77 45.34 23.38
C PHE F 120 -39.40 45.76 23.92
N GLY F 121 -38.45 45.95 23.00
CA GLY F 121 -37.06 46.15 23.39
C GLY F 121 -36.26 44.86 23.39
N HIS F 122 -35.14 44.86 24.09
CA HIS F 122 -34.23 43.72 24.07
C HIS F 122 -33.78 43.34 25.47
N LEU F 123 -33.62 42.04 25.71
CA LEU F 123 -33.08 41.53 26.97
C LEU F 123 -31.60 41.24 26.79
N SER F 124 -30.77 41.76 27.68
CA SER F 124 -29.32 41.52 27.65
C SER F 124 -28.82 40.86 28.94
N PRO F 125 -27.81 39.98 28.85
CA PRO F 125 -27.30 39.29 30.02
C PRO F 125 -26.70 40.24 31.04
N THR F 126 -26.22 41.40 30.57
CA THR F 126 -25.58 42.39 31.44
C THR F 126 -26.53 43.50 31.91
N GLY F 127 -27.79 43.44 31.47
CA GLY F 127 -28.82 44.41 31.87
C GLY F 127 -28.44 45.82 31.49
N THR F 128 -27.93 45.96 30.27
CA THR F 128 -27.47 47.26 29.78
C THR F 128 -28.36 47.72 28.63
N THR F 129 -29.66 47.47 28.76
CA THR F 129 -30.54 47.44 27.61
C THR F 129 -31.98 47.82 27.99
N GLU F 130 -32.60 48.67 27.16
CA GLU F 130 -33.97 49.18 27.41
C GLU F 130 -35.05 48.20 26.99
N PHE F 131 -36.12 48.13 27.77
CA PHE F 131 -37.24 47.23 27.45
C PHE F 131 -38.45 47.41 28.36
N TRP F 132 -39.61 47.02 27.85
CA TRP F 132 -40.79 46.83 28.67
C TRP F 132 -41.17 45.37 28.49
N LEU F 133 -41.22 44.62 29.59
CA LEU F 133 -41.39 43.16 29.56
C LEU F 133 -42.73 42.72 28.99
N GLY F 134 -43.77 43.52 29.23
CA GLY F 134 -45.11 43.22 28.71
C GLY F 134 -46.11 43.03 29.82
N ASN F 135 -47.29 43.63 29.67
CA ASN F 135 -48.28 43.66 30.77
C ASN F 135 -48.77 42.28 31.15
N GLU F 136 -49.01 41.44 30.15
CA GLU F 136 -49.49 40.09 30.39
C GLU F 136 -48.51 39.35 31.28
N LYS F 137 -47.24 39.37 30.92
CA LYS F 137 -46.22 38.74 31.76
C LYS F 137 -46.24 39.35 33.17
N ILE F 138 -46.17 40.68 33.25
CA ILE F 138 -46.18 41.34 34.56
C ILE F 138 -47.41 40.92 35.34
N HIS F 139 -48.53 40.73 34.66
CA HIS F 139 -49.74 40.24 35.33
C HIS F 139 -49.49 38.84 35.91
N LEU F 140 -49.07 37.90 35.06
CA LEU F 140 -48.81 36.53 35.49
C LEU F 140 -47.85 36.41 36.68
N ILE F 141 -46.71 37.12 36.60
CA ILE F 141 -45.72 37.12 37.66
C ILE F 141 -46.23 37.72 38.97
N SER F 142 -47.07 38.76 38.87
CA SER F 142 -47.51 39.48 40.07
C SER F 142 -48.69 38.84 40.80
N THR F 143 -49.35 37.88 40.16
CA THR F 143 -50.61 37.33 40.69
C THR F 143 -50.66 35.78 40.75
N GLN F 144 -49.55 35.16 41.15
CA GLN F 144 -49.51 33.72 41.43
C GLN F 144 -50.05 33.46 42.83
N SER F 145 -51.22 32.84 42.91
CA SER F 145 -52.01 32.71 44.15
C SER F 145 -51.24 32.84 45.46
N ALA F 146 -51.67 33.83 46.25
CA ALA F 146 -51.29 34.01 47.65
C ALA F 146 -49.78 34.07 47.96
N ILE F 147 -49.02 34.71 47.07
CA ILE F 147 -47.63 35.08 47.36
C ILE F 147 -47.50 36.56 46.99
N PRO F 148 -47.64 37.44 47.99
CA PRO F 148 -47.61 38.89 47.73
C PRO F 148 -46.27 39.40 47.16
N TYR F 149 -46.34 40.31 46.21
CA TYR F 149 -45.13 40.85 45.58
C TYR F 149 -44.84 42.29 45.99
N ALA F 150 -43.60 42.71 45.76
CA ALA F 150 -43.20 44.08 46.02
C ALA F 150 -42.56 44.62 44.76
N LEU F 151 -42.75 45.91 44.52
CA LEU F 151 -42.14 46.58 43.38
C LEU F 151 -41.09 47.55 43.90
N ARG F 152 -39.89 47.50 43.31
CA ARG F 152 -38.93 48.57 43.52
C ARG F 152 -38.75 49.40 42.25
N VAL F 153 -39.13 50.67 42.35
CA VAL F 153 -38.81 51.63 41.32
C VAL F 153 -37.42 52.13 41.70
N GLU F 154 -36.53 52.24 40.72
CA GLU F 154 -35.18 52.73 40.96
C GLU F 154 -34.79 53.75 39.91
N LEU F 155 -34.43 54.95 40.34
CA LEU F 155 -34.08 56.05 39.45
C LEU F 155 -32.59 56.44 39.52
N GLU F 156 -32.08 57.04 38.45
CA GLU F 156 -30.78 57.72 38.50
C GLU F 156 -30.86 59.05 37.73
N ASP F 157 -30.34 60.12 38.33
CA ASP F 157 -30.26 61.42 37.67
C ASP F 157 -29.02 61.55 36.76
N TRP F 158 -28.80 62.73 36.21
CA TRP F 158 -27.67 62.96 35.31
C TRP F 158 -26.44 63.47 36.05
N ASN F 159 -26.30 63.02 37.31
CA ASN F 159 -25.21 63.44 38.18
C ASN F 159 -24.60 62.34 39.03
N GLY F 160 -25.13 61.13 38.90
CA GLY F 160 -24.61 59.99 39.63
C GLY F 160 -25.38 59.65 40.90
N ARG F 161 -26.44 60.41 41.19
CA ARG F 161 -27.27 60.10 42.34
C ARG F 161 -28.39 59.16 41.93
N THR F 162 -28.66 58.17 42.77
CA THR F 162 -29.72 57.21 42.52
C THR F 162 -30.69 57.16 43.72
N SER F 163 -31.95 56.82 43.46
CA SER F 163 -32.96 56.77 44.51
C SER F 163 -33.97 55.66 44.25
N THR F 164 -34.73 55.31 45.28
CA THR F 164 -35.63 54.17 45.23
C THR F 164 -36.99 54.48 45.85
N ALA F 165 -38.00 53.71 45.43
CA ALA F 165 -39.34 53.75 45.97
C ALA F 165 -39.88 52.32 45.92
N ASP F 166 -40.42 51.85 47.05
CA ASP F 166 -40.92 50.50 47.14
C ASP F 166 -42.40 50.48 47.39
N TYR F 167 -43.08 49.50 46.80
CA TYR F 167 -44.54 49.37 46.92
C TYR F 167 -44.93 47.96 47.31
N ALA F 168 -45.56 47.84 48.48
CA ALA F 168 -45.95 46.57 49.04
C ALA F 168 -47.24 46.07 48.40
N MET F 169 -47.31 44.76 48.19
CA MET F 169 -48.46 44.06 47.57
C MET F 169 -48.75 44.52 46.13
N PHE F 170 -47.70 44.72 45.35
CA PHE F 170 -47.82 45.06 43.94
C PHE F 170 -48.55 43.98 43.15
N LYS F 171 -49.44 44.42 42.27
CA LYS F 171 -50.17 43.55 41.35
C LYS F 171 -50.50 44.31 40.08
N VAL F 172 -50.58 43.60 38.96
CA VAL F 172 -51.15 44.15 37.74
C VAL F 172 -52.30 43.23 37.31
N GLY F 173 -53.44 43.82 36.97
CA GLY F 173 -54.62 43.03 36.62
C GLY F 173 -54.52 42.32 35.26
N PRO F 174 -55.55 41.55 34.90
CA PRO F 174 -55.61 40.97 33.56
C PRO F 174 -56.08 41.99 32.51
N GLU F 175 -56.06 41.60 31.24
CA GLU F 175 -56.47 42.49 30.16
C GLU F 175 -57.90 42.96 30.33
N ALA F 176 -58.73 42.09 30.93
CA ALA F 176 -60.16 42.38 31.08
C ALA F 176 -60.41 43.58 32.00
N ASP F 177 -59.48 43.85 32.91
CA ASP F 177 -59.53 45.05 33.72
C ASP F 177 -58.36 45.97 33.35
N LYS F 178 -57.95 45.90 32.08
CA LYS F 178 -56.93 46.80 31.51
C LYS F 178 -55.63 46.92 32.35
N TYR F 179 -55.10 45.79 32.80
CA TYR F 179 -53.80 45.75 33.47
C TYR F 179 -53.67 46.83 34.55
N ARG F 180 -54.64 46.83 35.45
CA ARG F 180 -54.73 47.84 36.50
C ARG F 180 -53.58 47.73 37.50
N LEU F 181 -52.86 48.83 37.68
CA LEU F 181 -51.85 48.90 38.73
C LEU F 181 -52.56 48.99 40.06
N THR F 182 -52.17 48.12 40.98
CA THR F 182 -52.71 48.13 42.33
C THR F 182 -51.58 47.84 43.31
N TYR F 183 -51.61 48.51 44.46
CA TYR F 183 -50.72 48.20 45.57
C TYR F 183 -51.41 48.57 46.88
N ALA F 184 -51.06 47.87 47.95
CA ALA F 184 -51.67 48.12 49.26
C ALA F 184 -51.15 49.39 49.95
N TYR F 185 -49.84 49.61 49.93
CA TYR F 185 -49.24 50.80 50.55
C TYR F 185 -47.83 51.09 50.06
N PHE F 186 -47.33 52.28 50.39
CA PHE F 186 -45.99 52.71 50.05
C PHE F 186 -45.01 52.19 51.09
N ALA F 187 -43.98 51.47 50.65
CA ALA F 187 -43.04 50.84 51.57
C ALA F 187 -41.75 51.63 51.77
N GLY F 188 -41.81 52.95 51.61
CA GLY F 188 -40.65 53.81 51.87
C GLY F 188 -39.69 53.94 50.69
N GLY F 189 -38.76 54.88 50.81
CA GLY F 189 -37.78 55.11 49.76
C GLY F 189 -37.52 56.58 49.56
N ASP F 190 -36.27 56.91 49.29
CA ASP F 190 -35.84 58.31 49.24
C ASP F 190 -36.10 58.95 47.88
N ALA F 191 -37.00 58.34 47.10
CA ALA F 191 -37.46 58.94 45.85
C ALA F 191 -38.87 59.48 46.01
N GLY F 192 -39.58 58.96 47.01
CA GLY F 192 -40.89 59.48 47.41
C GLY F 192 -42.04 58.74 46.76
N ASP F 193 -43.20 58.73 47.42
CA ASP F 193 -44.37 58.05 46.90
C ASP F 193 -45.08 58.87 45.80
N ALA F 194 -44.43 58.94 44.63
CA ALA F 194 -45.02 59.62 43.47
C ALA F 194 -46.33 58.99 43.02
N PHE F 195 -46.53 57.72 43.37
CA PHE F 195 -47.75 57.00 43.03
C PHE F 195 -48.93 57.45 43.89
N ASP F 196 -48.67 58.30 44.88
CA ASP F 196 -49.72 58.89 45.73
C ASP F 196 -50.24 60.19 45.13
N GLY F 197 -49.65 60.62 44.01
CA GLY F 197 -49.95 61.92 43.42
C GLY F 197 -49.02 63.01 43.92
N PHE F 198 -49.06 64.16 43.25
CA PHE F 198 -48.23 65.30 43.66
C PHE F 198 -48.98 66.65 43.65
N ASP F 199 -48.67 67.48 44.65
CA ASP F 199 -49.14 68.86 44.69
C ASP F 199 -48.22 69.69 43.79
N PHE F 200 -48.57 69.75 42.51
CA PHE F 200 -47.77 70.47 41.51
C PHE F 200 -47.84 71.99 41.69
N GLY F 201 -48.89 72.46 42.36
CA GLY F 201 -49.10 73.88 42.57
C GLY F 201 -50.13 74.50 41.63
N ASP F 202 -50.22 73.93 40.43
CA ASP F 202 -51.13 74.42 39.40
C ASP F 202 -52.59 74.47 39.84
N ASP F 203 -53.02 73.51 40.65
CA ASP F 203 -54.41 73.45 41.14
C ASP F 203 -54.58 72.56 42.38
N PRO F 204 -55.30 73.04 43.40
CA PRO F 204 -55.60 72.27 44.62
C PRO F 204 -56.01 70.80 44.41
N SER F 205 -56.38 70.43 43.18
CA SER F 205 -56.80 69.05 42.89
C SER F 205 -55.71 68.15 42.27
N ASP F 206 -54.54 68.73 42.00
CA ASP F 206 -53.46 68.03 41.30
C ASP F 206 -53.07 66.68 41.91
N LYS F 207 -52.89 66.65 43.23
CA LYS F 207 -52.57 65.41 43.97
C LYS F 207 -53.56 64.29 43.67
N PHE F 208 -54.85 64.56 43.87
CA PHE F 208 -55.92 63.59 43.60
C PHE F 208 -55.87 63.05 42.17
N PHE F 209 -55.50 63.90 41.22
CA PHE F 209 -55.56 63.56 39.79
C PHE F 209 -54.26 63.01 39.19
N THR F 210 -53.19 62.93 39.98
CA THR F 210 -51.93 62.39 39.49
C THR F 210 -51.45 61.17 40.30
N SER F 211 -52.36 60.58 41.06
CA SER F 211 -52.04 59.35 41.78
C SER F 211 -52.20 58.18 40.81
N HIS F 212 -51.57 57.06 41.13
CA HIS F 212 -51.51 55.95 40.19
C HIS F 212 -52.10 54.65 40.69
N ASN F 213 -52.24 54.50 42.00
CA ASN F 213 -52.90 53.31 42.55
C ASN F 213 -54.27 53.16 41.93
N GLY F 214 -54.57 51.98 41.40
CA GLY F 214 -55.89 51.68 40.85
C GLY F 214 -56.12 52.15 39.43
N MET F 215 -55.16 52.88 38.86
CA MET F 215 -55.27 53.35 37.48
C MET F 215 -55.07 52.21 36.50
N GLN F 216 -55.95 52.12 35.50
CA GLN F 216 -55.81 51.13 34.43
C GLN F 216 -54.69 51.55 33.49
N PHE F 217 -54.18 50.61 32.70
CA PHE F 217 -53.11 50.94 31.76
C PHE F 217 -53.66 51.64 30.52
N SER F 218 -52.91 52.62 30.01
CA SER F 218 -53.36 53.38 28.84
C SER F 218 -52.31 53.50 27.76
N THR F 219 -52.70 53.25 26.52
CA THR F 219 -51.89 53.62 25.36
C THR F 219 -52.71 54.52 24.43
N TRP F 220 -52.05 55.17 23.48
CA TRP F 220 -52.72 56.12 22.60
C TRP F 220 -53.98 55.54 21.97
N ASP F 221 -53.92 54.27 21.60
CA ASP F 221 -55.02 53.58 20.93
C ASP F 221 -55.89 52.78 21.89
N ASN F 222 -55.77 53.06 23.18
CA ASN F 222 -56.58 52.37 24.19
C ASN F 222 -56.62 53.25 25.45
N ASP F 223 -57.56 54.17 25.44
CA ASP F 223 -57.62 55.25 26.43
C ASP F 223 -58.40 54.84 27.67
N ASN F 224 -57.69 54.66 28.77
CA ASN F 224 -58.31 54.25 30.02
C ASN F 224 -58.00 55.16 31.20
N ASP F 225 -57.49 56.35 30.91
CA ASP F 225 -57.23 57.36 31.94
C ASP F 225 -58.51 58.01 32.48
N LYS F 226 -58.34 58.89 33.47
CA LYS F 226 -59.47 59.57 34.09
C LYS F 226 -59.61 61.01 33.58
N PHE F 227 -59.08 61.24 32.37
CA PHE F 227 -59.04 62.54 31.73
C PHE F 227 -59.92 62.41 30.51
N GLU F 228 -60.72 63.44 30.18
CA GLU F 228 -61.62 63.34 29.03
C GLU F 228 -60.85 63.29 27.70
N GLY F 229 -59.63 63.84 27.72
CA GLY F 229 -58.66 63.71 26.62
C GLY F 229 -57.81 62.45 26.74
N ASN F 230 -56.66 62.45 26.07
CA ASN F 230 -55.85 61.24 25.95
C ASN F 230 -54.41 61.38 26.46
N CYS F 231 -54.22 61.14 27.75
CA CYS F 231 -52.91 61.27 28.40
C CYS F 231 -51.82 60.51 27.69
N ALA F 232 -52.08 59.26 27.37
CA ALA F 232 -51.09 58.40 26.71
C ALA F 232 -50.64 58.95 25.35
N GLU F 233 -51.60 59.41 24.57
CA GLU F 233 -51.32 59.95 23.25
C GLU F 233 -50.60 61.26 23.41
N GLN F 234 -51.05 62.06 24.38
CA GLN F 234 -50.52 63.40 24.60
C GLN F 234 -49.05 63.35 25.06
N ASP F 235 -48.77 62.50 26.05
CA ASP F 235 -47.43 62.39 26.61
C ASP F 235 -46.54 61.31 25.93
N GLY F 236 -47.12 60.57 25.00
CA GLY F 236 -46.36 59.73 24.06
C GLY F 236 -45.74 58.49 24.68
N SER F 237 -46.59 57.71 25.34
CA SER F 237 -46.15 56.58 26.14
C SER F 237 -47.29 55.61 26.37
N GLY F 238 -46.95 54.46 26.94
CA GLY F 238 -47.93 53.60 27.60
C GLY F 238 -47.69 53.70 29.09
N TRP F 239 -48.76 53.93 29.86
CA TRP F 239 -48.65 54.19 31.29
C TRP F 239 -49.99 54.07 32.01
N TRP F 240 -49.95 53.95 33.34
CA TRP F 240 -51.15 53.93 34.17
C TRP F 240 -51.63 55.36 34.41
N MET F 241 -52.29 55.94 33.40
CA MET F 241 -52.64 57.35 33.41
C MET F 241 -53.87 57.69 34.26
N ASN F 242 -53.84 58.87 34.86
CA ASN F 242 -54.93 59.40 35.66
C ASN F 242 -55.45 60.67 34.97
N LYS F 243 -54.85 61.81 35.33
CA LYS F 243 -55.13 63.10 34.69
C LYS F 243 -54.01 64.08 35.06
N CYS F 244 -52.76 63.78 34.68
CA CYS F 244 -52.40 62.57 33.95
C CYS F 244 -51.49 61.63 34.75
N HIS F 245 -50.40 62.19 35.29
CA HIS F 245 -49.43 61.39 36.04
C HIS F 245 -48.54 62.24 36.95
N ALA F 246 -48.07 61.63 38.04
CA ALA F 246 -47.00 62.20 38.87
C ALA F 246 -45.68 61.43 38.69
N GLY F 247 -45.80 60.19 38.23
CA GLY F 247 -44.63 59.35 37.92
C GLY F 247 -44.83 58.80 36.53
N HIS F 248 -43.78 58.84 35.72
CA HIS F 248 -43.93 58.60 34.29
C HIS F 248 -42.66 58.03 33.68
N LEU F 249 -42.42 56.75 33.92
CA LEU F 249 -41.14 56.14 33.59
C LEU F 249 -41.06 55.64 32.14
N ASN F 250 -42.22 55.60 31.48
CA ASN F 250 -42.30 55.27 30.06
C ASN F 250 -42.36 56.53 29.21
N GLY F 251 -42.09 57.67 29.85
CA GLY F 251 -42.05 58.95 29.18
C GLY F 251 -40.91 59.06 28.19
N VAL F 252 -40.97 60.11 27.38
CA VAL F 252 -39.96 60.42 26.39
C VAL F 252 -38.60 60.63 27.04
N TYR F 253 -37.54 60.12 26.41
CA TYR F 253 -36.19 60.25 26.93
C TYR F 253 -35.57 61.55 26.46
N TYR F 254 -35.26 62.43 27.42
CA TYR F 254 -34.57 63.68 27.15
C TYR F 254 -33.13 63.61 27.64
N GLN F 255 -32.19 63.77 26.72
CA GLN F 255 -30.78 63.79 27.06
C GLN F 255 -30.47 65.01 27.92
N GLY F 256 -29.53 64.83 28.85
CA GLY F 256 -29.10 65.94 29.71
C GLY F 256 -29.97 66.13 30.94
N GLY F 257 -31.22 65.67 30.86
CA GLY F 257 -32.10 65.70 32.00
C GLY F 257 -33.13 66.81 32.02
N THR F 258 -32.70 68.03 31.75
CA THR F 258 -33.62 69.18 31.74
C THR F 258 -34.25 69.37 30.37
N TYR F 259 -35.50 69.79 30.37
CA TYR F 259 -36.24 70.06 29.14
C TYR F 259 -37.40 71.02 29.44
N SER F 260 -37.67 71.94 28.52
CA SER F 260 -38.66 73.01 28.74
C SER F 260 -40.03 72.63 28.16
N LYS F 261 -41.02 73.52 28.34
CA LYS F 261 -42.33 73.34 27.69
C LYS F 261 -42.09 73.31 26.18
N ALA F 262 -41.16 74.14 25.74
CA ALA F 262 -40.77 74.29 24.34
C ALA F 262 -40.36 72.97 23.69
N SER F 263 -39.82 72.04 24.49
CA SER F 263 -39.36 70.74 23.99
C SER F 263 -40.50 69.83 23.54
N THR F 264 -41.66 69.99 24.16
CA THR F 264 -42.81 69.11 23.92
C THR F 264 -43.64 69.57 22.71
N PRO F 265 -44.30 68.62 22.03
CA PRO F 265 -45.19 69.03 20.94
C PRO F 265 -46.58 69.49 21.42
N ASN F 266 -46.92 69.25 22.68
CA ASN F 266 -48.24 69.56 23.22
C ASN F 266 -48.25 70.53 24.41
N GLY F 267 -47.08 70.88 24.92
CA GLY F 267 -46.98 71.80 26.05
C GLY F 267 -47.03 71.13 27.42
N TYR F 268 -47.11 69.79 27.43
CA TYR F 268 -47.12 69.05 28.68
C TYR F 268 -45.81 68.30 28.92
N ASP F 269 -45.41 68.23 30.18
CA ASP F 269 -44.29 67.41 30.63
C ASP F 269 -44.51 65.94 30.28
N ASN F 270 -43.63 65.39 29.46
CA ASN F 270 -43.79 64.01 29.00
C ASN F 270 -42.53 63.19 29.15
N GLY F 271 -41.56 63.73 29.87
CA GLY F 271 -40.31 63.03 30.12
C GLY F 271 -40.43 61.92 31.15
N ILE F 272 -39.30 61.26 31.40
CA ILE F 272 -39.19 60.22 32.41
C ILE F 272 -39.14 60.86 33.81
N ILE F 273 -40.32 61.20 34.34
CA ILE F 273 -40.40 62.00 35.57
C ILE F 273 -40.88 61.23 36.78
N TRP F 274 -40.41 61.67 37.95
CA TRP F 274 -40.86 61.14 39.23
C TRP F 274 -41.06 62.32 40.19
N ALA F 275 -42.28 62.85 40.21
CA ALA F 275 -42.58 64.18 40.78
C ALA F 275 -42.19 64.44 42.24
N THR F 276 -42.08 63.38 43.04
CA THR F 276 -41.63 63.53 44.42
C THR F 276 -40.12 63.60 44.54
N TRP F 277 -39.39 63.34 43.46
CA TRP F 277 -37.93 63.37 43.53
C TRP F 277 -37.32 64.55 42.77
N LYS F 278 -37.76 64.79 41.54
CA LYS F 278 -37.31 65.95 40.76
C LYS F 278 -38.51 66.68 40.17
N THR F 279 -38.25 67.81 39.50
CA THR F 279 -39.31 68.61 38.87
C THR F 279 -39.94 67.88 37.69
N ARG F 280 -41.09 68.39 37.25
CA ARG F 280 -41.74 67.87 36.07
C ARG F 280 -40.87 68.12 34.81
N TRP F 281 -39.88 69.00 34.94
CA TRP F 281 -38.99 69.33 33.81
C TRP F 281 -37.62 68.66 33.93
N TYR F 282 -37.54 67.66 34.82
CA TYR F 282 -36.36 66.81 34.90
C TYR F 282 -36.69 65.37 34.55
N SER F 283 -36.10 64.88 33.46
CA SER F 283 -36.22 63.49 32.99
C SER F 283 -34.98 62.66 33.34
N MET F 284 -35.17 61.55 34.05
CA MET F 284 -34.07 60.73 34.57
C MET F 284 -33.11 60.27 33.48
N LYS F 285 -31.97 59.73 33.89
CA LYS F 285 -30.99 59.16 32.97
C LYS F 285 -31.24 57.68 32.86
N LYS F 286 -31.50 57.05 34.00
CA LYS F 286 -31.76 55.61 34.08
C LYS F 286 -33.01 55.32 34.89
N THR F 287 -33.70 54.24 34.53
CA THR F 287 -34.88 53.78 35.24
C THR F 287 -34.94 52.28 35.16
N THR F 288 -35.42 51.67 36.24
CA THR F 288 -35.63 50.22 36.30
C THR F 288 -36.79 49.88 37.24
N MET F 289 -37.70 49.05 36.76
CA MET F 289 -38.83 48.56 37.57
C MET F 289 -38.73 47.06 37.69
N LYS F 290 -38.51 46.59 38.90
CA LYS F 290 -38.33 45.18 39.17
C LYS F 290 -39.25 44.78 40.30
N ILE F 291 -39.60 43.50 40.35
CA ILE F 291 -40.46 42.99 41.39
C ILE F 291 -39.87 41.76 42.09
N ILE F 292 -40.18 41.61 43.38
CA ILE F 292 -39.69 40.51 44.20
C ILE F 292 -40.79 40.14 45.19
N PRO F 293 -40.91 38.85 45.57
CA PRO F 293 -41.88 38.52 46.62
C PRO F 293 -41.70 39.40 47.87
N PHE F 294 -42.79 39.83 48.50
CA PHE F 294 -42.69 40.81 49.60
C PHE F 294 -41.83 40.33 50.78
N ASN F 295 -41.99 39.06 51.15
CA ASN F 295 -41.28 38.47 52.28
C ASN F 295 -39.79 38.56 52.11
N ARG F 296 -39.39 39.08 50.95
CA ARG F 296 -38.01 39.16 50.55
C ARG F 296 -37.40 40.53 50.87
N LEU F 297 -38.22 41.50 51.24
CA LEU F 297 -37.72 42.83 51.61
C LEU F 297 -37.23 42.84 53.06
N THR F 298 -35.92 43.09 53.20
CA THR F 298 -35.16 43.09 54.49
C THR F 298 -35.46 41.88 55.40
N ILE F 299 -35.16 40.69 54.89
CA ILE F 299 -35.43 39.40 55.55
C ILE F 299 -36.94 39.20 55.82
N GLY G 1 11.51 -1.08 6.14
CA GLY G 1 10.68 -0.13 6.93
C GLY G 1 9.20 -0.45 6.83
N PRO G 2 8.34 0.59 7.03
CA PRO G 2 6.89 0.45 6.88
C PRO G 2 6.42 0.88 5.48
N ARG G 3 5.25 1.47 5.40
CA ARG G 3 4.75 2.04 4.14
C ARG G 3 3.63 3.07 4.37
N VAL G 4 3.28 3.84 3.33
CA VAL G 4 2.34 4.98 3.44
C VAL G 4 1.00 4.65 4.12
N GLY H 1 -28.50 18.50 -11.59
CA GLY H 1 -28.97 18.06 -12.92
C GLY H 1 -29.60 16.67 -12.88
N PRO H 2 -29.81 16.07 -14.06
CA PRO H 2 -30.30 14.69 -14.06
C PRO H 2 -29.14 13.70 -14.00
N ARG H 3 -29.48 12.43 -14.11
CA ARG H 3 -28.48 11.38 -14.23
C ARG H 3 -29.14 10.30 -15.05
N VAL H 4 -28.71 10.17 -16.29
CA VAL H 4 -29.40 9.31 -17.23
C VAL H 4 -28.80 7.91 -17.24
N GLY I 1 -47.84 65.43 34.17
CA GLY I 1 -48.47 66.29 35.19
C GLY I 1 -49.98 66.19 35.19
N PRO I 2 -50.67 67.25 35.66
CA PRO I 2 -52.11 67.31 35.54
C PRO I 2 -52.52 68.03 34.25
N ARG I 3 -53.82 68.21 34.06
CA ARG I 3 -54.31 68.84 32.85
C ARG I 3 -55.29 69.96 33.24
N VAL I 4 -54.84 71.21 33.10
CA VAL I 4 -55.58 72.45 33.48
C VAL I 4 -56.85 72.27 34.34
N GLY J 1 31.79 -50.39 -36.58
CA GLY J 1 31.67 -51.10 -37.88
C GLY J 1 31.10 -52.50 -37.75
N PRO J 2 30.98 -53.21 -38.88
CA PRO J 2 30.48 -54.58 -38.91
C PRO J 2 31.60 -55.59 -38.72
N ARG J 3 31.35 -56.84 -39.08
CA ARG J 3 32.37 -57.89 -39.03
C ARG J 3 31.87 -59.20 -39.62
N VAL J 4 32.32 -59.53 -40.83
CA VAL J 4 32.02 -60.84 -41.40
C VAL J 4 33.20 -61.77 -41.21
C1 NAG K . 28.86 -57.71 -46.69
C2 NAG K . 28.47 -57.95 -48.15
C3 NAG K . 29.52 -58.85 -48.82
C4 NAG K . 30.93 -58.24 -48.67
C5 NAG K . 31.19 -57.90 -47.18
C6 NAG K . 32.50 -57.15 -46.97
C7 NAG K . 26.07 -57.88 -47.92
C8 NAG K . 25.09 -58.52 -46.96
N2 NAG K . 27.16 -58.56 -48.23
O3 NAG K . 29.21 -59.00 -50.19
O4 NAG K . 31.97 -59.14 -49.12
O5 NAG K . 30.13 -57.06 -46.64
O6 NAG K . 32.40 -55.85 -47.59
O7 NAG K . 25.84 -56.74 -48.36
C1 NAG K . 31.81 -59.92 -50.26
C2 NAG K . 32.18 -59.12 -51.53
C3 NAG K . 32.19 -60.04 -52.76
C4 NAG K . 33.12 -61.23 -52.52
C5 NAG K . 32.69 -61.96 -51.24
C6 NAG K . 33.59 -63.14 -50.89
C7 NAG K . 31.35 -57.22 -52.78
C8 NAG K . 30.42 -57.47 -53.96
N2 NAG K . 31.23 -58.03 -51.73
O3 NAG K . 32.61 -59.33 -53.91
O4 NAG K . 33.07 -62.12 -53.63
O5 NAG K . 32.71 -61.05 -50.11
O6 NAG K . 34.90 -62.98 -51.43
O7 NAG K . 32.18 -56.31 -52.83
C1 FUC K . 32.99 -54.84 -46.81
C2 FUC K . 34.42 -54.60 -47.30
C3 FUC K . 34.39 -54.01 -48.72
C4 FUC K . 33.50 -52.77 -48.78
C5 FUC K . 32.10 -53.05 -48.18
C6 FUC K . 31.24 -51.81 -48.03
O2 FUC K . 35.16 -55.81 -47.27
O3 FUC K . 35.71 -53.69 -49.15
O4 FUC K . 34.11 -51.69 -48.07
O5 FUC K . 32.24 -53.63 -46.85
C1 NAG L . -32.37 12.28 -22.30
C2 NAG L . -33.07 12.17 -23.65
C3 NAG L . -32.37 11.11 -24.46
C4 NAG L . -30.85 11.30 -24.53
C5 NAG L . -30.20 11.84 -23.24
C6 NAG L . -28.97 12.65 -23.62
C7 NAG L . -35.41 12.65 -23.87
C8 NAG L . -36.82 12.41 -23.35
N2 NAG L . -34.47 11.82 -23.46
O3 NAG L . -32.90 11.12 -25.78
O4 NAG L . -30.29 9.99 -24.81
O5 NAG L . -31.05 12.76 -22.53
O6 NAG L . -27.94 12.50 -22.62
O7 NAG L . -35.20 13.59 -24.63
C1 NAG L . -29.35 9.78 -25.81
C2 NAG L . -29.35 10.83 -26.93
C3 NAG L . -28.36 10.40 -28.00
C4 NAG L . -26.97 10.12 -27.39
C5 NAG L . -27.07 9.21 -26.16
C6 NAG L . -25.75 9.10 -25.39
C7 NAG L . -31.02 10.39 -28.66
C8 NAG L . -31.76 9.07 -28.60
N2 NAG L . -30.70 10.96 -27.49
O3 NAG L . -28.25 11.38 -29.01
O4 NAG L . -26.16 9.48 -28.37
O5 NAG L . -28.04 9.72 -25.23
O6 NAG L . -25.97 8.59 -24.08
O7 NAG L . -30.73 10.89 -29.75
C1 FUC L . -26.92 13.48 -22.63
C2 FUC L . -26.53 13.95 -24.06
C3 FUC L . -27.43 15.09 -24.58
C4 FUC L . -27.61 16.19 -23.53
C5 FUC L . -28.11 15.56 -22.23
C6 FUC L . -28.30 16.58 -21.11
O2 FUC L . -26.61 12.85 -24.97
O3 FUC L . -26.85 15.67 -25.75
O4 FUC L . -26.36 16.84 -23.30
O5 FUC L . -27.15 14.58 -21.75
CA CA M . 31.02 -62.91 -28.46
CA CA N . -0.15 -7.57 -0.66
CA CA O . -29.50 5.52 -3.99
CA CA P . -59.43 59.89 28.17
#